data_9G70
#
_entry.id   9G70
#
_cell.length_a   1.00
_cell.length_b   1.00
_cell.length_c   1.00
_cell.angle_alpha   90.00
_cell.angle_beta   90.00
_cell.angle_gamma   90.00
#
_symmetry.space_group_name_H-M   'P 1'
#
loop_
_entity.id
_entity.type
_entity.pdbx_description
1 polymer 'Gamma-aminobutyric acid receptor subunit rho-1'
2 non-polymer 'GAMMA-AMINO-BUTANOIC ACID'
3 non-polymer 2-acetamido-2-deoxy-beta-D-glucopyranose
4 non-polymer Pregnanolone
5 non-polymer N-OCTANE
6 non-polymer DECANE
7 non-polymer HEXANE
#
_entity_poly.entity_id   1
_entity_poly.type   'polypeptide(L)'
_entity_poly.pdbx_seq_one_letter_code
;MLAVPNMRFGIFLLWWGWVLATESRMHWPGREVHEMSKKGRPQRQRREVHEDAHKQVSPILRRSPDITKSPLTKSEQLLR
IDDHDFSMRPGFGGPAIPVGVDVQVESLDSISEVDMDFTMTLYLRHYWKDERLSFPSTNNLSMTFDGRLVKKIWVPDMFF
VHSKRSFIHDTTTDNVMLRVQPDGKVLYSLRVTVTAMCNMDFSRFPLDTQTCSLEIESYAYTEDDLMLYWKKGNDSLKTD
ERISLSQFLIQEFHTTTKLAFYSSTGWYNRLYINFTLRRHIFFFLLQTYFPATLMVMLSWVSFWIDRRAVPARVPLGITT
VLTMSTIITGVNASMPRVSYIKAVDIYLWVSFVFVFLSVLEYAAVNYLTTVQERKEQKLREKLPCTSGLPPPRTAMLDGN
YSDGEVNDLDNYMPENGEKPDRMMVQLTLASERSSPQRKSQRSSYVSMRIDTHAIDKYSRIIFPAAYILFNLIYWSIFS
;
_entity_poly.pdbx_strand_id   A,B,C,D,E
#
# COMPACT_ATOMS: atom_id res chain seq x y z
N GLN A 77 -32.26 -33.27 26.56
CA GLN A 77 -31.54 -33.21 25.29
C GLN A 77 -32.19 -34.13 24.26
N LEU A 78 -32.45 -33.58 23.07
CA LEU A 78 -33.07 -34.35 22.01
C LEU A 78 -32.10 -35.35 21.39
N LEU A 79 -30.83 -34.97 21.24
CA LEU A 79 -29.81 -35.82 20.66
C LEU A 79 -28.95 -36.44 21.76
N ARG A 80 -28.59 -37.71 21.58
CA ARG A 80 -27.74 -38.42 22.53
C ARG A 80 -26.26 -38.25 22.15
N ILE A 81 -25.80 -37.00 22.22
CA ILE A 81 -24.43 -36.68 21.83
C ILE A 81 -23.43 -37.32 22.80
N ASP A 82 -23.72 -37.26 24.10
CA ASP A 82 -22.78 -37.70 25.11
C ASP A 82 -22.56 -39.22 25.11
N ASP A 83 -23.40 -39.98 24.43
CA ASP A 83 -23.31 -41.43 24.44
C ASP A 83 -22.44 -42.01 23.32
N HIS A 84 -21.81 -41.16 22.51
CA HIS A 84 -21.01 -41.62 21.40
C HIS A 84 -19.69 -40.86 21.35
N ASP A 85 -18.69 -41.50 20.75
CA ASP A 85 -17.38 -40.89 20.54
C ASP A 85 -17.27 -40.50 19.08
N PHE A 86 -17.39 -39.19 18.82
CA PHE A 86 -17.42 -38.68 17.46
C PHE A 86 -16.04 -38.41 16.89
N SER A 87 -14.98 -39.03 17.44
CA SER A 87 -13.65 -38.94 16.85
C SER A 87 -13.48 -39.90 15.68
N MET A 88 -14.45 -40.77 15.42
CA MET A 88 -14.39 -41.73 14.33
C MET A 88 -15.53 -41.47 13.35
N ARG A 89 -15.23 -41.58 12.07
CA ARG A 89 -16.22 -41.32 11.03
C ARG A 89 -17.29 -42.40 11.05
N PRO A 90 -18.49 -42.11 10.50
CA PRO A 90 -19.51 -43.16 10.38
C PRO A 90 -19.01 -44.30 9.50
N GLY A 91 -19.40 -45.52 9.87
CA GLY A 91 -18.89 -46.69 9.19
C GLY A 91 -17.41 -46.90 9.37
N PHE A 92 -16.88 -46.56 10.54
CA PHE A 92 -15.45 -46.71 10.81
C PHE A 92 -15.04 -48.17 10.69
N GLY A 93 -13.93 -48.41 9.99
CA GLY A 93 -13.47 -49.76 9.76
C GLY A 93 -14.19 -50.51 8.67
N GLY A 94 -15.03 -49.83 7.89
CA GLY A 94 -15.78 -50.47 6.83
C GLY A 94 -15.71 -49.71 5.53
N PRO A 95 -16.77 -49.81 4.72
CA PRO A 95 -16.79 -49.13 3.43
C PRO A 95 -16.81 -47.61 3.58
N ALA A 96 -16.60 -46.93 2.47
CA ALA A 96 -16.56 -45.48 2.46
C ALA A 96 -17.95 -44.89 2.65
N ILE A 97 -17.98 -43.65 3.12
CA ILE A 97 -19.23 -42.93 3.36
C ILE A 97 -19.43 -41.90 2.26
N PRO A 98 -20.52 -41.96 1.50
CA PRO A 98 -20.74 -40.98 0.42
C PRO A 98 -21.06 -39.60 0.97
N VAL A 99 -20.56 -38.58 0.28
CA VAL A 99 -20.78 -37.18 0.63
C VAL A 99 -21.11 -36.40 -0.63
N GLY A 100 -22.20 -35.64 -0.59
CA GLY A 100 -22.61 -34.80 -1.70
C GLY A 100 -22.33 -33.33 -1.42
N VAL A 101 -22.13 -32.57 -2.48
CA VAL A 101 -21.74 -31.16 -2.39
C VAL A 101 -22.63 -30.33 -3.31
N ASP A 102 -23.08 -29.18 -2.81
CA ASP A 102 -23.77 -28.17 -3.59
C ASP A 102 -23.10 -26.83 -3.38
N VAL A 103 -23.05 -26.01 -4.43
CA VAL A 103 -22.36 -24.72 -4.39
C VAL A 103 -23.24 -23.66 -5.03
N GLN A 104 -23.33 -22.49 -4.40
CA GLN A 104 -23.94 -21.31 -4.98
C GLN A 104 -22.95 -20.16 -4.91
N VAL A 105 -22.59 -19.60 -6.06
CA VAL A 105 -21.62 -18.51 -6.11
C VAL A 105 -22.34 -17.19 -5.84
N GLU A 106 -21.75 -16.38 -4.97
CA GLU A 106 -22.35 -15.09 -4.63
C GLU A 106 -21.76 -13.95 -5.46
N SER A 107 -20.43 -13.82 -5.49
CA SER A 107 -19.81 -12.76 -6.25
C SER A 107 -18.33 -13.08 -6.45
N LEU A 108 -17.74 -12.44 -7.45
CA LEU A 108 -16.29 -12.43 -7.66
C LEU A 108 -15.79 -11.03 -7.31
N ASP A 109 -14.78 -10.97 -6.44
CA ASP A 109 -14.38 -9.69 -5.86
C ASP A 109 -13.35 -8.95 -6.70
N SER A 110 -12.21 -9.57 -6.98
CA SER A 110 -11.15 -8.84 -7.67
C SER A 110 -10.26 -9.83 -8.42
N ILE A 111 -9.54 -9.31 -9.42
CA ILE A 111 -8.59 -10.07 -10.21
C ILE A 111 -7.30 -9.26 -10.30
N SER A 112 -6.17 -9.92 -10.05
CA SER A 112 -4.86 -9.28 -10.05
C SER A 112 -4.00 -9.88 -11.14
N GLU A 113 -3.50 -9.04 -12.05
CA GLU A 113 -2.60 -9.53 -13.09
C GLU A 113 -1.19 -9.77 -12.56
N VAL A 114 -0.72 -8.92 -11.66
CA VAL A 114 0.65 -9.05 -11.16
C VAL A 114 0.78 -10.29 -10.28
N ASP A 115 -0.25 -10.60 -9.49
CA ASP A 115 -0.22 -11.76 -8.60
C ASP A 115 -0.87 -13.00 -9.20
N MET A 116 -1.67 -12.83 -10.25
CA MET A 116 -2.30 -13.95 -10.97
C MET A 116 -3.16 -14.80 -10.03
N ASP A 117 -4.19 -14.16 -9.47
CA ASP A 117 -5.15 -14.84 -8.61
C ASP A 117 -6.47 -14.09 -8.64
N PHE A 118 -7.51 -14.74 -8.11
CA PHE A 118 -8.84 -14.16 -8.04
C PHE A 118 -9.46 -14.47 -6.69
N THR A 119 -10.50 -13.71 -6.33
CA THR A 119 -11.20 -13.86 -5.07
C THR A 119 -12.66 -14.16 -5.34
N MET A 120 -13.20 -15.15 -4.63
CA MET A 120 -14.58 -15.60 -4.81
C MET A 120 -15.25 -15.81 -3.46
N THR A 121 -16.53 -15.46 -3.39
CA THR A 121 -17.37 -15.73 -2.23
C THR A 121 -18.49 -16.67 -2.65
N LEU A 122 -18.76 -17.68 -1.83
CA LEU A 122 -19.70 -18.73 -2.21
C LEU A 122 -20.29 -19.38 -0.98
N TYR A 123 -21.38 -20.12 -1.20
CA TYR A 123 -22.01 -20.95 -0.17
C TYR A 123 -21.69 -22.41 -0.46
N LEU A 124 -21.20 -23.13 0.54
CA LEU A 124 -20.80 -24.52 0.39
C LEU A 124 -21.71 -25.38 1.26
N ARG A 125 -22.25 -26.45 0.68
CA ARG A 125 -23.19 -27.34 1.35
C ARG A 125 -22.71 -28.78 1.27
N HIS A 126 -22.99 -29.54 2.33
CA HIS A 126 -22.59 -30.93 2.42
C HIS A 126 -23.80 -31.79 2.77
N TYR A 127 -23.79 -33.04 2.29
CA TYR A 127 -24.85 -33.99 2.55
C TYR A 127 -24.24 -35.33 2.93
N TRP A 128 -24.71 -35.92 4.03
CA TRP A 128 -24.30 -37.26 4.43
C TRP A 128 -25.34 -37.80 5.41
N LYS A 129 -25.11 -39.03 5.87
CA LYS A 129 -26.01 -39.70 6.79
C LYS A 129 -25.22 -40.24 7.97
N ASP A 130 -25.79 -40.10 9.17
CA ASP A 130 -25.14 -40.58 10.39
C ASP A 130 -26.24 -41.11 11.31
N GLU A 131 -26.27 -42.42 11.53
CA GLU A 131 -27.31 -43.01 12.36
C GLU A 131 -27.19 -42.63 13.83
N ARG A 132 -26.03 -42.13 14.25
CA ARG A 132 -25.85 -41.76 15.65
C ARG A 132 -26.62 -40.50 16.03
N LEU A 133 -27.10 -39.74 15.05
CA LEU A 133 -27.82 -38.50 15.30
C LEU A 133 -29.34 -38.66 15.18
N SER A 134 -29.83 -39.90 15.12
CA SER A 134 -31.26 -40.13 14.98
C SER A 134 -32.00 -39.78 16.26
N PHE A 135 -33.23 -39.28 16.10
CA PHE A 135 -34.09 -38.95 17.22
C PHE A 135 -35.52 -39.33 16.85
N PRO A 136 -36.37 -39.66 17.83
CA PRO A 136 -37.74 -40.06 17.50
C PRO A 136 -38.65 -38.86 17.27
N SER A 137 -39.54 -39.00 16.29
CA SER A 137 -40.53 -37.98 15.97
C SER A 137 -41.64 -38.62 15.16
N THR A 138 -42.75 -37.89 15.06
CA THR A 138 -43.91 -38.35 14.30
C THR A 138 -44.15 -37.58 13.02
N ASN A 139 -43.54 -36.40 12.86
CA ASN A 139 -43.79 -35.56 11.71
C ASN A 139 -42.89 -35.86 10.53
N ASN A 140 -41.69 -36.40 10.78
CA ASN A 140 -40.71 -36.71 9.73
C ASN A 140 -40.35 -35.45 8.94
N LEU A 141 -39.85 -34.45 9.67
CA LEU A 141 -39.47 -33.18 9.09
C LEU A 141 -38.12 -32.73 9.64
N SER A 142 -37.40 -31.96 8.83
CA SER A 142 -36.09 -31.47 9.23
C SER A 142 -36.22 -30.46 10.37
N MET A 143 -35.27 -30.52 11.30
CA MET A 143 -35.22 -29.60 12.44
C MET A 143 -33.89 -28.86 12.40
N THR A 144 -33.93 -27.59 12.78
CA THR A 144 -32.77 -26.71 12.68
C THR A 144 -32.20 -26.42 14.07
N PHE A 145 -30.89 -26.51 14.19
CA PHE A 145 -30.18 -26.24 15.44
C PHE A 145 -29.31 -25.00 15.28
N ASP A 146 -28.95 -24.41 16.42
CA ASP A 146 -28.35 -23.08 16.42
C ASP A 146 -26.99 -23.05 15.72
N GLY A 147 -26.32 -24.19 15.59
CA GLY A 147 -25.08 -24.27 14.84
C GLY A 147 -23.82 -24.36 15.67
N ARG A 148 -23.89 -24.11 16.97
CA ARG A 148 -22.74 -24.30 17.83
C ARG A 148 -22.59 -25.74 18.28
N LEU A 149 -23.55 -26.60 17.94
CA LEU A 149 -23.42 -28.04 18.19
C LEU A 149 -22.51 -28.72 17.17
N VAL A 150 -22.08 -28.00 16.13
CA VAL A 150 -21.23 -28.58 15.10
C VAL A 150 -19.90 -29.03 15.70
N LYS A 151 -19.33 -28.23 16.60
CA LYS A 151 -18.03 -28.52 17.20
C LYS A 151 -18.05 -29.76 18.11
N LYS A 152 -19.17 -30.48 18.22
CA LYS A 152 -19.24 -31.68 19.04
C LYS A 152 -19.60 -32.94 18.26
N ILE A 153 -19.72 -32.85 16.93
CA ILE A 153 -20.08 -33.99 16.09
C ILE A 153 -19.08 -34.09 14.94
N TRP A 154 -19.14 -35.22 14.24
CA TRP A 154 -18.23 -35.45 13.13
C TRP A 154 -18.64 -34.63 11.91
N VAL A 155 -17.68 -33.96 11.30
CA VAL A 155 -17.91 -33.08 10.15
C VAL A 155 -16.83 -33.35 9.11
N PRO A 156 -17.14 -33.31 7.81
CA PRO A 156 -16.12 -33.52 6.78
C PRO A 156 -15.01 -32.47 6.87
N ASP A 157 -13.95 -32.72 6.10
CA ASP A 157 -12.69 -31.99 6.19
C ASP A 157 -12.26 -31.47 4.83
N MET A 158 -13.19 -30.85 4.11
CA MET A 158 -12.89 -30.33 2.78
C MET A 158 -11.98 -29.10 2.87
N PHE A 159 -11.14 -28.93 1.85
CA PHE A 159 -10.28 -27.76 1.75
C PHE A 159 -10.10 -27.41 0.28
N PHE A 160 -9.69 -26.17 0.04
CA PHE A 160 -9.53 -25.65 -1.32
C PHE A 160 -8.07 -25.78 -1.73
N VAL A 161 -7.84 -26.55 -2.80
CA VAL A 161 -6.49 -26.80 -3.27
C VAL A 161 -5.96 -25.60 -4.04
N HIS A 162 -4.65 -25.35 -3.92
CA HIS A 162 -3.96 -24.26 -4.58
C HIS A 162 -4.49 -22.88 -4.21
N SER A 163 -5.04 -22.75 -3.00
CA SER A 163 -5.53 -21.47 -2.52
C SER A 163 -4.42 -20.72 -1.78
N LYS A 164 -4.50 -19.39 -1.82
CA LYS A 164 -3.52 -18.56 -1.15
C LYS A 164 -3.96 -18.16 0.24
N ARG A 165 -5.22 -17.75 0.40
CA ARG A 165 -5.75 -17.38 1.72
C ARG A 165 -7.26 -17.48 1.67
N SER A 166 -7.86 -17.71 2.84
CA SER A 166 -9.30 -17.84 2.95
C SER A 166 -9.71 -17.75 4.41
N PHE A 167 -11.01 -17.50 4.63
CA PHE A 167 -11.54 -17.35 5.98
C PHE A 167 -13.04 -17.60 5.95
N ILE A 168 -13.62 -17.73 7.14
CA ILE A 168 -15.05 -17.94 7.32
C ILE A 168 -15.62 -16.75 8.08
N HIS A 169 -16.73 -16.21 7.57
CA HIS A 169 -17.36 -15.05 8.22
C HIS A 169 -17.94 -15.44 9.57
N ASP A 170 -17.85 -14.52 10.54
CA ASP A 170 -18.24 -14.83 11.91
C ASP A 170 -18.97 -13.67 12.58
N THR A 171 -19.77 -12.92 11.83
CA THR A 171 -20.55 -11.81 12.37
C THR A 171 -22.00 -11.95 11.91
N THR A 172 -22.95 -11.87 12.84
CA THR A 172 -22.67 -11.64 14.26
C THR A 172 -22.30 -12.94 14.98
N THR A 173 -22.42 -14.05 14.25
CA THR A 173 -22.02 -15.35 14.74
C THR A 173 -21.44 -16.13 13.56
N ASP A 174 -20.92 -17.32 13.85
CA ASP A 174 -20.41 -18.17 12.79
C ASP A 174 -21.51 -18.52 11.80
N ASN A 175 -21.24 -18.28 10.51
CA ASN A 175 -22.22 -18.53 9.45
C ASN A 175 -22.27 -20.03 9.20
N VAL A 176 -22.96 -20.73 10.09
CA VAL A 176 -23.04 -22.19 10.07
C VAL A 176 -24.50 -22.60 10.19
N MET A 177 -24.92 -23.54 9.35
CA MET A 177 -26.26 -24.11 9.41
C MET A 177 -26.17 -25.62 9.62
N LEU A 178 -27.01 -26.13 10.51
CA LEU A 178 -27.05 -27.55 10.81
C LEU A 178 -28.50 -28.00 10.90
N ARG A 179 -28.88 -28.94 10.03
CA ARG A 179 -30.23 -29.49 10.01
C ARG A 179 -30.14 -31.01 10.01
N VAL A 180 -30.88 -31.65 10.91
CA VAL A 180 -30.85 -33.10 11.08
C VAL A 180 -32.27 -33.64 10.94
N GLN A 181 -32.44 -34.64 10.09
CA GLN A 181 -33.69 -35.34 9.90
C GLN A 181 -33.83 -36.46 10.92
N PRO A 182 -35.04 -36.96 11.16
CA PRO A 182 -35.22 -38.02 12.15
C PRO A 182 -34.40 -39.28 11.88
N ASP A 183 -34.20 -39.64 10.61
CA ASP A 183 -33.45 -40.85 10.27
C ASP A 183 -31.95 -40.65 10.30
N GLY A 184 -31.46 -39.42 10.49
CA GLY A 184 -30.04 -39.17 10.61
C GLY A 184 -29.41 -38.41 9.47
N LYS A 185 -30.17 -38.02 8.44
CA LYS A 185 -29.61 -37.24 7.36
C LYS A 185 -29.25 -35.84 7.85
N VAL A 186 -28.09 -35.35 7.43
CA VAL A 186 -27.53 -34.11 7.93
C VAL A 186 -27.26 -33.17 6.75
N LEU A 187 -27.63 -31.90 6.93
CA LEU A 187 -27.32 -30.84 5.99
C LEU A 187 -26.46 -29.80 6.68
N TYR A 188 -25.32 -29.46 6.06
CA TYR A 188 -24.34 -28.57 6.66
C TYR A 188 -23.95 -27.53 5.61
N SER A 189 -23.92 -26.25 6.02
CA SER A 189 -23.66 -25.16 5.10
C SER A 189 -22.68 -24.18 5.71
N LEU A 190 -21.98 -23.45 4.83
CA LEU A 190 -20.96 -22.49 5.24
C LEU A 190 -20.93 -21.34 4.25
N ARG A 191 -20.39 -20.21 4.70
CA ARG A 191 -20.13 -19.05 3.86
C ARG A 191 -18.66 -18.68 3.97
N VAL A 192 -17.92 -18.80 2.87
CA VAL A 192 -16.47 -18.63 2.87
C VAL A 192 -16.05 -17.70 1.74
N THR A 193 -14.87 -17.12 1.90
CA THR A 193 -14.22 -16.33 0.86
C THR A 193 -12.85 -16.92 0.60
N VAL A 194 -12.56 -17.25 -0.66
CA VAL A 194 -11.37 -17.99 -1.03
C VAL A 194 -10.61 -17.24 -2.11
N THR A 195 -9.29 -17.19 -1.97
CA THR A 195 -8.41 -16.66 -3.00
C THR A 195 -7.60 -17.81 -3.59
N ALA A 196 -7.64 -17.94 -4.92
CA ALA A 196 -7.00 -19.06 -5.60
C ALA A 196 -6.20 -18.54 -6.79
N MET A 197 -5.15 -19.28 -7.13
CA MET A 197 -4.25 -18.87 -8.20
C MET A 197 -4.78 -19.32 -9.56
N CYS A 198 -4.39 -18.56 -10.59
CA CYS A 198 -4.78 -18.87 -11.96
C CYS A 198 -3.64 -18.46 -12.89
N ASN A 199 -3.21 -19.39 -13.74
CA ASN A 199 -2.08 -19.16 -14.65
C ASN A 199 -2.59 -18.52 -15.92
N MET A 200 -2.48 -17.18 -15.98
CA MET A 200 -2.96 -16.44 -17.12
C MET A 200 -1.86 -16.26 -18.17
N ASP A 201 -2.30 -16.07 -19.42
CA ASP A 201 -1.40 -15.86 -20.55
C ASP A 201 -1.70 -14.49 -21.14
N PHE A 202 -0.65 -13.70 -21.36
CA PHE A 202 -0.78 -12.32 -21.83
C PHE A 202 -0.17 -12.12 -23.22
N SER A 203 -0.08 -13.17 -24.03
CA SER A 203 0.49 -13.03 -25.37
C SER A 203 -0.38 -12.13 -26.24
N ARG A 204 -1.70 -12.20 -26.08
CA ARG A 204 -2.64 -11.42 -26.87
C ARG A 204 -3.22 -10.25 -26.09
N PHE A 205 -2.60 -9.84 -25.00
CA PHE A 205 -3.08 -8.72 -24.21
C PHE A 205 -3.09 -7.45 -25.07
N PRO A 206 -4.11 -6.59 -24.94
CA PRO A 206 -5.26 -6.70 -24.04
C PRO A 206 -6.49 -7.39 -24.66
N LEU A 207 -6.30 -8.10 -25.78
CA LEU A 207 -7.39 -8.82 -26.44
C LEU A 207 -7.40 -10.30 -26.06
N ASP A 208 -7.03 -10.63 -24.83
CA ASP A 208 -6.87 -12.02 -24.41
C ASP A 208 -8.13 -12.53 -23.73
N THR A 209 -8.23 -13.87 -23.68
CA THR A 209 -9.30 -14.57 -22.98
C THR A 209 -8.68 -15.55 -22.01
N GLN A 210 -9.16 -15.53 -20.76
CA GLN A 210 -8.57 -16.33 -19.69
C GLN A 210 -9.60 -17.29 -19.11
N THR A 211 -9.11 -18.46 -18.69
CA THR A 211 -9.93 -19.47 -18.05
C THR A 211 -9.31 -19.83 -16.70
N CYS A 212 -10.14 -19.90 -15.66
CA CYS A 212 -9.68 -20.21 -14.32
C CYS A 212 -10.61 -21.24 -13.70
N SER A 213 -10.15 -21.87 -12.62
CA SER A 213 -10.90 -22.93 -11.98
C SER A 213 -10.68 -22.91 -10.48
N LEU A 214 -11.64 -23.49 -9.75
CA LEU A 214 -11.57 -23.64 -8.30
C LEU A 214 -11.70 -25.13 -7.97
N GLU A 215 -10.85 -25.61 -7.07
CA GLU A 215 -10.73 -27.03 -6.76
C GLU A 215 -11.12 -27.30 -5.32
N ILE A 216 -11.89 -28.36 -5.10
CA ILE A 216 -12.35 -28.76 -3.78
C ILE A 216 -11.95 -30.22 -3.57
N GLU A 217 -11.32 -30.50 -2.42
CA GLU A 217 -10.83 -31.83 -2.13
C GLU A 217 -10.85 -32.06 -0.62
N SER A 218 -10.97 -33.32 -0.23
CA SER A 218 -10.88 -33.69 1.18
C SER A 218 -9.43 -33.91 1.58
N TYR A 219 -9.05 -33.38 2.74
CA TYR A 219 -7.65 -33.38 3.14
C TYR A 219 -7.21 -34.72 3.72
N ALA A 220 -7.97 -35.24 4.68
CA ALA A 220 -7.48 -36.37 5.48
C ALA A 220 -7.88 -37.73 4.91
N TYR A 221 -9.07 -37.86 4.34
CA TYR A 221 -9.63 -39.16 3.98
C TYR A 221 -9.41 -39.43 2.50
N THR A 222 -8.95 -40.64 2.18
CA THR A 222 -8.74 -41.06 0.80
C THR A 222 -10.04 -41.61 0.22
N GLU A 223 -9.96 -42.08 -1.03
CA GLU A 223 -11.14 -42.62 -1.70
C GLU A 223 -11.63 -43.92 -1.09
N ASP A 224 -10.80 -44.60 -0.31
CA ASP A 224 -11.21 -45.82 0.37
C ASP A 224 -12.00 -45.56 1.64
N ASP A 225 -12.07 -44.32 2.10
CA ASP A 225 -12.80 -43.97 3.31
C ASP A 225 -13.89 -42.94 3.10
N LEU A 226 -13.79 -42.11 2.06
CA LEU A 226 -14.77 -41.07 1.79
C LEU A 226 -14.89 -40.87 0.28
N MET A 227 -16.12 -40.94 -0.22
CA MET A 227 -16.41 -40.73 -1.64
C MET A 227 -17.04 -39.36 -1.82
N LEU A 228 -16.45 -38.54 -2.69
CA LEU A 228 -16.89 -37.17 -2.93
C LEU A 228 -17.47 -37.06 -4.34
N TYR A 229 -18.68 -36.52 -4.44
CA TYR A 229 -19.35 -36.39 -5.73
C TYR A 229 -20.33 -35.23 -5.68
N TRP A 230 -20.69 -34.73 -6.85
CA TRP A 230 -21.68 -33.67 -6.94
C TRP A 230 -23.07 -34.23 -6.64
N LYS A 231 -23.84 -33.47 -5.85
CA LYS A 231 -25.13 -33.98 -5.38
C LYS A 231 -26.10 -34.23 -6.52
N LYS A 232 -26.18 -33.30 -7.48
CA LYS A 232 -27.17 -33.39 -8.55
C LYS A 232 -26.52 -33.20 -9.92
N GLY A 233 -25.25 -33.54 -10.05
CA GLY A 233 -24.60 -33.47 -11.34
C GLY A 233 -24.44 -32.04 -11.82
N ASN A 234 -24.87 -31.78 -13.06
CA ASN A 234 -24.72 -30.47 -13.66
C ASN A 234 -25.57 -29.41 -12.98
N ASP A 235 -26.61 -29.81 -12.25
CA ASP A 235 -27.52 -28.87 -11.61
C ASP A 235 -27.04 -28.44 -10.23
N SER A 236 -25.87 -28.88 -9.79
CA SER A 236 -25.40 -28.60 -8.43
C SER A 236 -24.76 -27.22 -8.30
N LEU A 237 -24.60 -26.48 -9.38
CA LEU A 237 -23.97 -25.17 -9.35
C LEU A 237 -24.99 -24.09 -9.69
N LYS A 238 -25.09 -23.06 -8.84
CA LYS A 238 -25.95 -21.93 -9.06
C LYS A 238 -25.14 -20.64 -8.93
N THR A 239 -25.57 -19.61 -9.64
CA THR A 239 -24.88 -18.33 -9.64
C THR A 239 -25.86 -17.19 -9.39
N ASP A 240 -25.41 -16.17 -8.67
CA ASP A 240 -26.23 -14.99 -8.43
C ASP A 240 -26.27 -14.12 -9.68
N GLU A 241 -27.44 -13.53 -9.95
CA GLU A 241 -27.58 -12.67 -11.12
C GLU A 241 -26.84 -11.36 -10.98
N ARG A 242 -26.36 -11.02 -9.77
CA ARG A 242 -25.65 -9.77 -9.53
C ARG A 242 -24.15 -9.90 -9.72
N ILE A 243 -23.64 -11.06 -10.12
CA ILE A 243 -22.21 -11.21 -10.37
C ILE A 243 -21.83 -10.37 -11.58
N SER A 244 -20.86 -9.47 -11.38
CA SER A 244 -20.45 -8.56 -12.45
C SER A 244 -19.04 -8.07 -12.18
N LEU A 245 -18.30 -7.88 -13.27
CA LEU A 245 -16.96 -7.29 -13.21
C LEU A 245 -16.89 -6.13 -14.20
N SER A 246 -16.25 -5.04 -13.77
CA SER A 246 -16.21 -3.84 -14.58
C SER A 246 -15.34 -4.04 -15.82
N GLN A 247 -14.27 -4.82 -15.71
CA GLN A 247 -13.31 -4.98 -16.80
C GLN A 247 -13.47 -6.29 -17.56
N PHE A 248 -14.19 -7.27 -17.02
CA PHE A 248 -14.26 -8.60 -17.61
C PHE A 248 -15.71 -9.01 -17.83
N LEU A 249 -15.90 -9.93 -18.77
CA LEU A 249 -17.19 -10.54 -19.05
C LEU A 249 -17.13 -12.01 -18.64
N ILE A 250 -18.07 -12.43 -17.80
CA ILE A 250 -18.06 -13.75 -17.19
C ILE A 250 -19.05 -14.64 -17.92
N GLN A 251 -18.63 -15.86 -18.26
CA GLN A 251 -19.47 -16.78 -19.03
C GLN A 251 -19.00 -18.21 -18.80
N GLU A 252 -19.87 -19.14 -19.16
CA GLU A 252 -19.53 -20.57 -19.26
C GLU A 252 -19.15 -21.18 -17.90
N PHE A 253 -20.08 -21.12 -16.95
CA PHE A 253 -19.92 -21.83 -15.69
C PHE A 253 -20.29 -23.30 -15.86
N HIS A 254 -19.39 -24.20 -15.47
CA HIS A 254 -19.68 -25.63 -15.50
C HIS A 254 -18.76 -26.34 -14.52
N THR A 255 -19.10 -27.58 -14.20
CA THR A 255 -18.41 -28.37 -13.19
C THR A 255 -17.91 -29.68 -13.78
N THR A 256 -16.76 -30.13 -13.30
CA THR A 256 -16.15 -31.39 -13.72
C THR A 256 -15.58 -32.10 -12.49
N THR A 257 -15.09 -33.31 -12.70
CA THR A 257 -14.58 -34.16 -11.61
C THR A 257 -13.38 -34.95 -12.11
N LYS A 258 -12.37 -35.10 -11.25
CA LYS A 258 -11.16 -35.83 -11.62
C LYS A 258 -10.50 -36.35 -10.35
N LEU A 259 -9.73 -37.42 -10.50
CA LEU A 259 -8.98 -38.01 -9.40
C LEU A 259 -7.61 -37.35 -9.27
N ALA A 260 -7.05 -37.43 -8.06
CA ALA A 260 -5.73 -36.90 -7.77
C ALA A 260 -4.93 -37.93 -6.99
N PHE A 261 -3.61 -37.93 -7.21
CA PHE A 261 -2.71 -38.88 -6.59
C PHE A 261 -1.58 -38.15 -5.89
N TYR A 262 -1.31 -38.54 -4.65
CA TYR A 262 -0.13 -38.09 -3.90
C TYR A 262 0.75 -39.30 -3.63
N SER A 263 2.04 -39.15 -3.90
CA SER A 263 2.95 -40.30 -3.91
C SER A 263 3.11 -40.95 -2.54
N SER A 264 2.81 -40.24 -1.46
CA SER A 264 3.05 -40.76 -0.12
C SER A 264 1.81 -40.92 0.74
N THR A 265 0.62 -40.60 0.21
CA THR A 265 -0.61 -40.75 0.99
C THR A 265 -1.71 -41.53 0.29
N GLY A 266 -1.80 -41.49 -1.04
CA GLY A 266 -2.83 -42.24 -1.74
C GLY A 266 -3.63 -41.44 -2.75
N TRP A 267 -4.80 -41.95 -3.10
CA TRP A 267 -5.66 -41.35 -4.12
C TRP A 267 -6.77 -40.52 -3.49
N TYR A 268 -7.10 -39.41 -4.14
CA TYR A 268 -8.15 -38.52 -3.70
C TYR A 268 -9.00 -38.10 -4.89
N ASN A 269 -10.20 -37.62 -4.61
CA ASN A 269 -11.14 -37.17 -5.62
C ASN A 269 -11.34 -35.67 -5.52
N ARG A 270 -11.31 -34.99 -6.66
CA ARG A 270 -11.40 -33.54 -6.72
C ARG A 270 -12.66 -33.11 -7.47
N LEU A 271 -13.17 -31.94 -7.12
CA LEU A 271 -14.27 -31.30 -7.80
C LEU A 271 -13.82 -29.95 -8.36
N TYR A 272 -14.31 -29.61 -9.54
CA TYR A 272 -13.86 -28.42 -10.26
C TYR A 272 -15.03 -27.49 -10.57
N ILE A 273 -14.76 -26.19 -10.53
CA ILE A 273 -15.68 -25.16 -10.98
C ILE A 273 -14.94 -24.28 -11.97
N ASN A 274 -15.45 -24.21 -13.20
CA ASN A 274 -14.76 -23.53 -14.30
C ASN A 274 -15.57 -22.36 -14.81
N PHE A 275 -14.86 -21.32 -15.26
CA PHE A 275 -15.49 -20.15 -15.86
C PHE A 275 -14.49 -19.47 -16.79
N THR A 276 -15.00 -18.58 -17.64
CA THR A 276 -14.20 -17.90 -18.65
C THR A 276 -14.39 -16.40 -18.53
N LEU A 277 -13.34 -15.66 -18.87
CA LEU A 277 -13.33 -14.20 -18.76
C LEU A 277 -12.87 -13.57 -20.06
N ARG A 278 -13.49 -12.45 -20.43
CA ARG A 278 -13.10 -11.70 -21.62
C ARG A 278 -13.01 -10.22 -21.27
N ARG A 279 -11.94 -9.57 -21.72
CA ARG A 279 -11.69 -8.18 -21.38
C ARG A 279 -12.57 -7.24 -22.20
N HIS A 280 -12.59 -5.98 -21.78
CA HIS A 280 -13.22 -4.90 -22.52
C HIS A 280 -12.14 -4.03 -23.15
N ILE A 281 -12.26 -3.78 -24.46
CA ILE A 281 -11.20 -3.11 -25.20
C ILE A 281 -11.35 -1.59 -25.24
N PHE A 282 -12.47 -1.05 -24.76
CA PHE A 282 -12.73 0.37 -24.91
C PHE A 282 -11.68 1.22 -24.21
N PHE A 283 -11.33 0.87 -22.96
CA PHE A 283 -10.41 1.69 -22.19
C PHE A 283 -9.03 1.73 -22.85
N PHE A 284 -8.55 0.60 -23.34
CA PHE A 284 -7.20 0.54 -23.90
C PHE A 284 -7.11 1.28 -25.23
N LEU A 285 -8.21 1.32 -25.98
CA LEU A 285 -8.24 2.08 -27.23
C LEU A 285 -8.00 3.56 -26.97
N LEU A 286 -8.76 4.14 -26.04
CA LEU A 286 -8.65 5.57 -25.77
C LEU A 286 -7.32 5.90 -25.08
N GLN A 287 -6.80 4.99 -24.26
CA GLN A 287 -5.62 5.28 -23.46
C GLN A 287 -4.31 5.06 -24.21
N THR A 288 -4.24 4.05 -25.07
CA THR A 288 -2.98 3.68 -25.71
C THR A 288 -3.03 3.80 -27.23
N TYR A 289 -4.06 3.23 -27.86
CA TYR A 289 -4.06 3.15 -29.33
C TYR A 289 -4.32 4.51 -29.97
N PHE A 290 -5.19 5.32 -29.37
CA PHE A 290 -5.50 6.62 -29.98
C PHE A 290 -4.38 7.64 -29.77
N PRO A 291 -3.82 7.82 -28.58
CA PRO A 291 -2.69 8.76 -28.47
C PRO A 291 -1.50 8.39 -29.34
N ALA A 292 -1.24 7.09 -29.52
CA ALA A 292 -0.12 6.67 -30.35
C ALA A 292 -0.32 7.06 -31.81
N THR A 293 -1.54 6.89 -32.33
CA THR A 293 -1.81 7.24 -33.72
C THR A 293 -1.69 8.73 -33.96
N LEU A 294 -2.15 9.55 -33.02
CA LEU A 294 -2.12 11.00 -33.20
C LEU A 294 -0.68 11.51 -33.24
N MET A 295 0.20 10.96 -32.39
CA MET A 295 1.59 11.41 -32.38
C MET A 295 2.29 11.09 -33.69
N VAL A 296 1.95 9.96 -34.31
CA VAL A 296 2.52 9.61 -35.61
C VAL A 296 2.07 10.62 -36.66
N MET A 297 0.79 10.98 -36.65
CA MET A 297 0.28 11.93 -37.64
C MET A 297 0.83 13.34 -37.42
N LEU A 298 1.26 13.65 -36.19
CA LEU A 298 1.91 14.94 -35.95
C LEU A 298 3.24 15.04 -36.68
N SER A 299 3.94 13.92 -36.84
CA SER A 299 5.23 13.93 -37.54
C SER A 299 5.05 14.16 -39.03
N TRP A 300 3.88 13.81 -39.58
CA TRP A 300 3.66 13.94 -41.01
C TRP A 300 3.46 15.40 -41.44
N VAL A 301 3.10 16.29 -40.51
CA VAL A 301 2.89 17.69 -40.89
C VAL A 301 4.21 18.39 -41.22
N SER A 302 5.34 17.79 -40.85
CA SER A 302 6.63 18.40 -41.16
C SER A 302 6.99 18.29 -42.62
N PHE A 303 6.36 17.37 -43.36
CA PHE A 303 6.63 17.23 -44.79
C PHE A 303 6.02 18.35 -45.61
N TRP A 304 5.13 19.15 -45.03
CA TRP A 304 4.46 20.24 -45.73
C TRP A 304 5.00 21.61 -45.35
N ILE A 305 6.10 21.66 -44.61
CA ILE A 305 6.71 22.91 -44.17
C ILE A 305 7.97 23.15 -45.00
N ASP A 306 8.25 24.42 -45.28
CA ASP A 306 9.41 24.78 -46.08
C ASP A 306 10.70 24.26 -45.44
N ARG A 307 11.57 23.69 -46.27
CA ARG A 307 12.79 23.06 -45.77
C ARG A 307 13.83 24.06 -45.30
N ARG A 308 13.65 25.35 -45.57
CA ARG A 308 14.61 26.35 -45.13
C ARG A 308 14.45 26.71 -43.66
N ALA A 309 13.36 26.30 -43.03
CA ALA A 309 13.13 26.57 -41.61
C ALA A 309 13.70 25.42 -40.78
N VAL A 310 15.04 25.42 -40.69
CA VAL A 310 15.73 24.35 -39.95
C VAL A 310 15.35 24.34 -38.46
N PRO A 311 15.37 25.46 -37.74
CA PRO A 311 14.97 25.41 -36.32
C PRO A 311 13.49 25.19 -36.09
N ALA A 312 12.68 25.02 -37.14
CA ALA A 312 11.26 24.77 -36.98
C ALA A 312 10.91 23.29 -37.12
N ARG A 313 11.55 22.58 -38.04
CA ARG A 313 11.22 21.19 -38.29
C ARG A 313 11.98 20.23 -37.39
N VAL A 314 13.20 20.57 -36.98
CA VAL A 314 14.00 19.71 -36.11
C VAL A 314 13.33 19.53 -34.75
N PRO A 315 12.92 20.60 -34.04
CA PRO A 315 12.24 20.38 -32.76
C PRO A 315 10.95 19.61 -32.87
N LEU A 316 10.21 19.78 -33.97
CA LEU A 316 8.95 19.05 -34.14
C LEU A 316 9.19 17.54 -34.18
N GLY A 317 10.18 17.10 -34.96
CA GLY A 317 10.47 15.68 -35.03
C GLY A 317 11.00 15.11 -33.72
N ILE A 318 11.91 15.86 -33.07
CA ILE A 318 12.55 15.35 -31.86
C ILE A 318 11.53 15.20 -30.73
N THR A 319 10.65 16.19 -30.57
CA THR A 319 9.73 16.19 -29.44
C THR A 319 8.71 15.07 -29.56
N THR A 320 8.29 14.73 -30.78
CA THR A 320 7.35 13.61 -30.95
C THR A 320 8.01 12.29 -30.60
N VAL A 321 9.30 12.15 -30.87
CA VAL A 321 10.02 10.92 -30.49
C VAL A 321 10.02 10.74 -28.98
N LEU A 322 10.31 11.82 -28.25
CA LEU A 322 10.38 11.73 -26.80
C LEU A 322 9.01 11.45 -26.18
N THR A 323 7.96 12.09 -26.72
CA THR A 323 6.62 11.85 -26.21
C THR A 323 6.18 10.41 -26.47
N MET A 324 6.53 9.87 -27.64
CA MET A 324 6.20 8.48 -27.93
C MET A 324 6.91 7.53 -26.96
N SER A 325 8.15 7.87 -26.60
CA SER A 325 8.86 7.05 -25.61
C SER A 325 8.17 7.09 -24.25
N THR A 326 7.64 8.26 -23.88
CA THR A 326 6.92 8.37 -22.61
C THR A 326 5.68 7.48 -22.60
N ILE A 327 4.93 7.46 -23.71
CA ILE A 327 3.73 6.65 -23.78
C ILE A 327 4.06 5.17 -23.67
N ILE A 328 5.17 4.75 -24.29
CA ILE A 328 5.58 3.35 -24.22
C ILE A 328 5.91 2.96 -22.79
N THR A 329 6.61 3.82 -22.06
CA THR A 329 7.02 3.51 -20.70
C THR A 329 5.82 3.37 -19.77
N GLY A 330 4.82 4.23 -19.92
CA GLY A 330 3.70 4.25 -18.98
C GLY A 330 2.84 3.00 -19.03
N VAL A 331 2.82 2.32 -20.18
CA VAL A 331 1.94 1.15 -20.33
C VAL A 331 2.43 -0.01 -19.45
N ASN A 332 3.74 -0.20 -19.37
CA ASN A 332 4.30 -1.37 -18.69
C ASN A 332 4.19 -1.30 -17.17
N ALA A 333 3.75 -0.16 -16.62
CA ALA A 333 3.70 -0.02 -15.16
C ALA A 333 2.66 -0.94 -14.52
N SER A 334 1.59 -1.26 -15.24
CA SER A 334 0.47 -1.99 -14.68
C SER A 334 0.51 -3.50 -14.95
N MET A 335 1.60 -4.00 -15.54
CA MET A 335 1.63 -5.41 -15.93
C MET A 335 2.82 -6.12 -15.32
N PRO A 336 2.74 -7.43 -15.12
CA PRO A 336 3.88 -8.19 -14.61
C PRO A 336 5.00 -8.28 -15.63
N ARG A 337 6.19 -8.59 -15.13
CA ARG A 337 7.41 -8.63 -15.94
C ARG A 337 7.52 -9.98 -16.66
N VAL A 338 6.68 -10.14 -17.67
CA VAL A 338 6.69 -11.37 -18.47
C VAL A 338 7.91 -11.38 -19.39
N SER A 339 8.20 -12.56 -19.94
CA SER A 339 9.39 -12.77 -20.76
C SER A 339 9.06 -12.95 -22.24
N TYR A 340 7.88 -12.50 -22.67
CA TYR A 340 7.50 -12.57 -24.08
C TYR A 340 6.81 -11.26 -24.47
N ILE A 341 6.79 -11.01 -25.78
CA ILE A 341 6.23 -9.76 -26.30
C ILE A 341 4.72 -9.87 -26.39
N LYS A 342 4.03 -8.78 -26.06
CA LYS A 342 2.58 -8.71 -26.08
C LYS A 342 2.09 -8.00 -27.34
N ALA A 343 0.78 -8.10 -27.57
CA ALA A 343 0.20 -7.49 -28.77
C ALA A 343 0.30 -5.97 -28.73
N VAL A 344 0.14 -5.37 -27.55
CA VAL A 344 0.21 -3.92 -27.45
C VAL A 344 1.62 -3.42 -27.66
N ASP A 345 2.63 -4.21 -27.28
CA ASP A 345 4.02 -3.80 -27.49
C ASP A 345 4.36 -3.70 -28.97
N ILE A 346 3.76 -4.56 -29.79
CA ILE A 346 4.04 -4.52 -31.23
C ILE A 346 3.56 -3.19 -31.82
N TYR A 347 2.36 -2.76 -31.43
CA TYR A 347 1.81 -1.52 -31.97
C TYR A 347 2.65 -0.32 -31.54
N LEU A 348 3.06 -0.29 -30.27
CA LEU A 348 3.79 0.87 -29.75
C LEU A 348 5.18 0.98 -30.38
N TRP A 349 5.89 -0.14 -30.54
CA TRP A 349 7.26 -0.07 -31.01
C TRP A 349 7.32 0.20 -32.52
N VAL A 350 6.38 -0.32 -33.30
CA VAL A 350 6.34 0.00 -34.72
C VAL A 350 6.00 1.47 -34.91
N SER A 351 5.13 2.02 -34.07
CA SER A 351 4.84 3.45 -34.13
C SER A 351 6.08 4.28 -33.82
N PHE A 352 6.89 3.83 -32.86
CA PHE A 352 8.12 4.54 -32.53
C PHE A 352 9.08 4.56 -33.72
N VAL A 353 9.15 3.45 -34.47
CA VAL A 353 10.02 3.40 -35.64
C VAL A 353 9.56 4.41 -36.69
N PHE A 354 8.25 4.53 -36.89
CA PHE A 354 7.73 5.48 -37.88
C PHE A 354 8.12 6.91 -37.53
N VAL A 355 8.02 7.27 -36.25
CA VAL A 355 8.40 8.62 -35.83
C VAL A 355 9.92 8.81 -35.94
N PHE A 356 10.68 7.76 -35.62
CA PHE A 356 12.14 7.86 -35.68
C PHE A 356 12.62 8.07 -37.11
N LEU A 357 12.03 7.37 -38.07
CA LEU A 357 12.44 7.54 -39.47
C LEU A 357 12.10 8.95 -39.98
N SER A 358 11.11 9.60 -39.37
CA SER A 358 10.79 10.96 -39.78
C SER A 358 11.94 11.93 -39.47
N VAL A 359 12.60 11.73 -38.34
CA VAL A 359 13.73 12.59 -37.98
C VAL A 359 14.89 12.38 -38.93
N LEU A 360 15.18 11.12 -39.28
CA LEU A 360 16.28 10.85 -40.21
C LEU A 360 15.98 11.38 -41.60
N GLU A 361 14.71 11.46 -41.97
CA GLU A 361 14.34 11.89 -43.31
C GLU A 361 14.74 13.33 -43.57
N TYR A 362 14.51 14.22 -42.59
CA TYR A 362 14.87 15.63 -42.79
C TYR A 362 16.38 15.82 -42.77
N ALA A 363 17.09 15.01 -41.97
CA ALA A 363 18.55 15.11 -41.95
C ALA A 363 19.14 14.79 -43.31
N ALA A 364 18.59 13.80 -44.00
CA ALA A 364 19.02 13.52 -45.37
C ALA A 364 18.70 14.69 -46.30
N VAL A 365 17.52 15.30 -46.14
CA VAL A 365 17.14 16.43 -46.98
C VAL A 365 18.07 17.61 -46.74
N ASN A 366 18.35 17.90 -45.47
CA ASN A 366 19.22 19.04 -45.15
C ASN A 366 20.64 18.82 -45.66
N TYR A 367 21.17 17.60 -45.49
CA TYR A 367 22.54 17.33 -45.93
C TYR A 367 22.67 17.45 -47.44
N LEU A 368 21.72 16.89 -48.19
CA LEU A 368 21.81 16.94 -49.65
C LEU A 368 21.71 18.37 -50.17
N THR A 369 20.87 19.18 -49.54
CA THR A 369 20.73 20.58 -49.95
C THR A 369 22.05 21.34 -49.78
N THR A 370 22.72 21.13 -48.64
CA THR A 370 23.99 21.82 -48.41
C THR A 370 25.06 21.38 -49.40
N VAL A 371 25.10 20.08 -49.71
CA VAL A 371 26.07 19.57 -50.68
C VAL A 371 25.82 20.19 -52.05
N GLN A 372 24.55 20.28 -52.47
CA GLN A 372 24.24 20.84 -53.77
C GLN A 372 24.65 22.31 -53.85
N GLU A 373 24.43 23.08 -52.78
CA GLU A 373 24.80 24.48 -52.77
C GLU A 373 26.32 24.65 -52.93
N ARG A 374 27.09 23.84 -52.20
CA ARG A 374 28.55 23.92 -52.32
C ARG A 374 29.02 23.50 -53.70
N LYS A 375 28.39 22.47 -54.28
CA LYS A 375 28.78 22.03 -55.62
C LYS A 375 28.52 23.11 -56.65
N GLU A 376 27.37 23.78 -56.57
CA GLU A 376 27.07 24.86 -57.50
C GLU A 376 27.96 26.06 -57.24
N GLN A 377 28.26 26.35 -55.97
CA GLN A 377 29.13 27.47 -55.63
C GLN A 377 30.54 27.26 -56.18
N LYS A 378 31.06 26.03 -56.10
CA LYS A 378 32.40 25.74 -56.56
C LYS A 378 32.54 25.82 -58.07
N LEU A 379 31.44 25.89 -58.81
CA LEU A 379 31.52 26.01 -60.26
C LEU A 379 32.08 27.37 -60.69
N ARG A 380 31.92 28.38 -59.85
CA ARG A 380 32.42 29.72 -60.16
C ARG A 380 33.84 29.90 -59.64
N ASP A 451 11.64 25.57 -54.06
CA ASP A 451 10.96 24.38 -54.55
C ASP A 451 10.89 23.29 -53.48
N THR A 452 10.38 22.12 -53.86
CA THR A 452 10.25 20.99 -52.95
C THR A 452 11.21 19.90 -53.36
N HIS A 453 11.97 19.40 -52.39
CA HIS A 453 12.91 18.31 -52.66
C HIS A 453 12.15 17.03 -52.99
N ALA A 454 12.77 16.19 -53.83
CA ALA A 454 12.10 14.97 -54.27
C ALA A 454 11.81 14.03 -53.11
N ILE A 455 12.64 14.06 -52.06
CA ILE A 455 12.41 13.20 -50.91
C ILE A 455 11.13 13.62 -50.18
N ASP A 456 10.93 14.93 -50.01
CA ASP A 456 9.71 15.42 -49.38
C ASP A 456 8.48 15.10 -50.21
N LYS A 457 8.60 15.21 -51.54
CA LYS A 457 7.45 14.96 -52.41
C LYS A 457 6.96 13.52 -52.29
N TYR A 458 7.88 12.56 -52.27
CA TYR A 458 7.49 11.16 -52.18
C TYR A 458 7.10 10.75 -50.77
N SER A 459 7.67 11.39 -49.75
CA SER A 459 7.37 11.00 -48.37
C SER A 459 5.91 11.30 -48.01
N ARG A 460 5.32 12.32 -48.64
CA ARG A 460 3.94 12.66 -48.37
C ARG A 460 2.99 11.53 -48.74
N ILE A 461 3.39 10.65 -49.66
CA ILE A 461 2.53 9.57 -50.10
C ILE A 461 2.92 8.24 -49.45
N ILE A 462 4.22 7.96 -49.36
CA ILE A 462 4.67 6.64 -48.91
C ILE A 462 4.38 6.46 -47.42
N PHE A 463 4.69 7.47 -46.61
CA PHE A 463 4.52 7.32 -45.16
C PHE A 463 3.07 7.06 -44.75
N PRO A 464 2.06 7.83 -45.21
CA PRO A 464 0.68 7.47 -44.84
C PRO A 464 0.25 6.12 -45.37
N ALA A 465 0.70 5.74 -46.57
CA ALA A 465 0.28 4.47 -47.16
C ALA A 465 0.82 3.29 -46.37
N ALA A 466 2.08 3.37 -45.92
CA ALA A 466 2.68 2.25 -45.19
C ALA A 466 1.97 2.03 -43.85
N TYR A 467 1.65 3.12 -43.14
CA TYR A 467 1.02 2.98 -41.83
C TYR A 467 -0.39 2.43 -41.94
N ILE A 468 -1.12 2.79 -43.00
CA ILE A 468 -2.45 2.25 -43.21
C ILE A 468 -2.37 0.74 -43.49
N LEU A 469 -1.39 0.32 -44.28
CA LEU A 469 -1.22 -1.10 -44.57
C LEU A 469 -0.88 -1.88 -43.30
N PHE A 470 -0.08 -1.29 -42.42
CA PHE A 470 0.27 -1.96 -41.17
C PHE A 470 -0.96 -2.19 -40.30
N ASN A 471 -1.86 -1.19 -40.22
CA ASN A 471 -3.06 -1.34 -39.42
C ASN A 471 -3.97 -2.42 -39.99
N LEU A 472 -4.08 -2.50 -41.31
CA LEU A 472 -4.90 -3.53 -41.93
C LEU A 472 -4.41 -4.92 -41.57
N ILE A 473 -3.10 -5.13 -41.61
CA ILE A 473 -2.53 -6.44 -41.26
C ILE A 473 -2.65 -6.69 -39.77
N TYR A 474 -2.37 -5.68 -38.96
CA TYR A 474 -2.36 -5.86 -37.51
C TYR A 474 -3.74 -6.24 -36.98
N TRP A 475 -4.78 -5.54 -37.44
CA TRP A 475 -6.13 -5.82 -36.95
C TRP A 475 -6.76 -7.04 -37.61
N SER A 476 -6.17 -7.53 -38.72
CA SER A 476 -6.65 -8.78 -39.31
C SER A 476 -6.16 -9.99 -38.54
N ILE A 477 -4.98 -9.91 -37.92
CA ILE A 477 -4.44 -11.04 -37.17
C ILE A 477 -5.09 -11.15 -35.80
N PHE A 478 -5.13 -10.05 -35.06
CA PHE A 478 -5.67 -10.05 -33.71
C PHE A 478 -7.18 -9.78 -33.66
N SER A 479 -7.81 -9.55 -34.80
CA SER A 479 -9.25 -9.32 -34.88
C SER A 479 -9.70 -8.17 -33.97
N GLN B 77 -14.02 -45.63 23.34
CA GLN B 77 -12.82 -45.01 22.80
C GLN B 77 -11.80 -46.07 22.37
N LEU B 78 -11.30 -45.94 21.14
CA LEU B 78 -10.32 -46.89 20.64
C LEU B 78 -8.95 -46.67 21.27
N LEU B 79 -8.56 -45.42 21.49
CA LEU B 79 -7.28 -45.08 22.08
C LEU B 79 -7.45 -44.75 23.56
N ARG B 80 -6.49 -45.19 24.37
CA ARG B 80 -6.49 -44.92 25.80
C ARG B 80 -5.74 -43.61 26.11
N ILE B 81 -6.29 -42.52 25.59
CA ILE B 81 -5.66 -41.20 25.75
C ILE B 81 -5.66 -40.78 27.21
N ASP B 82 -6.78 -40.99 27.91
CA ASP B 82 -6.94 -40.48 29.27
C ASP B 82 -6.05 -41.18 30.28
N ASP B 83 -5.44 -42.31 29.93
CA ASP B 83 -4.63 -43.09 30.86
C ASP B 83 -3.15 -42.69 30.85
N HIS B 84 -2.77 -41.68 30.07
CA HIS B 84 -1.37 -41.29 29.98
C HIS B 84 -1.25 -39.77 30.06
N ASP B 85 -0.07 -39.32 30.49
CA ASP B 85 0.25 -37.89 30.58
C ASP B 85 1.17 -37.57 29.41
N PHE B 86 0.62 -36.90 28.40
CA PHE B 86 1.35 -36.62 27.17
C PHE B 86 2.16 -35.33 27.25
N SER B 87 2.47 -34.84 28.45
CA SER B 87 3.37 -33.70 28.58
C SER B 87 4.84 -34.09 28.48
N MET B 88 5.13 -35.39 28.41
CA MET B 88 6.49 -35.90 28.30
C MET B 88 6.66 -36.66 27.00
N ARG B 89 7.80 -36.47 26.34
CA ARG B 89 8.06 -37.11 25.07
C ARG B 89 8.23 -38.62 25.26
N PRO B 90 8.03 -39.41 24.20
CA PRO B 90 8.31 -40.85 24.30
C PRO B 90 9.77 -41.10 24.63
N GLY B 91 10.00 -42.13 25.44
CA GLY B 91 11.35 -42.39 25.94
C GLY B 91 11.88 -41.31 26.84
N PHE B 92 11.02 -40.68 27.64
CA PHE B 92 11.44 -39.62 28.54
C PHE B 92 12.47 -40.12 29.53
N GLY B 93 13.55 -39.36 29.70
CA GLY B 93 14.62 -39.77 30.57
C GLY B 93 15.58 -40.79 29.99
N GLY B 94 15.49 -41.05 28.69
CA GLY B 94 16.34 -42.03 28.06
C GLY B 94 16.94 -41.53 26.76
N PRO B 95 17.20 -42.44 25.82
CA PRO B 95 17.79 -42.05 24.54
C PRO B 95 16.84 -41.18 23.72
N ALA B 96 17.40 -40.60 22.66
CA ALA B 96 16.63 -39.72 21.79
C ALA B 96 15.64 -40.52 20.95
N ILE B 97 14.61 -39.84 20.48
CA ILE B 97 13.56 -40.44 19.66
C ILE B 97 13.76 -39.99 18.22
N PRO B 98 13.95 -40.90 17.26
CA PRO B 98 14.15 -40.50 15.87
C PRO B 98 12.86 -39.96 15.25
N VAL B 99 13.02 -38.95 14.38
CA VAL B 99 11.91 -38.33 13.68
C VAL B 99 12.31 -38.14 12.22
N GLY B 100 11.46 -38.59 11.31
CA GLY B 100 11.69 -38.42 9.88
C GLY B 100 10.79 -37.35 9.29
N VAL B 101 11.25 -36.72 8.21
CA VAL B 101 10.56 -35.60 7.59
C VAL B 101 10.47 -35.82 6.09
N ASP B 102 9.31 -35.53 5.52
CA ASP B 102 9.09 -35.49 4.08
C ASP B 102 8.45 -34.16 3.71
N VAL B 103 8.80 -33.65 2.54
CA VAL B 103 8.35 -32.33 2.09
C VAL B 103 7.92 -32.44 0.63
N GLN B 104 6.79 -31.83 0.30
CA GLN B 104 6.35 -31.64 -1.07
C GLN B 104 6.04 -30.17 -1.29
N VAL B 105 6.74 -29.54 -2.24
CA VAL B 105 6.56 -28.12 -2.51
C VAL B 105 5.37 -27.93 -3.45
N GLU B 106 4.49 -27.00 -3.11
CA GLU B 106 3.32 -26.74 -3.93
C GLU B 106 3.55 -25.59 -4.91
N SER B 107 4.00 -24.43 -4.42
CA SER B 107 4.24 -23.29 -5.30
C SER B 107 5.12 -22.28 -4.58
N LEU B 108 5.76 -21.42 -5.36
CA LEU B 108 6.44 -20.24 -4.87
C LEU B 108 5.62 -19.02 -5.27
N ASP B 109 5.31 -18.17 -4.29
CA ASP B 109 4.33 -17.10 -4.50
C ASP B 109 4.96 -15.83 -5.07
N SER B 110 5.93 -15.25 -4.37
CA SER B 110 6.47 -13.96 -4.79
C SER B 110 7.89 -13.80 -4.29
N ILE B 111 8.63 -12.91 -4.95
CA ILE B 111 10.00 -12.57 -4.59
C ILE B 111 10.11 -11.04 -4.57
N SER B 112 10.71 -10.52 -3.50
CA SER B 112 10.84 -9.07 -3.32
C SER B 112 12.33 -8.72 -3.29
N GLU B 113 12.74 -7.82 -4.18
CA GLU B 113 14.13 -7.35 -4.19
C GLU B 113 14.39 -6.36 -3.06
N VAL B 114 13.43 -5.48 -2.78
CA VAL B 114 13.64 -4.46 -1.76
C VAL B 114 13.70 -5.07 -0.37
N ASP B 115 12.89 -6.10 -0.11
CA ASP B 115 12.87 -6.75 1.19
C ASP B 115 13.73 -8.00 1.25
N MET B 116 14.13 -8.55 0.11
CA MET B 116 15.04 -9.69 0.04
C MET B 116 14.47 -10.91 0.79
N ASP B 117 13.31 -11.37 0.32
CA ASP B 117 12.67 -12.55 0.88
C ASP B 117 11.79 -13.20 -0.18
N PHE B 118 11.35 -14.42 0.11
CA PHE B 118 10.48 -15.17 -0.79
C PHE B 118 9.40 -15.88 0.02
N THR B 119 8.33 -16.26 -0.66
CA THR B 119 7.19 -16.94 -0.05
C THR B 119 7.01 -18.31 -0.69
N MET B 120 6.80 -19.33 0.15
CA MET B 120 6.67 -20.71 -0.31
C MET B 120 5.52 -21.39 0.42
N THR B 121 4.79 -22.23 -0.32
CA THR B 121 3.75 -23.08 0.24
C THR B 121 4.14 -24.53 0.05
N LEU B 122 3.98 -25.35 1.08
CA LEU B 122 4.47 -26.71 1.05
C LEU B 122 3.67 -27.59 1.99
N TYR B 123 3.83 -28.90 1.82
CA TYR B 123 3.27 -29.89 2.74
C TYR B 123 4.40 -30.50 3.56
N LEU B 124 4.22 -30.52 4.88
CA LEU B 124 5.23 -30.99 5.81
C LEU B 124 4.70 -32.25 6.50
N ARG B 125 5.53 -33.30 6.53
CA ARG B 125 5.14 -34.58 7.09
C ARG B 125 6.16 -35.03 8.13
N HIS B 126 5.67 -35.71 9.17
CA HIS B 126 6.51 -36.19 10.26
C HIS B 126 6.25 -37.68 10.47
N TYR B 127 7.29 -38.39 10.92
CA TYR B 127 7.22 -39.81 11.20
C TYR B 127 7.88 -40.10 12.54
N TRP B 128 7.19 -40.83 13.41
CA TRP B 128 7.77 -41.28 14.67
C TRP B 128 6.93 -42.45 15.19
N LYS B 129 7.36 -42.98 16.34
CA LYS B 129 6.68 -44.12 16.96
C LYS B 129 6.38 -43.79 18.42
N ASP B 130 5.20 -44.18 18.87
CA ASP B 130 4.78 -43.96 20.26
C ASP B 130 3.95 -45.15 20.69
N GLU B 131 4.49 -45.94 21.64
CA GLU B 131 3.80 -47.15 22.08
C GLU B 131 2.53 -46.84 22.87
N ARG B 132 2.37 -45.61 23.36
CA ARG B 132 1.19 -45.26 24.13
C ARG B 132 -0.06 -45.15 23.28
N LEU B 133 0.08 -45.09 21.96
CA LEU B 133 -1.05 -44.97 21.05
C LEU B 133 -1.44 -46.29 20.40
N SER B 134 -0.91 -47.41 20.89
CA SER B 134 -1.23 -48.71 20.31
C SER B 134 -2.66 -49.12 20.62
N PHE B 135 -3.27 -49.82 19.67
CA PHE B 135 -4.62 -50.35 19.83
C PHE B 135 -4.68 -51.73 19.18
N PRO B 136 -5.55 -52.61 19.65
CA PRO B 136 -5.61 -53.96 19.08
C PRO B 136 -6.42 -54.01 17.80
N SER B 137 -5.94 -54.81 16.84
CA SER B 137 -6.63 -55.01 15.58
C SER B 137 -6.10 -56.28 14.93
N THR B 138 -6.84 -56.77 13.93
CA THR B 138 -6.45 -57.97 13.21
C THR B 138 -6.00 -57.71 11.77
N ASN B 139 -6.29 -56.52 11.23
CA ASN B 139 -5.98 -56.23 9.84
C ASN B 139 -4.58 -55.65 9.65
N ASN B 140 -4.03 -55.00 10.67
CA ASN B 140 -2.71 -54.37 10.60
C ASN B 140 -2.65 -53.33 9.47
N LEU B 141 -3.55 -52.35 9.56
CA LEU B 141 -3.67 -51.30 8.57
C LEU B 141 -3.81 -49.95 9.25
N SER B 142 -3.35 -48.91 8.58
CA SER B 142 -3.42 -47.56 9.12
C SER B 142 -4.87 -47.09 9.20
N MET B 143 -5.18 -46.37 10.27
CA MET B 143 -6.50 -45.80 10.48
C MET B 143 -6.38 -44.28 10.59
N THR B 144 -7.37 -43.57 10.05
CA THR B 144 -7.34 -42.13 9.97
C THR B 144 -8.32 -41.51 10.95
N PHE B 145 -7.87 -40.49 11.67
CA PHE B 145 -8.68 -39.77 12.64
C PHE B 145 -8.90 -38.33 12.17
N ASP B 146 -9.95 -37.72 12.71
CA ASP B 146 -10.43 -36.44 12.18
C ASP B 146 -9.41 -35.32 12.30
N GLY B 147 -8.45 -35.44 13.20
CA GLY B 147 -7.37 -34.47 13.29
C GLY B 147 -7.47 -33.49 14.45
N ARG B 148 -8.61 -33.42 15.13
CA ARG B 148 -8.71 -32.59 16.33
C ARG B 148 -8.22 -33.32 17.57
N LEU B 149 -7.86 -34.60 17.45
CA LEU B 149 -7.22 -35.33 18.53
C LEU B 149 -5.75 -34.98 18.68
N VAL B 150 -5.19 -34.20 17.74
CA VAL B 150 -3.77 -33.84 17.80
C VAL B 150 -3.48 -33.02 19.05
N LYS B 151 -4.37 -32.10 19.40
CA LYS B 151 -4.18 -31.22 20.56
C LYS B 151 -4.20 -31.96 21.89
N LYS B 152 -4.31 -33.29 21.91
CA LYS B 152 -4.31 -34.05 23.16
C LYS B 152 -3.18 -35.06 23.24
N ILE B 153 -2.27 -35.11 22.26
CA ILE B 153 -1.16 -36.05 22.25
C ILE B 153 0.13 -35.28 21.99
N TRP B 154 1.25 -35.98 22.18
CA TRP B 154 2.57 -35.37 21.99
C TRP B 154 2.87 -35.21 20.51
N VAL B 155 3.34 -34.03 20.13
CA VAL B 155 3.63 -33.71 18.73
C VAL B 155 4.96 -32.96 18.68
N PRO B 156 5.80 -33.20 17.66
CA PRO B 156 7.07 -32.46 17.56
C PRO B 156 6.86 -30.96 17.47
N ASP B 157 7.97 -30.23 17.59
CA ASP B 157 7.98 -28.78 17.75
C ASP B 157 8.89 -28.12 16.73
N MET B 158 8.74 -28.50 15.46
CA MET B 158 9.57 -27.95 14.41
C MET B 158 9.19 -26.50 14.11
N PHE B 159 10.17 -25.70 13.71
CA PHE B 159 9.94 -24.33 13.32
C PHE B 159 10.92 -23.96 12.21
N PHE B 160 10.59 -22.91 11.47
CA PHE B 160 11.39 -22.46 10.34
C PHE B 160 12.32 -21.35 10.79
N VAL B 161 13.63 -21.59 10.65
CA VAL B 161 14.64 -20.63 11.09
C VAL B 161 14.75 -19.50 10.08
N HIS B 162 15.02 -18.30 10.59
CA HIS B 162 15.20 -17.08 9.79
C HIS B 162 13.97 -16.74 8.97
N SER B 163 12.78 -17.11 9.44
CA SER B 163 11.54 -16.77 8.76
C SER B 163 10.99 -15.45 9.29
N LYS B 164 10.28 -14.73 8.41
CA LYS B 164 9.70 -13.45 8.78
C LYS B 164 8.26 -13.59 9.27
N ARG B 165 7.45 -14.38 8.57
CA ARG B 165 6.07 -14.61 8.98
C ARG B 165 5.58 -15.89 8.34
N SER B 166 4.59 -16.52 8.98
CA SER B 166 4.05 -17.78 8.50
C SER B 166 2.73 -18.07 9.23
N PHE B 167 1.96 -18.98 8.65
CA PHE B 167 0.66 -19.34 9.21
C PHE B 167 0.25 -20.71 8.69
N ILE B 168 -0.80 -21.27 9.30
CA ILE B 168 -1.36 -22.55 8.91
C ILE B 168 -2.79 -22.33 8.44
N HIS B 169 -3.13 -22.92 7.28
CA HIS B 169 -4.47 -22.77 6.73
C HIS B 169 -5.49 -23.48 7.60
N ASP B 170 -6.68 -22.88 7.72
CA ASP B 170 -7.69 -23.39 8.65
C ASP B 170 -9.10 -23.32 8.06
N THR B 171 -9.24 -23.52 6.75
CA THR B 171 -10.55 -23.52 6.09
C THR B 171 -10.67 -24.77 5.23
N THR B 172 -11.78 -25.51 5.38
CA THR B 172 -12.86 -25.16 6.30
C THR B 172 -12.55 -25.63 7.71
N THR B 173 -11.45 -26.36 7.86
CA THR B 173 -10.96 -26.79 9.16
C THR B 173 -9.44 -26.76 9.11
N ASP B 174 -8.82 -27.03 10.25
CA ASP B 174 -7.37 -27.10 10.31
C ASP B 174 -6.86 -28.19 9.37
N ASN B 175 -5.92 -27.83 8.49
CA ASN B 175 -5.35 -28.75 7.52
C ASN B 175 -4.37 -29.66 8.24
N VAL B 176 -4.91 -30.64 8.95
CA VAL B 176 -4.14 -31.55 9.78
C VAL B 176 -4.56 -32.98 9.47
N MET B 177 -3.58 -33.87 9.31
CA MET B 177 -3.81 -35.29 9.10
C MET B 177 -3.13 -36.08 10.20
N LEU B 178 -3.84 -37.09 10.73
CA LEU B 178 -3.31 -37.94 11.78
C LEU B 178 -3.68 -39.39 11.45
N ARG B 179 -2.66 -40.23 11.29
CA ARG B 179 -2.86 -41.65 11.02
C ARG B 179 -2.00 -42.45 11.98
N VAL B 180 -2.62 -43.45 12.63
CA VAL B 180 -1.94 -44.26 13.64
C VAL B 180 -2.08 -45.72 13.26
N GLN B 181 -0.96 -46.42 13.22
CA GLN B 181 -0.92 -47.87 12.97
C GLN B 181 -1.13 -48.63 14.27
N PRO B 182 -1.50 -49.91 14.19
CA PRO B 182 -1.73 -50.68 15.42
C PRO B 182 -0.54 -50.74 16.35
N ASP B 183 0.69 -50.77 15.84
CA ASP B 183 1.87 -50.87 16.68
C ASP B 183 2.32 -49.53 17.24
N GLY B 184 1.69 -48.42 16.83
CA GLY B 184 1.99 -47.12 17.38
C GLY B 184 2.69 -46.16 16.44
N LYS B 185 2.95 -46.53 15.20
CA LYS B 185 3.56 -45.62 14.25
C LYS B 185 2.57 -44.51 13.89
N VAL B 186 3.06 -43.28 13.82
CA VAL B 186 2.23 -42.10 13.64
C VAL B 186 2.69 -41.34 12.41
N LEU B 187 1.73 -40.91 11.59
CA LEU B 187 1.99 -40.03 10.46
C LEU B 187 1.24 -38.73 10.67
N TYR B 188 1.94 -37.61 10.56
CA TYR B 188 1.38 -36.28 10.83
C TYR B 188 1.75 -35.35 9.70
N SER B 189 0.77 -34.59 9.21
CA SER B 189 0.96 -33.74 8.04
C SER B 189 0.34 -32.37 8.28
N LEU B 190 0.88 -31.38 7.57
CA LEU B 190 0.43 -30.00 7.70
C LEU B 190 0.56 -29.28 6.37
N ARG B 191 -0.18 -28.19 6.21
CA ARG B 191 -0.07 -27.30 5.05
C ARG B 191 0.19 -25.90 5.57
N VAL B 192 1.36 -25.35 5.24
CA VAL B 192 1.82 -24.08 5.78
C VAL B 192 2.33 -23.19 4.65
N THR B 193 2.34 -21.89 4.91
CA THR B 193 2.93 -20.89 4.04
C THR B 193 3.97 -20.12 4.83
N VAL B 194 5.20 -20.06 4.32
CA VAL B 194 6.33 -19.52 5.05
C VAL B 194 7.02 -18.45 4.22
N THR B 195 7.39 -17.35 4.86
CA THR B 195 8.21 -16.31 4.25
C THR B 195 9.58 -16.32 4.91
N ALA B 196 10.63 -16.42 4.11
CA ALA B 196 11.99 -16.53 4.61
C ALA B 196 12.90 -15.57 3.87
N MET B 197 13.96 -15.13 4.55
CA MET B 197 14.89 -14.16 4.00
C MET B 197 15.95 -14.84 3.13
N CYS B 198 16.46 -14.08 2.17
CA CYS B 198 17.51 -14.55 1.28
C CYS B 198 18.42 -13.39 0.93
N ASN B 199 19.73 -13.57 1.11
CA ASN B 199 20.71 -12.51 0.88
C ASN B 199 21.12 -12.54 -0.58
N MET B 200 20.50 -11.68 -1.38
CA MET B 200 20.76 -11.62 -2.81
C MET B 200 21.87 -10.62 -3.11
N ASP B 201 22.54 -10.85 -4.24
CA ASP B 201 23.61 -9.99 -4.73
C ASP B 201 23.20 -9.42 -6.08
N PHE B 202 23.33 -8.11 -6.24
CA PHE B 202 22.89 -7.42 -7.45
C PHE B 202 24.06 -6.78 -8.21
N SER B 203 25.27 -7.33 -8.07
CA SER B 203 26.41 -6.77 -8.79
C SER B 203 26.25 -6.94 -10.30
N ARG B 204 25.67 -8.06 -10.73
CA ARG B 204 25.48 -8.36 -12.14
C ARG B 204 24.05 -8.15 -12.61
N PHE B 205 23.25 -7.42 -11.84
CA PHE B 205 21.87 -7.17 -12.22
C PHE B 205 21.82 -6.43 -13.56
N PRO B 206 20.87 -6.77 -14.46
CA PRO B 206 19.82 -7.78 -14.30
C PRO B 206 20.19 -9.18 -14.83
N LEU B 207 21.48 -9.43 -15.06
CA LEU B 207 21.95 -10.71 -15.53
C LEU B 207 22.49 -11.59 -14.39
N ASP B 208 21.87 -11.49 -13.21
CA ASP B 208 22.36 -12.17 -12.02
C ASP B 208 21.66 -13.51 -11.82
N THR B 209 22.30 -14.36 -11.00
CA THR B 209 21.76 -15.64 -10.60
C THR B 209 21.79 -15.72 -9.09
N GLN B 210 20.66 -16.11 -8.48
CA GLN B 210 20.51 -16.10 -7.04
C GLN B 210 20.21 -17.50 -6.52
N THR B 211 20.71 -17.79 -5.32
CA THR B 211 20.45 -19.05 -4.63
C THR B 211 19.88 -18.76 -3.25
N CYS B 212 18.83 -19.49 -2.90
CA CYS B 212 18.15 -19.31 -1.62
C CYS B 212 17.90 -20.67 -1.00
N SER B 213 17.60 -20.67 0.31
CA SER B 213 17.42 -21.91 1.04
C SER B 213 16.35 -21.72 2.11
N LEU B 214 15.76 -22.85 2.53
CA LEU B 214 14.79 -22.89 3.61
C LEU B 214 15.28 -23.86 4.67
N GLU B 215 15.20 -23.45 5.94
CA GLU B 215 15.78 -24.19 7.05
C GLU B 215 14.69 -24.67 8.00
N ILE B 216 14.81 -25.92 8.43
CA ILE B 216 13.86 -26.54 9.36
C ILE B 216 14.64 -27.06 10.56
N GLU B 217 14.16 -26.72 11.77
CA GLU B 217 14.85 -27.10 12.99
C GLU B 217 13.83 -27.25 14.11
N SER B 218 14.17 -28.10 15.09
CA SER B 218 13.35 -28.26 16.28
C SER B 218 13.72 -27.20 17.31
N TYR B 219 12.70 -26.60 17.93
CA TYR B 219 12.93 -25.46 18.81
C TYR B 219 13.39 -25.88 20.20
N ALA B 220 12.66 -26.81 20.82
CA ALA B 220 12.86 -27.08 22.24
C ALA B 220 13.87 -28.18 22.53
N TYR B 221 13.91 -29.23 21.70
CA TYR B 221 14.69 -30.42 22.00
C TYR B 221 16.02 -30.40 21.28
N THR B 222 17.09 -30.72 22.02
CA THR B 222 18.43 -30.78 21.45
C THR B 222 18.68 -32.15 20.83
N GLU B 223 19.91 -32.35 20.33
CA GLU B 223 20.25 -33.61 19.69
C GLU B 223 20.31 -34.77 20.67
N ASP B 224 20.40 -34.51 21.97
CA ASP B 224 20.41 -35.56 22.97
C ASP B 224 19.01 -36.07 23.31
N ASP B 225 17.97 -35.40 22.83
CA ASP B 225 16.59 -35.80 23.09
C ASP B 225 15.78 -36.09 21.84
N LEU B 226 16.15 -35.52 20.69
CA LEU B 226 15.42 -35.71 19.45
C LEU B 226 16.40 -35.67 18.29
N MET B 227 16.35 -36.71 17.44
CA MET B 227 17.20 -36.81 16.26
C MET B 227 16.35 -36.53 15.03
N LEU B 228 16.78 -35.57 14.22
CA LEU B 228 16.05 -35.13 13.03
C LEU B 228 16.84 -35.52 11.78
N TYR B 229 16.16 -36.20 10.85
CA TYR B 229 16.81 -36.65 9.63
C TYR B 229 15.77 -36.78 8.52
N TRP B 230 16.24 -36.76 7.28
CA TRP B 230 15.36 -36.96 6.14
C TRP B 230 14.91 -38.41 6.07
N LYS B 231 13.63 -38.61 5.79
CA LYS B 231 13.05 -39.95 5.84
C LYS B 231 13.67 -40.89 4.81
N LYS B 232 13.86 -40.41 3.57
CA LYS B 232 14.35 -41.25 2.48
C LYS B 232 15.52 -40.61 1.76
N GLY B 233 16.28 -39.75 2.44
CA GLY B 233 17.46 -39.17 1.83
C GLY B 233 17.10 -38.21 0.71
N ASN B 234 17.74 -38.40 -0.45
CA ASN B 234 17.53 -37.51 -1.58
C ASN B 234 16.13 -37.60 -2.15
N ASP B 235 15.41 -38.68 -1.88
CA ASP B 235 14.07 -38.89 -2.43
C ASP B 235 12.98 -38.25 -1.57
N SER B 236 13.33 -37.57 -0.49
CA SER B 236 12.34 -37.03 0.44
C SER B 236 11.73 -35.71 -0.03
N LEU B 237 12.20 -35.14 -1.13
CA LEU B 237 11.70 -33.87 -1.64
C LEU B 237 10.99 -34.08 -2.96
N LYS B 238 9.77 -33.56 -3.06
CA LYS B 238 8.99 -33.60 -4.29
C LYS B 238 8.51 -32.20 -4.62
N THR B 239 8.31 -31.93 -5.91
CA THR B 239 7.88 -30.63 -6.38
C THR B 239 6.71 -30.77 -7.35
N ASP B 240 5.78 -29.83 -7.29
CA ASP B 240 4.65 -29.81 -8.20
C ASP B 240 5.11 -29.32 -9.58
N GLU B 241 4.55 -29.92 -10.63
CA GLU B 241 4.91 -29.53 -11.99
C GLU B 241 4.37 -28.16 -12.37
N ARG B 242 3.47 -27.60 -11.57
CA ARG B 242 2.88 -26.30 -11.86
C ARG B 242 3.65 -25.13 -11.25
N ILE B 243 4.77 -25.40 -10.58
CA ILE B 243 5.58 -24.32 -10.02
C ILE B 243 6.18 -23.50 -11.15
N SER B 244 5.91 -22.20 -11.15
CA SER B 244 6.37 -21.34 -12.22
C SER B 244 6.45 -19.90 -11.72
N LEU B 245 7.43 -19.17 -12.22
CA LEU B 245 7.58 -17.74 -11.95
C LEU B 245 7.72 -17.00 -13.27
N SER B 246 7.05 -15.86 -13.37
CA SER B 246 7.03 -15.11 -14.63
C SER B 246 8.40 -14.52 -14.95
N GLN B 247 9.14 -14.10 -13.92
CA GLN B 247 10.40 -13.40 -14.12
C GLN B 247 11.63 -14.28 -13.89
N PHE B 248 11.47 -15.44 -13.26
CA PHE B 248 12.61 -16.26 -12.88
C PHE B 248 12.46 -17.68 -13.40
N LEU B 249 13.59 -18.36 -13.56
CA LEU B 249 13.64 -19.76 -13.94
C LEU B 249 14.15 -20.57 -12.76
N ILE B 250 13.39 -21.59 -12.35
CA ILE B 250 13.65 -22.36 -11.14
C ILE B 250 14.31 -23.68 -11.52
N GLN B 251 15.38 -24.03 -10.82
CA GLN B 251 16.14 -25.24 -11.13
C GLN B 251 16.92 -25.69 -9.91
N GLU B 252 17.37 -26.95 -9.96
CA GLU B 252 18.34 -27.50 -9.00
C GLU B 252 17.80 -27.56 -7.57
N PHE B 253 16.70 -28.29 -7.39
CA PHE B 253 16.20 -28.57 -6.05
C PHE B 253 16.98 -29.73 -5.44
N HIS B 254 17.51 -29.52 -4.24
CA HIS B 254 18.21 -30.58 -3.51
C HIS B 254 18.20 -30.25 -2.02
N THR B 255 18.50 -31.27 -1.21
CA THR B 255 18.43 -31.17 0.24
C THR B 255 19.77 -31.51 0.86
N THR B 256 20.08 -30.83 1.97
CA THR B 256 21.31 -31.07 2.72
C THR B 256 20.99 -31.03 4.21
N THR B 257 21.99 -31.33 5.04
CA THR B 257 21.83 -31.41 6.48
C THR B 257 23.08 -30.90 7.17
N LYS B 258 22.89 -30.17 8.27
CA LYS B 258 24.01 -29.61 9.02
C LYS B 258 23.60 -29.38 10.46
N LEU B 259 24.58 -29.38 11.35
CA LEU B 259 24.37 -29.12 12.77
C LEU B 259 24.42 -27.63 13.06
N ALA B 260 23.76 -27.22 14.15
CA ALA B 260 23.75 -25.84 14.59
C ALA B 260 24.03 -25.79 16.10
N PHE B 261 24.70 -24.72 16.52
CA PHE B 261 25.08 -24.54 17.92
C PHE B 261 24.60 -23.20 18.44
N TYR B 262 23.97 -23.22 19.61
CA TYR B 262 23.61 -22.02 20.35
C TYR B 262 24.40 -21.99 21.64
N SER B 263 25.01 -20.85 21.95
CA SER B 263 25.98 -20.78 23.04
C SER B 263 25.37 -21.04 24.41
N SER B 264 24.05 -20.89 24.57
CA SER B 264 23.42 -21.00 25.87
C SER B 264 22.39 -22.11 25.98
N THR B 265 22.15 -22.89 24.92
CA THR B 265 21.19 -23.98 24.97
C THR B 265 21.73 -25.33 24.50
N GLY B 266 22.67 -25.37 23.56
CA GLY B 266 23.22 -26.64 23.11
C GLY B 266 23.24 -26.82 21.60
N TRP B 267 23.33 -28.06 21.16
CA TRP B 267 23.45 -28.40 19.75
C TRP B 267 22.11 -28.82 19.17
N TYR B 268 21.88 -28.45 17.91
CA TYR B 268 20.66 -28.80 17.21
C TYR B 268 21.01 -29.23 15.78
N ASN B 269 20.08 -29.93 15.15
CA ASN B 269 20.26 -30.44 13.79
C ASN B 269 19.28 -29.72 12.86
N ARG B 270 19.79 -29.28 11.71
CA ARG B 270 19.00 -28.52 10.74
C ARG B 270 18.87 -29.28 9.43
N LEU B 271 17.77 -29.02 8.73
CA LEU B 271 17.53 -29.54 7.39
C LEU B 271 17.39 -28.39 6.41
N TYR B 272 17.90 -28.58 5.20
CA TYR B 272 17.97 -27.51 4.21
C TYR B 272 17.26 -27.92 2.93
N ILE B 273 16.63 -26.95 2.28
CA ILE B 273 16.06 -27.10 0.94
C ILE B 273 16.61 -25.98 0.09
N ASN B 274 17.29 -26.34 -1.00
CA ASN B 274 18.01 -25.37 -1.82
C ASN B 274 17.46 -25.34 -3.24
N PHE B 275 17.51 -24.17 -3.85
CA PHE B 275 17.08 -23.99 -5.23
C PHE B 275 17.79 -22.77 -5.81
N THR B 276 17.75 -22.67 -7.14
CA THR B 276 18.44 -21.61 -7.87
C THR B 276 17.47 -20.89 -8.79
N LEU B 277 17.73 -19.60 -9.01
CA LEU B 277 16.86 -18.75 -9.81
C LEU B 277 17.68 -18.00 -10.85
N ARG B 278 17.12 -17.85 -12.05
CA ARG B 278 17.74 -17.09 -13.12
C ARG B 278 16.71 -16.16 -13.76
N ARG B 279 17.10 -14.91 -13.97
CA ARG B 279 16.18 -13.90 -14.48
C ARG B 279 15.96 -14.06 -15.99
N HIS B 280 14.95 -13.36 -16.49
CA HIS B 280 14.70 -13.23 -17.91
C HIS B 280 15.11 -11.83 -18.37
N ILE B 281 15.91 -11.77 -19.44
CA ILE B 281 16.51 -10.51 -19.87
C ILE B 281 15.66 -9.76 -20.88
N PHE B 282 14.58 -10.36 -21.39
CA PHE B 282 13.81 -9.74 -22.48
C PHE B 282 13.22 -8.40 -22.06
N PHE B 283 12.62 -8.34 -20.88
CA PHE B 283 11.94 -7.11 -20.45
C PHE B 283 12.93 -5.96 -20.31
N PHE B 284 14.10 -6.23 -19.72
CA PHE B 284 15.06 -5.16 -19.46
C PHE B 284 15.69 -4.65 -20.76
N LEU B 285 15.82 -5.51 -21.76
CA LEU B 285 16.34 -5.08 -23.05
C LEU B 285 15.43 -4.02 -23.67
N LEU B 286 14.13 -4.32 -23.76
CA LEU B 286 13.20 -3.39 -24.39
C LEU B 286 13.00 -2.13 -23.56
N GLN B 287 13.07 -2.24 -22.24
CA GLN B 287 12.75 -1.11 -21.37
C GLN B 287 13.93 -0.18 -21.14
N THR B 288 15.16 -0.69 -21.07
CA THR B 288 16.31 0.12 -20.71
C THR B 288 17.38 0.16 -21.81
N TYR B 289 17.77 -1.00 -22.34
CA TYR B 289 18.91 -1.04 -23.25
C TYR B 289 18.57 -0.46 -24.62
N PHE B 290 17.34 -0.69 -25.10
CA PHE B 290 16.98 -0.19 -26.42
C PHE B 290 16.70 1.31 -26.43
N PRO B 291 15.91 1.87 -25.49
CA PRO B 291 15.74 3.34 -25.49
C PRO B 291 17.05 4.09 -25.32
N ALA B 292 17.99 3.55 -24.53
CA ALA B 292 19.27 4.23 -24.32
C ALA B 292 20.06 4.31 -25.62
N THR B 293 20.09 3.21 -26.39
CA THR B 293 20.85 3.21 -27.63
C THR B 293 20.27 4.18 -28.66
N LEU B 294 18.93 4.27 -28.74
CA LEU B 294 18.32 5.15 -29.73
C LEU B 294 18.59 6.61 -29.43
N MET B 295 18.60 7.00 -28.15
CA MET B 295 18.87 8.39 -27.80
C MET B 295 20.30 8.79 -28.15
N VAL B 296 21.24 7.86 -28.02
CA VAL B 296 22.62 8.13 -28.43
C VAL B 296 22.70 8.37 -29.93
N MET B 297 22.00 7.53 -30.71
CA MET B 297 22.05 7.68 -32.16
C MET B 297 21.32 8.93 -32.63
N LEU B 298 20.40 9.45 -31.82
CA LEU B 298 19.76 10.73 -32.16
C LEU B 298 20.76 11.88 -32.12
N SER B 299 21.75 11.80 -31.23
CA SER B 299 22.75 12.87 -31.14
C SER B 299 23.68 12.86 -32.33
N TRP B 300 23.84 11.71 -33.00
CA TRP B 300 24.75 11.62 -34.13
C TRP B 300 24.22 12.31 -35.38
N VAL B 301 22.91 12.53 -35.47
CA VAL B 301 22.35 13.18 -36.66
C VAL B 301 22.72 14.64 -36.72
N SER B 302 23.19 15.23 -35.61
CA SER B 302 23.58 16.64 -35.62
C SER B 302 24.89 16.87 -36.37
N PHE B 303 25.69 15.83 -36.57
CA PHE B 303 26.94 15.98 -37.30
C PHE B 303 26.72 16.15 -38.80
N TRP B 304 25.52 15.88 -39.30
CA TRP B 304 25.21 15.97 -40.72
C TRP B 304 24.38 17.20 -41.06
N ILE B 305 24.20 18.12 -40.11
CA ILE B 305 23.44 19.35 -40.31
C ILE B 305 24.41 20.51 -40.45
N ASP B 306 24.03 21.49 -41.28
CA ASP B 306 24.87 22.64 -41.52
C ASP B 306 25.16 23.38 -40.22
N ARG B 307 26.42 23.78 -40.03
CA ARG B 307 26.84 24.39 -38.78
C ARG B 307 26.35 25.82 -38.62
N ARG B 308 25.79 26.43 -39.67
CA ARG B 308 25.28 27.79 -39.56
C ARG B 308 23.93 27.85 -38.88
N ALA B 309 23.25 26.71 -38.70
CA ALA B 309 21.96 26.68 -38.02
C ALA B 309 22.18 26.47 -36.52
N VAL B 310 22.61 27.54 -35.87
CA VAL B 310 22.89 27.47 -34.43
C VAL B 310 21.64 27.15 -33.61
N PRO B 311 20.49 27.81 -33.81
CA PRO B 311 19.31 27.45 -33.01
C PRO B 311 18.68 26.11 -33.38
N ALA B 312 19.28 25.36 -34.32
CA ALA B 312 18.75 24.06 -34.69
C ALA B 312 19.52 22.92 -34.05
N ARG B 313 20.84 23.04 -33.94
CA ARG B 313 21.65 21.96 -33.39
C ARG B 313 21.78 22.01 -31.88
N VAL B 314 21.75 23.20 -31.28
CA VAL B 314 21.87 23.34 -29.83
C VAL B 314 20.69 22.68 -29.13
N PRO B 315 19.43 22.97 -29.48
CA PRO B 315 18.32 22.28 -28.80
C PRO B 315 18.34 20.77 -28.98
N LEU B 316 18.79 20.28 -30.13
CA LEU B 316 18.84 18.83 -30.36
C LEU B 316 19.77 18.16 -29.36
N GLY B 317 20.97 18.71 -29.17
CA GLY B 317 21.90 18.13 -28.23
C GLY B 317 21.42 18.22 -26.78
N ILE B 318 20.88 19.38 -26.40
CA ILE B 318 20.48 19.60 -25.01
C ILE B 318 19.34 18.67 -24.63
N THR B 319 18.35 18.53 -25.52
CA THR B 319 17.15 17.77 -25.18
C THR B 319 17.45 16.28 -25.02
N THR B 320 18.40 15.75 -25.80
CA THR B 320 18.77 14.35 -25.65
C THR B 320 19.47 14.10 -24.32
N VAL B 321 20.25 15.08 -23.84
CA VAL B 321 20.90 14.95 -22.54
C VAL B 321 19.86 14.83 -21.44
N LEU B 322 18.84 15.68 -21.47
CA LEU B 322 17.82 15.67 -20.43
C LEU B 322 17.00 14.40 -20.47
N THR B 323 16.65 13.92 -21.66
CA THR B 323 15.89 12.68 -21.77
C THR B 323 16.70 11.49 -21.26
N MET B 324 18.00 11.46 -21.56
CA MET B 324 18.85 10.40 -21.04
C MET B 324 18.91 10.42 -19.52
N SER B 325 18.92 11.62 -18.93
CA SER B 325 18.88 11.73 -17.47
C SER B 325 17.58 11.17 -16.91
N THR B 326 16.47 11.41 -17.60
CA THR B 326 15.18 10.87 -17.15
C THR B 326 15.19 9.35 -17.16
N ILE B 327 15.75 8.74 -18.21
CA ILE B 327 15.80 7.29 -18.29
C ILE B 327 16.64 6.70 -17.16
N ILE B 328 17.75 7.36 -16.83
CA ILE B 328 18.61 6.88 -15.75
C ILE B 328 17.86 6.91 -14.42
N THR B 329 17.12 7.99 -14.16
CA THR B 329 16.42 8.12 -12.88
C THR B 329 15.34 7.04 -12.72
N GLY B 330 14.61 6.74 -13.79
CA GLY B 330 13.48 5.84 -13.66
C GLY B 330 13.87 4.40 -13.32
N VAL B 331 15.09 3.99 -13.67
CA VAL B 331 15.50 2.62 -13.44
C VAL B 331 15.66 2.32 -11.96
N ASN B 332 16.19 3.28 -11.20
CA ASN B 332 16.52 3.05 -9.79
C ASN B 332 15.30 2.98 -8.89
N ALA B 333 14.11 3.28 -9.40
CA ALA B 333 12.91 3.32 -8.55
C ALA B 333 12.55 1.93 -8.02
N SER B 334 12.85 0.88 -8.78
CA SER B 334 12.40 -0.47 -8.46
C SER B 334 13.43 -1.29 -7.70
N MET B 335 14.57 -0.70 -7.31
CA MET B 335 15.63 -1.49 -6.71
C MET B 335 16.01 -0.94 -5.33
N PRO B 336 16.54 -1.78 -4.45
CA PRO B 336 16.99 -1.28 -3.14
C PRO B 336 18.22 -0.41 -3.27
N ARG B 337 18.47 0.36 -2.21
CA ARG B 337 19.56 1.34 -2.19
C ARG B 337 20.87 0.65 -1.80
N VAL B 338 21.41 -0.12 -2.75
CA VAL B 338 22.67 -0.81 -2.52
C VAL B 338 23.83 0.18 -2.58
N SER B 339 24.99 -0.26 -2.09
CA SER B 339 26.17 0.59 -1.99
C SER B 339 27.26 0.23 -3.00
N TYR B 340 26.89 -0.46 -4.08
CA TYR B 340 27.83 -0.80 -5.13
C TYR B 340 27.18 -0.60 -6.48
N ILE B 341 28.00 -0.45 -7.51
CA ILE B 341 27.51 -0.18 -8.86
C ILE B 341 27.06 -1.47 -9.52
N LYS B 342 25.97 -1.40 -10.27
CA LYS B 342 25.40 -2.54 -10.96
C LYS B 342 25.77 -2.51 -12.44
N ALA B 343 25.51 -3.64 -13.11
CA ALA B 343 25.86 -3.75 -14.53
C ALA B 343 25.05 -2.78 -15.38
N VAL B 344 23.77 -2.59 -15.05
CA VAL B 344 22.93 -1.69 -15.83
C VAL B 344 23.36 -0.23 -15.65
N ASP B 345 23.89 0.12 -14.47
CA ASP B 345 24.34 1.48 -14.25
C ASP B 345 25.53 1.84 -15.14
N ILE B 346 26.39 0.87 -15.42
CA ILE B 346 27.55 1.12 -16.28
C ILE B 346 27.09 1.50 -17.68
N TYR B 347 26.12 0.78 -18.22
CA TYR B 347 25.64 1.07 -19.57
C TYR B 347 24.99 2.44 -19.64
N LEU B 348 24.17 2.77 -18.64
CA LEU B 348 23.43 4.04 -18.68
C LEU B 348 24.37 5.24 -18.55
N TRP B 349 25.36 5.16 -17.66
CA TRP B 349 26.20 6.32 -17.41
C TRP B 349 27.20 6.55 -18.54
N VAL B 350 27.71 5.48 -19.15
CA VAL B 350 28.60 5.65 -20.31
C VAL B 350 27.82 6.24 -21.48
N SER B 351 26.56 5.84 -21.64
CA SER B 351 25.71 6.43 -22.68
C SER B 351 25.50 7.91 -22.43
N PHE B 352 25.34 8.31 -21.16
CA PHE B 352 25.16 9.72 -20.84
C PHE B 352 26.41 10.52 -21.22
N VAL B 353 27.60 9.95 -21.00
CA VAL B 353 28.83 10.62 -21.36
C VAL B 353 28.92 10.85 -22.87
N PHE B 354 28.50 9.85 -23.65
CA PHE B 354 28.52 9.99 -25.11
C PHE B 354 27.64 11.13 -25.57
N VAL B 355 26.43 11.26 -25.00
CA VAL B 355 25.54 12.35 -25.37
C VAL B 355 26.09 13.68 -24.89
N PHE B 356 26.71 13.70 -23.71
CA PHE B 356 27.25 14.94 -23.17
C PHE B 356 28.39 15.48 -24.02
N LEU B 357 29.27 14.59 -24.50
CA LEU B 357 30.38 15.04 -25.34
C LEU B 357 29.88 15.59 -26.68
N SER B 358 28.70 15.16 -27.11
CA SER B 358 28.13 15.69 -28.35
C SER B 358 27.82 17.17 -28.23
N VAL B 359 27.33 17.60 -27.06
CA VAL B 359 27.02 19.01 -26.86
C VAL B 359 28.29 19.85 -26.85
N LEU B 360 29.34 19.35 -26.19
CA LEU B 360 30.60 20.10 -26.14
C LEU B 360 31.25 20.17 -27.51
N GLU B 361 31.00 19.18 -28.37
CA GLU B 361 31.63 19.15 -29.68
C GLU B 361 31.20 20.31 -30.55
N TYR B 362 29.90 20.63 -30.56
CA TYR B 362 29.42 21.74 -31.38
C TYR B 362 29.87 23.08 -30.82
N ALA B 363 29.98 23.18 -29.48
CA ALA B 363 30.45 24.43 -28.88
C ALA B 363 31.88 24.74 -29.33
N ALA B 364 32.73 23.71 -29.43
CA ALA B 364 34.07 23.91 -29.97
C ALA B 364 34.01 24.35 -31.43
N VAL B 365 33.12 23.73 -32.22
CA VAL B 365 33.00 24.09 -33.63
C VAL B 365 32.52 25.54 -33.77
N ASN B 366 31.52 25.93 -32.99
CA ASN B 366 30.99 27.28 -33.09
C ASN B 366 32.03 28.32 -32.66
N TYR B 367 32.77 28.04 -31.58
CA TYR B 367 33.76 29.00 -31.10
C TYR B 367 34.88 29.20 -32.11
N LEU B 368 35.39 28.11 -32.69
CA LEU B 368 36.49 28.22 -33.64
C LEU B 368 36.07 28.97 -34.89
N THR B 369 34.83 28.76 -35.35
CA THR B 369 34.35 29.45 -36.53
C THR B 369 34.30 30.96 -36.30
N THR B 370 33.81 31.39 -35.13
CA THR B 370 33.74 32.81 -34.83
C THR B 370 35.12 33.43 -34.74
N VAL B 371 36.08 32.72 -34.15
CA VAL B 371 37.45 33.22 -34.05
C VAL B 371 38.05 33.39 -35.44
N GLN B 372 37.83 32.41 -36.32
CA GLN B 372 38.38 32.49 -37.67
C GLN B 372 37.81 33.68 -38.43
N GLU B 373 36.50 33.94 -38.28
CA GLU B 373 35.88 35.07 -38.97
C GLU B 373 36.48 36.39 -38.51
N ARG B 374 36.67 36.55 -37.19
CA ARG B 374 37.25 37.78 -36.68
C ARG B 374 38.71 37.93 -37.13
N LYS B 375 39.46 36.84 -37.15
CA LYS B 375 40.85 36.90 -37.59
C LYS B 375 40.95 37.33 -39.06
N GLU B 376 40.09 36.77 -39.91
CA GLU B 376 40.08 37.16 -41.31
C GLU B 376 39.57 38.59 -41.49
N GLN B 377 38.57 38.99 -40.69
CA GLN B 377 38.05 40.35 -40.77
C GLN B 377 39.11 41.37 -40.38
N LYS B 378 39.90 41.07 -39.34
CA LYS B 378 40.91 42.02 -38.87
C LYS B 378 42.06 42.19 -39.86
N LEU B 379 42.16 41.33 -40.88
CA LEU B 379 43.22 41.49 -41.88
C LEU B 379 43.01 42.73 -42.74
N ARG B 380 41.77 43.19 -42.87
CA ARG B 380 41.47 44.37 -43.66
C ARG B 380 41.51 45.64 -42.81
N ASP B 451 31.28 24.99 -46.28
CA ASP B 451 32.03 23.74 -46.19
C ASP B 451 31.80 23.05 -44.85
N THR B 452 32.53 21.96 -44.62
CA THR B 452 32.40 21.19 -43.39
C THR B 452 33.67 21.34 -42.56
N HIS B 453 33.50 21.67 -41.29
CA HIS B 453 34.64 21.80 -40.39
C HIS B 453 35.30 20.44 -40.16
N ALA B 454 36.61 20.46 -39.94
CA ALA B 454 37.36 19.21 -39.77
C ALA B 454 36.87 18.42 -38.56
N ILE B 455 36.40 19.10 -37.52
CA ILE B 455 35.90 18.41 -36.34
C ILE B 455 34.65 17.60 -36.68
N ASP B 456 33.74 18.19 -37.46
CA ASP B 456 32.53 17.48 -37.87
C ASP B 456 32.87 16.30 -38.77
N LYS B 457 33.85 16.47 -39.67
CA LYS B 457 34.20 15.40 -40.59
C LYS B 457 34.71 14.17 -39.86
N TYR B 458 35.56 14.36 -38.85
CA TYR B 458 36.11 13.23 -38.10
C TYR B 458 35.11 12.66 -37.11
N SER B 459 34.23 13.48 -36.56
CA SER B 459 33.28 13.00 -35.56
C SER B 459 32.30 11.99 -36.14
N ARG B 460 32.01 12.10 -37.44
CA ARG B 460 31.09 11.18 -38.07
C ARG B 460 31.61 9.75 -38.05
N ILE B 461 32.93 9.58 -37.95
CA ILE B 461 33.53 8.24 -37.96
C ILE B 461 33.90 7.78 -36.55
N ILE B 462 34.49 8.68 -35.74
CA ILE B 462 35.02 8.28 -34.45
C ILE B 462 33.90 7.92 -33.48
N PHE B 463 32.86 8.76 -33.42
CA PHE B 463 31.79 8.51 -32.46
C PHE B 463 31.08 7.18 -32.67
N PRO B 464 30.62 6.82 -33.88
CA PRO B 464 30.02 5.48 -34.03
C PRO B 464 30.99 4.35 -33.75
N ALA B 465 32.26 4.50 -34.10
CA ALA B 465 33.23 3.43 -33.91
C ALA B 465 33.48 3.17 -32.42
N ALA B 466 33.58 4.24 -31.63
CA ALA B 466 33.85 4.07 -30.20
C ALA B 466 32.70 3.36 -29.49
N TYR B 467 31.47 3.73 -29.83
CA TYR B 467 30.32 3.12 -29.16
C TYR B 467 30.17 1.64 -29.51
N ILE B 468 30.48 1.28 -30.76
CA ILE B 468 30.44 -0.12 -31.15
C ILE B 468 31.49 -0.93 -30.39
N LEU B 469 32.69 -0.36 -30.23
CA LEU B 469 33.73 -1.05 -29.48
C LEU B 469 33.33 -1.24 -28.02
N PHE B 470 32.65 -0.25 -27.43
CA PHE B 470 32.21 -0.37 -26.05
C PHE B 470 31.22 -1.51 -25.88
N ASN B 471 30.27 -1.65 -26.83
CA ASN B 471 29.30 -2.73 -26.74
C ASN B 471 29.97 -4.10 -26.86
N LEU B 472 30.97 -4.22 -27.74
CA LEU B 472 31.67 -5.48 -27.88
C LEU B 472 32.34 -5.90 -26.57
N ILE B 473 32.99 -4.95 -25.90
CA ILE B 473 33.65 -5.25 -24.63
C ILE B 473 32.61 -5.52 -23.53
N TYR B 474 31.56 -4.70 -23.50
CA TYR B 474 30.58 -4.81 -22.42
C TYR B 474 29.86 -6.16 -22.46
N TRP B 475 29.43 -6.59 -23.64
CA TRP B 475 28.72 -7.86 -23.74
C TRP B 475 29.64 -9.07 -23.71
N SER B 476 30.95 -8.87 -23.88
CA SER B 476 31.89 -9.97 -23.72
C SER B 476 32.15 -10.29 -22.26
N ILE B 477 32.08 -9.29 -21.39
CA ILE B 477 32.34 -9.51 -19.97
C ILE B 477 31.13 -10.12 -19.28
N PHE B 478 29.96 -9.53 -19.48
CA PHE B 478 28.73 -9.97 -18.82
C PHE B 478 27.99 -11.04 -19.62
N SER B 479 28.49 -11.41 -20.79
CA SER B 479 27.87 -12.44 -21.63
C SER B 479 26.40 -12.16 -21.92
N GLN C 77 1.72 -38.39 37.05
CA GLN C 77 2.24 -37.05 36.84
C GLN C 77 3.52 -36.83 37.65
N LEU C 78 4.57 -36.34 36.98
CA LEU C 78 5.84 -36.10 37.65
C LEU C 78 5.77 -34.87 38.54
N LEU C 79 5.08 -33.83 38.11
CA LEU C 79 4.94 -32.59 38.87
C LEU C 79 3.59 -32.54 39.58
N ARG C 80 3.59 -32.04 40.80
CA ARG C 80 2.38 -31.89 41.60
C ARG C 80 1.73 -30.52 41.34
N ILE C 81 1.30 -30.33 40.09
CA ILE C 81 0.73 -29.04 39.70
C ILE C 81 -0.60 -28.80 40.40
N ASP C 82 -1.44 -29.84 40.50
CA ASP C 82 -2.79 -29.69 41.03
C ASP C 82 -2.82 -29.38 42.52
N ASP C 83 -1.71 -29.54 43.24
CA ASP C 83 -1.68 -29.36 44.68
C ASP C 83 -1.32 -27.93 45.09
N HIS C 84 -1.14 -27.01 44.13
CA HIS C 84 -0.74 -25.66 44.45
C HIS C 84 -1.58 -24.67 43.65
N ASP C 85 -1.70 -23.46 44.19
CA ASP C 85 -2.41 -22.36 43.53
C ASP C 85 -1.35 -21.41 42.97
N PHE C 86 -1.17 -21.46 41.65
CA PHE C 86 -0.13 -20.68 40.98
C PHE C 86 -0.57 -19.27 40.62
N SER C 87 -1.61 -18.75 41.26
CA SER C 87 -1.99 -17.35 41.07
C SER C 87 -1.13 -16.39 41.88
N MET C 88 -0.26 -16.92 42.75
CA MET C 88 0.61 -16.11 43.58
C MET C 88 2.06 -16.42 43.25
N ARG C 89 2.89 -15.37 43.20
CA ARG C 89 4.30 -15.52 42.87
C ARG C 89 5.03 -16.27 43.98
N PRO C 90 6.17 -16.89 43.66
CA PRO C 90 6.99 -17.51 44.71
C PRO C 90 7.43 -16.48 45.73
N GLY C 91 7.48 -16.90 47.00
CA GLY C 91 7.77 -15.97 48.07
C GLY C 91 6.71 -14.91 48.26
N PHE C 92 5.44 -15.25 48.03
CA PHE C 92 4.36 -14.29 48.17
C PHE C 92 4.28 -13.76 49.60
N GLY C 93 4.16 -12.44 49.72
CA GLY C 93 4.14 -11.82 51.03
C GLY C 93 5.49 -11.63 51.68
N GLY C 94 6.58 -11.86 50.93
CA GLY C 94 7.91 -11.73 51.48
C GLY C 94 8.84 -10.94 50.57
N PRO C 95 10.13 -11.26 50.62
CA PRO C 95 11.10 -10.54 49.79
C PRO C 95 10.88 -10.79 48.31
N ALA C 96 11.57 -9.99 47.50
CA ALA C 96 11.45 -10.08 46.05
C ALA C 96 12.13 -11.36 45.53
N ILE C 97 11.71 -11.78 44.35
CA ILE C 97 12.25 -12.98 43.70
C ILE C 97 13.17 -12.54 42.56
N PRO C 98 14.44 -12.92 42.57
CA PRO C 98 15.34 -12.51 41.49
C PRO C 98 15.02 -13.22 40.18
N VAL C 99 15.18 -12.50 39.08
CA VAL C 99 14.94 -13.01 37.73
C VAL C 99 16.08 -12.57 36.83
N GLY C 100 16.68 -13.51 36.11
CA GLY C 100 17.75 -13.21 35.17
C GLY C 100 17.26 -13.32 33.73
N VAL C 101 17.90 -12.56 32.84
CA VAL C 101 17.49 -12.45 31.45
C VAL C 101 18.70 -12.65 30.55
N ASP C 102 18.52 -13.42 29.48
CA ASP C 102 19.49 -13.56 28.40
C ASP C 102 18.80 -13.29 27.08
N VAL C 103 19.54 -12.68 26.14
CA VAL C 103 18.99 -12.29 24.85
C VAL C 103 19.97 -12.67 23.75
N GLN C 104 19.45 -13.24 22.66
CA GLN C 104 20.21 -13.46 21.44
C GLN C 104 19.45 -12.84 20.27
N VAL C 105 20.08 -11.91 19.58
CA VAL C 105 19.45 -11.22 18.46
C VAL C 105 19.59 -12.06 17.21
N GLU C 106 18.49 -12.23 16.47
CA GLU C 106 18.51 -13.01 15.25
C GLU C 106 18.71 -12.15 14.01
N SER C 107 17.90 -11.10 13.84
CA SER C 107 18.02 -10.24 12.68
C SER C 107 17.28 -8.94 12.94
N LEU C 108 17.65 -7.91 12.18
CA LEU C 108 16.90 -6.66 12.10
C LEU C 108 16.21 -6.60 10.73
N ASP C 109 14.90 -6.38 10.74
CA ASP C 109 14.11 -6.54 9.52
C ASP C 109 14.08 -5.28 8.66
N SER C 110 13.62 -4.16 9.20
CA SER C 110 13.44 -2.97 8.38
C SER C 110 13.54 -1.73 9.25
N ILE C 111 13.83 -0.60 8.61
CA ILE C 111 13.89 0.71 9.24
C ILE C 111 13.10 1.69 8.40
N SER C 112 12.24 2.48 9.04
CA SER C 112 11.39 3.44 8.36
C SER C 112 11.74 4.84 8.83
N GLU C 113 12.07 5.72 7.87
CA GLU C 113 12.36 7.11 8.21
C GLU C 113 11.08 7.90 8.48
N VAL C 114 10.02 7.64 7.71
CA VAL C 114 8.78 8.40 7.86
C VAL C 114 8.11 8.07 9.18
N ASP C 115 8.16 6.82 9.61
CA ASP C 115 7.53 6.39 10.85
C ASP C 115 8.48 6.37 12.04
N MET C 116 9.80 6.38 11.79
CA MET C 116 10.82 6.44 12.82
C MET C 116 10.69 5.26 13.81
N ASP C 117 10.86 4.06 13.26
CA ASP C 117 10.83 2.84 14.06
C ASP C 117 11.63 1.75 13.35
N PHE C 118 11.91 0.68 14.07
CA PHE C 118 12.66 -0.46 13.55
C PHE C 118 12.01 -1.75 14.04
N THR C 119 12.33 -2.85 13.34
CA THR C 119 11.79 -4.17 13.65
C THR C 119 12.94 -5.11 13.97
N MET C 120 12.79 -5.89 15.04
CA MET C 120 13.82 -6.80 15.51
C MET C 120 13.21 -8.14 15.89
N THR C 121 13.94 -9.21 15.59
CA THR C 121 13.58 -10.57 16.01
C THR C 121 14.67 -11.09 16.93
N LEU C 122 14.26 -11.72 18.03
CA LEU C 122 15.23 -12.11 19.06
C LEU C 122 14.68 -13.29 19.86
N TYR C 123 15.58 -13.92 20.60
CA TYR C 123 15.23 -14.97 21.55
C TYR C 123 15.36 -14.41 22.96
N LEU C 124 14.33 -14.58 23.77
CA LEU C 124 14.29 -14.06 25.13
C LEU C 124 14.24 -15.22 26.11
N ARG C 125 15.10 -15.17 27.13
CA ARG C 125 15.22 -16.24 28.10
C ARG C 125 15.08 -15.68 29.51
N HIS C 126 14.49 -16.49 30.39
CA HIS C 126 14.27 -16.11 31.79
C HIS C 126 14.81 -17.19 32.70
N TYR C 127 15.26 -16.77 33.89
CA TYR C 127 15.79 -17.67 34.90
C TYR C 127 15.20 -17.31 36.26
N TRP C 128 14.68 -18.30 36.97
CA TRP C 128 14.21 -18.11 38.33
C TRP C 128 14.13 -19.47 39.01
N LYS C 129 13.72 -19.46 40.28
CA LYS C 129 13.61 -20.68 41.08
C LYS C 129 12.23 -20.74 41.72
N ASP C 130 11.65 -21.93 41.72
CA ASP C 130 10.34 -22.15 42.33
C ASP C 130 10.34 -23.53 42.97
N GLU C 131 10.27 -23.57 44.30
CA GLU C 131 10.32 -24.83 45.02
C GLU C 131 9.08 -25.68 44.81
N ARG C 132 7.99 -25.10 44.32
CA ARG C 132 6.77 -25.85 44.10
C ARG C 132 6.86 -26.80 42.91
N LEU C 133 7.87 -26.64 42.06
CA LEU C 133 8.05 -27.48 40.88
C LEU C 133 9.09 -28.56 41.07
N SER C 134 9.54 -28.80 42.30
CA SER C 134 10.56 -29.80 42.56
C SER C 134 10.00 -31.21 42.38
N PHE C 135 10.86 -32.12 41.90
CA PHE C 135 10.51 -33.52 41.73
C PHE C 135 11.72 -34.36 42.09
N PRO C 136 11.51 -35.60 42.56
CA PRO C 136 12.65 -36.43 42.96
C PRO C 136 13.32 -37.11 41.78
N SER C 137 14.64 -37.17 41.83
CA SER C 137 15.43 -37.84 40.81
C SER C 137 16.81 -38.15 41.38
N THR C 138 17.54 -39.02 40.69
CA THR C 138 18.88 -39.40 41.10
C THR C 138 19.98 -38.87 40.18
N ASN C 139 19.63 -38.41 38.99
CA ASN C 139 20.64 -37.97 38.02
C ASN C 139 21.01 -36.50 38.18
N ASN C 140 20.09 -35.68 38.69
CA ASN C 140 20.31 -34.24 38.85
C ASN C 140 20.62 -33.58 37.51
N LEU C 141 19.67 -33.73 36.58
CA LEU C 141 19.80 -33.20 35.24
C LEU C 141 18.50 -32.52 34.83
N SER C 142 18.62 -31.52 33.95
CA SER C 142 17.45 -30.81 33.47
C SER C 142 16.59 -31.71 32.60
N MET C 143 15.26 -31.54 32.73
CA MET C 143 14.29 -32.28 31.94
C MET C 143 13.44 -31.29 31.16
N THR C 144 13.08 -31.67 29.94
CA THR C 144 12.38 -30.80 29.02
C THR C 144 10.92 -31.24 28.87
N PHE C 145 10.00 -30.28 28.93
CA PHE C 145 8.59 -30.53 28.78
C PHE C 145 8.07 -29.86 27.51
N ASP C 146 6.93 -30.35 27.03
CA ASP C 146 6.46 -29.99 25.69
C ASP C 146 6.13 -28.50 25.55
N GLY C 147 5.91 -27.79 26.65
CA GLY C 147 5.72 -26.36 26.61
C GLY C 147 4.29 -25.88 26.74
N ARG C 148 3.31 -26.77 26.65
CA ARG C 148 1.92 -26.38 26.90
C ARG C 148 1.58 -26.42 28.37
N LEU C 149 2.50 -26.87 29.22
CA LEU C 149 2.34 -26.79 30.67
C LEU C 149 2.59 -25.39 31.21
N VAL C 150 3.09 -24.48 30.37
CA VAL C 150 3.40 -23.12 30.81
C VAL C 150 2.13 -22.41 31.29
N LYS C 151 1.03 -22.60 30.57
CA LYS C 151 -0.24 -21.94 30.90
C LYS C 151 -0.83 -22.40 32.22
N LYS C 152 -0.19 -23.28 32.98
CA LYS C 152 -0.69 -23.72 34.27
C LYS C 152 0.23 -23.41 35.44
N ILE C 153 1.33 -22.69 35.21
CA ILE C 153 2.28 -22.35 36.26
C ILE C 153 2.55 -20.84 36.19
N TRP C 154 3.21 -20.34 37.25
CA TRP C 154 3.53 -18.93 37.33
C TRP C 154 4.68 -18.56 36.39
N VAL C 155 4.50 -17.50 35.62
CA VAL C 155 5.48 -17.05 34.63
C VAL C 155 5.63 -15.54 34.75
N PRO C 156 6.83 -14.99 34.58
CA PRO C 156 7.01 -13.53 34.64
C PRO C 156 6.17 -12.81 33.59
N ASP C 157 6.13 -11.49 33.71
CA ASP C 157 5.21 -10.64 32.96
C ASP C 157 5.97 -9.50 32.28
N MET C 158 7.06 -9.84 31.60
CA MET C 158 7.87 -8.83 30.93
C MET C 158 7.16 -8.28 29.70
N PHE C 159 7.41 -7.01 29.39
CA PHE C 159 6.87 -6.39 28.19
C PHE C 159 7.87 -5.37 27.67
N PHE C 160 7.73 -5.02 26.40
CA PHE C 160 8.64 -4.11 25.73
C PHE C 160 8.07 -2.70 25.77
N VAL C 161 8.79 -1.78 26.40
CA VAL C 161 8.33 -0.41 26.58
C VAL C 161 8.51 0.36 25.28
N HIS C 162 7.59 1.28 25.00
CA HIS C 162 7.60 2.15 23.83
C HIS C 162 7.55 1.36 22.52
N SER C 163 6.94 0.18 22.54
CA SER C 163 6.79 -0.62 21.33
C SER C 163 5.47 -0.30 20.64
N LYS C 164 5.46 -0.45 19.32
CA LYS C 164 4.27 -0.17 18.53
C LYS C 164 3.42 -1.42 18.30
N ARG C 165 4.06 -2.53 17.95
CA ARG C 165 3.35 -3.79 17.75
C ARG C 165 4.34 -4.94 17.89
N SER C 166 3.81 -6.11 18.25
CA SER C 166 4.65 -7.28 18.45
C SER C 166 3.76 -8.52 18.52
N PHE C 167 4.38 -9.68 18.34
CA PHE C 167 3.67 -10.94 18.36
C PHE C 167 4.64 -12.08 18.64
N ILE C 168 4.08 -13.26 18.93
CA ILE C 168 4.85 -14.46 19.20
C ILE C 168 4.54 -15.49 18.11
N HIS C 169 5.58 -16.09 17.55
CA HIS C 169 5.41 -17.09 16.49
C HIS C 169 4.74 -18.35 17.05
N ASP C 170 3.87 -18.96 16.24
CA ASP C 170 3.07 -20.08 16.71
C ASP C 170 2.93 -21.17 15.65
N THR C 171 3.97 -21.40 14.84
CA THR C 171 3.96 -22.45 13.83
C THR C 171 5.23 -23.27 13.95
N THR C 172 5.09 -24.60 14.00
CA THR C 172 3.79 -25.28 13.92
C THR C 172 3.11 -25.32 15.28
N THR C 173 3.82 -24.87 16.31
CA THR C 173 3.27 -24.73 17.65
C THR C 173 3.88 -23.48 18.27
N ASP C 174 3.41 -23.15 19.47
CA ASP C 174 3.97 -22.01 20.20
C ASP C 174 5.45 -22.23 20.45
N ASN C 175 6.27 -21.25 20.06
CA ASN C 175 7.72 -21.32 20.22
C ASN C 175 8.06 -21.06 21.68
N VAL C 176 7.84 -22.09 22.51
CA VAL C 176 8.01 -22.00 23.95
C VAL C 176 8.85 -23.17 24.41
N MET C 177 9.83 -22.90 25.28
CA MET C 177 10.67 -23.93 25.88
C MET C 177 10.54 -23.86 27.40
N LEU C 178 10.42 -25.01 28.04
CA LEU C 178 10.31 -25.10 29.48
C LEU C 178 11.19 -26.24 29.98
N ARG C 179 12.15 -25.91 30.83
CA ARG C 179 13.05 -26.90 31.41
C ARG C 179 13.09 -26.70 32.92
N VAL C 180 12.92 -27.77 33.68
CA VAL C 180 12.86 -27.71 35.13
C VAL C 180 13.88 -28.69 35.70
N GLN C 181 14.73 -28.19 36.59
CA GLN C 181 15.71 -29.00 37.31
C GLN C 181 15.07 -29.63 38.54
N PRO C 182 15.68 -30.68 39.10
CA PRO C 182 15.09 -31.33 40.27
C PRO C 182 14.87 -30.41 41.46
N ASP C 183 15.76 -29.43 41.67
CA ASP C 183 15.63 -28.53 42.82
C ASP C 183 14.66 -27.39 42.58
N GLY C 184 14.13 -27.24 41.37
CA GLY C 184 13.12 -26.24 41.08
C GLY C 184 13.57 -25.11 40.18
N LYS C 185 14.81 -25.11 39.71
CA LYS C 185 15.25 -24.07 38.79
C LYS C 185 14.55 -24.22 37.45
N VAL C 186 14.12 -23.09 36.88
CA VAL C 186 13.29 -23.08 35.68
C VAL C 186 13.97 -22.23 34.62
N LEU C 187 13.99 -22.75 33.39
CA LEU C 187 14.46 -22.01 32.22
C LEU C 187 13.30 -21.87 31.24
N TYR C 188 13.05 -20.64 30.80
CA TYR C 188 11.92 -20.32 29.95
C TYR C 188 12.40 -19.47 28.79
N SER C 189 11.97 -19.81 27.57
CA SER C 189 12.46 -19.14 26.37
C SER C 189 11.30 -18.84 25.43
N LEU C 190 11.50 -17.82 24.59
CA LEU C 190 10.48 -17.37 23.65
C LEU C 190 11.15 -16.84 22.40
N ARG C 191 10.38 -16.79 21.31
CA ARG C 191 10.81 -16.17 20.06
C ARG C 191 9.77 -15.14 19.67
N VAL C 192 10.16 -13.87 19.64
CA VAL C 192 9.25 -12.76 19.43
C VAL C 192 9.81 -11.81 18.37
N THR C 193 8.90 -11.04 17.77
CA THR C 193 9.25 -9.97 16.85
C THR C 193 8.63 -8.68 17.37
N VAL C 194 9.46 -7.65 17.54
CA VAL C 194 9.04 -6.42 18.21
C VAL C 194 9.37 -5.23 17.32
N THR C 195 8.43 -4.29 17.25
CA THR C 195 8.63 -3.01 16.58
C THR C 195 8.66 -1.91 17.63
N ALA C 196 9.73 -1.11 17.62
CA ALA C 196 9.93 -0.08 18.63
C ALA C 196 10.32 1.23 17.97
N MET C 197 9.98 2.33 18.63
CA MET C 197 10.23 3.66 18.08
C MET C 197 11.65 4.12 18.39
N CYS C 198 12.15 5.00 17.51
CA CYS C 198 13.48 5.58 17.67
C CYS C 198 13.46 6.99 17.14
N ASN C 199 13.92 7.95 17.95
CA ASN C 199 13.89 9.37 17.60
C ASN C 199 15.16 9.69 16.82
N MET C 200 15.05 9.70 15.50
CA MET C 200 16.19 9.96 14.63
C MET C 200 16.30 11.45 14.32
N ASP C 201 17.52 11.88 14.00
CA ASP C 201 17.83 13.25 13.63
C ASP C 201 18.38 13.27 12.22
N PHE C 202 17.84 14.14 11.38
CA PHE C 202 18.20 14.21 9.96
C PHE C 202 18.87 15.52 9.59
N SER C 203 19.53 16.19 10.54
CA SER C 203 20.20 17.44 10.24
C SER C 203 21.36 17.23 9.28
N ARG C 204 22.07 16.10 9.40
CA ARG C 204 23.21 15.79 8.56
C ARG C 204 22.90 14.75 7.50
N PHE C 205 21.62 14.53 7.20
CA PHE C 205 21.24 13.55 6.19
C PHE C 205 21.82 13.96 4.83
N PRO C 206 22.31 13.01 4.03
CA PRO C 206 22.34 11.55 4.27
C PRO C 206 23.63 11.05 4.92
N LEU C 207 24.43 11.95 5.49
CA LEU C 207 25.67 11.57 6.17
C LEU C 207 25.49 11.48 7.68
N ASP C 208 24.33 11.03 8.13
CA ASP C 208 23.99 11.02 9.55
C ASP C 208 24.29 9.66 10.19
N THR C 209 24.40 9.68 11.51
CA THR C 209 24.58 8.48 12.32
C THR C 209 23.50 8.44 13.38
N GLN C 210 22.83 7.30 13.52
CA GLN C 210 21.68 7.17 14.41
C GLN C 210 21.94 6.10 15.46
N THR C 211 21.40 6.33 16.66
CA THR C 211 21.46 5.37 17.75
C THR C 211 20.06 5.07 18.24
N CYS C 212 19.78 3.79 18.45
CA CYS C 212 18.46 3.33 18.90
C CYS C 212 18.63 2.32 20.02
N SER C 213 17.54 2.08 20.74
CA SER C 213 17.60 1.19 21.89
C SER C 213 16.29 0.42 22.02
N LEU C 214 16.37 -0.72 22.71
CA LEU C 214 15.21 -1.55 23.03
C LEU C 214 15.13 -1.72 24.54
N GLU C 215 13.92 -1.56 25.09
CA GLU C 215 13.73 -1.53 26.54
C GLU C 215 12.86 -2.70 26.97
N ILE C 216 13.25 -3.35 28.06
CA ILE C 216 12.53 -4.49 28.64
C ILE C 216 12.21 -4.17 30.10
N GLU C 217 10.95 -4.37 30.48
CA GLU C 217 10.50 -4.04 31.82
C GLU C 217 9.36 -4.97 32.21
N SER C 218 9.21 -5.20 33.52
CA SER C 218 8.09 -5.97 34.04
C SER C 218 6.89 -5.06 34.25
N TYR C 219 5.71 -5.53 33.85
CA TYR C 219 4.53 -4.68 33.85
C TYR C 219 3.89 -4.58 35.23
N ALA C 220 3.64 -5.72 35.89
CA ALA C 220 2.81 -5.72 37.08
C ALA C 220 3.59 -5.56 38.38
N TYR C 221 4.78 -6.13 38.47
CA TYR C 221 5.50 -6.21 39.74
C TYR C 221 6.55 -5.10 39.83
N THR C 222 6.58 -4.43 40.99
CA THR C 222 7.55 -3.38 41.25
C THR C 222 8.85 -3.98 41.78
N GLU C 223 9.80 -3.10 42.10
CA GLU C 223 11.11 -3.55 42.59
C GLU C 223 11.02 -4.20 43.96
N ASP C 224 9.93 -3.97 44.70
CA ASP C 224 9.77 -4.60 46.01
C ASP C 224 9.25 -6.03 45.92
N ASP C 225 8.84 -6.48 44.73
CA ASP C 225 8.34 -7.83 44.54
C ASP C 225 9.12 -8.64 43.52
N LEU C 226 9.81 -8.00 42.58
CA LEU C 226 10.55 -8.69 41.55
C LEU C 226 11.79 -7.88 41.19
N MET C 227 12.96 -8.51 41.23
CA MET C 227 14.22 -7.87 40.87
C MET C 227 14.66 -8.38 39.51
N LEU C 228 14.92 -7.46 38.60
CA LEU C 228 15.29 -7.78 37.22
C LEU C 228 16.73 -7.37 36.96
N TYR C 229 17.53 -8.30 36.46
CA TYR C 229 18.94 -8.03 36.21
C TYR C 229 19.43 -8.94 35.09
N TRP C 230 20.54 -8.53 34.47
CA TRP C 230 21.16 -9.36 33.43
C TRP C 230 21.83 -10.57 34.06
N LYS C 231 21.66 -11.73 33.42
CA LYS C 231 22.12 -12.98 34.02
C LYS C 231 23.64 -13.01 34.17
N LYS C 232 24.37 -12.57 33.14
CA LYS C 232 25.83 -12.66 33.14
C LYS C 232 26.47 -11.33 32.78
N GLY C 233 25.80 -10.21 33.06
CA GLY C 233 26.39 -8.92 32.83
C GLY C 233 26.56 -8.63 31.35
N ASN C 234 27.79 -8.22 30.97
CA ASN C 234 28.06 -7.85 29.59
C ASN C 234 28.00 -9.03 28.64
N ASP C 235 28.11 -10.26 29.15
CA ASP C 235 28.11 -11.45 28.33
C ASP C 235 26.71 -11.98 28.03
N SER C 236 25.66 -11.29 28.49
CA SER C 236 24.30 -11.79 28.33
C SER C 236 23.70 -11.50 26.97
N LEU C 237 24.40 -10.77 26.10
CA LEU C 237 23.89 -10.43 24.78
C LEU C 237 24.71 -11.11 23.71
N LYS C 238 24.04 -11.80 22.79
CA LYS C 238 24.68 -12.45 21.66
C LYS C 238 23.98 -12.01 20.37
N THR C 239 24.73 -12.01 19.27
CA THR C 239 24.21 -11.58 17.98
C THR C 239 24.56 -12.61 16.92
N ASP C 240 23.65 -12.80 15.97
CA ASP C 240 23.89 -13.69 14.85
C ASP C 240 24.83 -13.03 13.85
N GLU C 241 25.73 -13.83 13.26
CA GLU C 241 26.67 -13.29 12.28
C GLU C 241 26.00 -12.92 10.96
N ARG C 242 24.75 -13.33 10.76
CA ARG C 242 24.03 -13.05 9.52
C ARG C 242 23.24 -11.74 9.57
N ILE C 243 23.33 -10.99 10.67
CA ILE C 243 22.63 -9.71 10.76
C ILE C 243 23.26 -8.74 9.78
N SER C 244 22.44 -8.20 8.88
CA SER C 244 22.96 -7.29 7.85
C SER C 244 21.83 -6.41 7.35
N LEU C 245 22.19 -5.17 7.01
CA LEU C 245 21.28 -4.21 6.40
C LEU C 245 21.91 -3.65 5.14
N SER C 246 21.11 -3.53 4.08
CA SER C 246 21.64 -3.09 2.80
C SER C 246 22.07 -1.64 2.83
N GLN C 247 21.37 -0.79 3.59
CA GLN C 247 21.62 0.63 3.59
C GLN C 247 22.41 1.11 4.81
N PHE C 248 22.50 0.30 5.87
CA PHE C 248 23.09 0.73 7.13
C PHE C 248 24.20 -0.23 7.56
N LEU C 249 25.12 0.30 8.36
CA LEU C 249 26.18 -0.48 8.99
C LEU C 249 25.94 -0.55 10.48
N ILE C 250 25.89 -1.76 11.02
CA ILE C 250 25.51 -2.01 12.41
C ILE C 250 26.75 -2.25 13.24
N GLN C 251 26.83 -1.60 14.40
CA GLN C 251 28.02 -1.70 15.24
C GLN C 251 27.64 -1.33 16.68
N GLU C 252 28.53 -1.71 17.60
CA GLU C 252 28.49 -1.25 18.99
C GLU C 252 27.25 -1.74 19.74
N PHE C 253 27.08 -3.06 19.81
CA PHE C 253 26.04 -3.64 20.66
C PHE C 253 26.52 -3.70 22.10
N HIS C 254 25.71 -3.16 23.01
CA HIS C 254 26.02 -3.22 24.44
C HIS C 254 24.72 -3.05 25.23
N THR C 255 24.77 -3.41 26.51
CA THR C 255 23.61 -3.42 27.38
C THR C 255 23.84 -2.54 28.60
N THR C 256 22.77 -1.90 29.07
CA THR C 256 22.80 -1.05 30.25
C THR C 256 21.55 -1.31 31.08
N THR C 257 21.47 -0.67 32.25
CA THR C 257 20.39 -0.87 33.18
C THR C 257 20.07 0.44 33.89
N LYS C 258 18.79 0.71 34.10
CA LYS C 258 18.36 1.94 34.76
C LYS C 258 16.99 1.73 35.39
N LEU C 259 16.70 2.51 36.42
CA LEU C 259 15.42 2.48 37.10
C LEU C 259 14.41 3.40 36.42
N ALA C 260 13.13 3.09 36.62
CA ALA C 260 12.04 3.89 36.08
C ALA C 260 11.01 4.13 37.17
N PHE C 261 10.35 5.28 37.10
CA PHE C 261 9.37 5.69 38.10
C PHE C 261 8.07 6.09 37.42
N TYR C 262 6.95 5.56 37.93
CA TYR C 262 5.62 5.97 37.53
C TYR C 262 4.94 6.61 38.73
N SER C 263 4.32 7.77 38.52
CA SER C 263 3.84 8.58 39.63
C SER C 263 2.73 7.92 40.44
N SER C 264 2.03 6.94 39.86
CA SER C 264 0.87 6.36 40.52
C SER C 264 1.00 4.87 40.80
N THR C 265 2.12 4.24 40.46
CA THR C 265 2.30 2.81 40.72
C THR C 265 3.58 2.46 41.45
N GLY C 266 4.67 3.20 41.27
CA GLY C 266 5.90 2.91 41.98
C GLY C 266 7.14 2.84 41.10
N TRP C 267 8.18 2.19 41.59
CA TRP C 267 9.46 2.10 40.91
C TRP C 267 9.61 0.77 40.18
N TYR C 268 10.25 0.81 39.03
CA TYR C 268 10.51 -0.37 38.22
C TYR C 268 11.94 -0.33 37.69
N ASN C 269 12.43 -1.49 37.28
CA ASN C 269 13.79 -1.63 36.76
C ASN C 269 13.72 -1.99 35.28
N ARG C 270 14.54 -1.31 34.47
CA ARG C 270 14.55 -1.49 33.03
C ARG C 270 15.89 -2.04 32.55
N LEU C 271 15.84 -2.77 31.44
CA LEU C 271 17.03 -3.26 30.76
C LEU C 271 17.09 -2.68 29.35
N TYR C 272 18.29 -2.38 28.89
CA TYR C 272 18.49 -1.68 27.62
C TYR C 272 19.39 -2.49 26.70
N ILE C 273 19.11 -2.42 25.40
CA ILE C 273 19.96 -2.97 24.35
C ILE C 273 20.21 -1.84 23.35
N ASN C 274 21.48 -1.49 23.15
CA ASN C 274 21.85 -0.34 22.35
C ASN C 274 22.69 -0.75 21.15
N PHE C 275 22.51 -0.02 20.04
CA PHE C 275 23.29 -0.25 18.84
C PHE C 275 23.33 1.04 18.03
N THR C 276 24.26 1.09 17.07
CA THR C 276 24.51 2.27 16.26
C THR C 276 24.42 1.92 14.78
N LEU C 277 23.98 2.89 13.97
CA LEU C 277 23.79 2.68 12.54
C LEU C 277 24.47 3.80 11.76
N ARG C 278 25.07 3.44 10.62
CA ARG C 278 25.70 4.41 9.73
C ARG C 278 25.27 4.12 8.29
N ARG C 279 24.91 5.17 7.57
CA ARG C 279 24.39 5.03 6.22
C ARG C 279 25.52 4.76 5.23
N HIS C 280 25.12 4.37 4.02
CA HIS C 280 26.02 4.25 2.87
C HIS C 280 25.76 5.40 1.92
N ILE C 281 26.83 6.09 1.53
CA ILE C 281 26.71 7.32 0.74
C ILE C 281 26.73 7.08 -0.76
N PHE C 282 27.02 5.86 -1.22
CA PHE C 282 27.20 5.63 -2.64
C PHE C 282 25.94 5.93 -3.44
N PHE C 283 24.79 5.47 -2.95
CA PHE C 283 23.54 5.63 -3.71
C PHE C 283 23.20 7.11 -3.87
N PHE C 284 23.36 7.89 -2.80
CA PHE C 284 22.94 9.30 -2.85
C PHE C 284 23.87 10.11 -3.74
N LEU C 285 25.14 9.73 -3.82
CA LEU C 285 26.07 10.40 -4.72
C LEU C 285 25.61 10.29 -6.17
N LEU C 286 25.35 9.07 -6.62
CA LEU C 286 24.96 8.86 -8.02
C LEU C 286 23.57 9.43 -8.31
N GLN C 287 22.67 9.42 -7.32
CA GLN C 287 21.29 9.82 -7.57
C GLN C 287 21.06 11.32 -7.46
N THR C 288 21.76 12.01 -6.56
CA THR C 288 21.50 13.42 -6.30
C THR C 288 22.70 14.31 -6.57
N TYR C 289 23.88 13.96 -6.05
CA TYR C 289 25.02 14.87 -6.14
C TYR C 289 25.59 14.93 -7.54
N PHE C 290 25.61 13.81 -8.26
CA PHE C 290 26.19 13.82 -9.61
C PHE C 290 25.27 14.47 -10.64
N PRO C 291 23.96 14.16 -10.70
CA PRO C 291 23.11 14.89 -11.66
C PRO C 291 23.07 16.39 -11.42
N ALA C 292 23.14 16.83 -10.16
CA ALA C 292 23.11 18.25 -9.87
C ALA C 292 24.34 18.95 -10.42
N THR C 293 25.52 18.34 -10.27
CA THR C 293 26.74 18.97 -10.75
C THR C 293 26.76 19.08 -12.27
N LEU C 294 26.26 18.05 -12.96
CA LEU C 294 26.28 18.06 -14.42
C LEU C 294 25.37 19.15 -14.99
N MET C 295 24.21 19.36 -14.37
CA MET C 295 23.29 20.39 -14.85
C MET C 295 23.89 21.79 -14.69
N VAL C 296 24.66 22.01 -13.63
CA VAL C 296 25.35 23.29 -13.45
C VAL C 296 26.37 23.50 -14.55
N MET C 297 27.15 22.46 -14.88
CA MET C 297 28.17 22.60 -15.91
C MET C 297 27.55 22.75 -17.30
N LEU C 298 26.31 22.29 -17.49
CA LEU C 298 25.63 22.53 -18.76
C LEU C 298 25.35 24.01 -18.98
N SER C 299 25.11 24.77 -17.90
CA SER C 299 24.86 26.20 -18.04
C SER C 299 26.12 26.96 -18.43
N TRP C 300 27.29 26.42 -18.10
CA TRP C 300 28.54 27.12 -18.38
C TRP C 300 28.90 27.10 -19.87
N VAL C 301 28.33 26.17 -20.65
CA VAL C 301 28.66 26.11 -22.06
C VAL C 301 28.05 27.28 -22.83
N SER C 302 27.09 27.98 -22.24
CA SER C 302 26.47 29.12 -22.91
C SER C 302 27.41 30.33 -22.97
N PHE C 303 28.44 30.37 -22.12
CA PHE C 303 29.39 31.48 -22.15
C PHE C 303 30.33 31.41 -23.34
N TRP C 304 30.38 30.28 -24.04
CA TRP C 304 31.28 30.10 -25.18
C TRP C 304 30.54 30.15 -26.52
N ILE C 305 29.27 30.54 -26.52
CA ILE C 305 28.47 30.64 -27.73
C ILE C 305 28.31 32.11 -28.09
N ASP C 306 28.27 32.39 -29.40
CA ASP C 306 28.13 33.75 -29.88
C ASP C 306 26.87 34.40 -29.33
N ARG C 307 27.00 35.65 -28.89
CA ARG C 307 25.90 36.34 -28.24
C ARG C 307 24.81 36.79 -29.21
N ARG C 308 25.05 36.69 -30.52
CA ARG C 308 24.03 37.08 -31.49
C ARG C 308 22.97 36.02 -31.68
N ALA C 309 23.18 34.80 -31.17
CA ALA C 309 22.21 33.72 -31.27
C ALA C 309 21.28 33.75 -30.05
N VAL C 310 20.38 34.74 -30.07
CA VAL C 310 19.45 34.91 -28.95
C VAL C 310 18.53 33.71 -28.76
N PRO C 311 17.89 33.17 -29.81
CA PRO C 311 17.03 31.98 -29.59
C PRO C 311 17.80 30.70 -29.30
N ALA C 312 19.12 30.75 -29.22
CA ALA C 312 19.91 29.56 -28.91
C ALA C 312 20.34 29.51 -27.46
N ARG C 313 20.70 30.64 -26.87
CA ARG C 313 21.19 30.67 -25.50
C ARG C 313 20.09 30.79 -24.47
N VAL C 314 18.98 31.45 -24.81
CA VAL C 314 17.87 31.62 -23.87
C VAL C 314 17.24 30.27 -23.52
N PRO C 315 16.87 29.42 -24.50
CA PRO C 315 16.30 28.12 -24.12
C PRO C 315 17.26 27.23 -23.32
N LEU C 316 18.57 27.33 -23.59
CA LEU C 316 19.53 26.53 -22.85
C LEU C 316 19.52 26.87 -21.37
N GLY C 317 19.52 28.17 -21.04
CA GLY C 317 19.51 28.57 -19.65
C GLY C 317 18.19 28.23 -18.95
N ILE C 318 17.07 28.46 -19.64
CA ILE C 318 15.76 28.25 -19.02
C ILE C 318 15.54 26.78 -18.72
N THR C 319 15.89 25.91 -19.67
CA THR C 319 15.59 24.49 -19.51
C THR C 319 16.40 23.86 -18.38
N THR C 320 17.63 24.32 -18.16
CA THR C 320 18.43 23.80 -17.05
C THR C 320 17.84 24.21 -15.71
N VAL C 321 17.24 25.41 -15.64
CA VAL C 321 16.60 25.85 -14.41
C VAL C 321 15.43 24.92 -14.05
N LEU C 322 14.61 24.60 -15.05
CA LEU C 322 13.44 23.77 -14.80
C LEU C 322 13.84 22.34 -14.43
N THR C 323 14.85 21.80 -15.09
CA THR C 323 15.32 20.45 -14.75
C THR C 323 15.89 20.41 -13.34
N MET C 324 16.63 21.45 -12.93
CA MET C 324 17.15 21.50 -11.58
C MET C 324 16.02 21.55 -10.56
N SER C 325 14.94 22.26 -10.88
CA SER C 325 13.77 22.28 -9.99
C SER C 325 13.16 20.89 -9.85
N THR C 326 13.11 20.13 -10.95
CA THR C 326 12.57 18.78 -10.90
C THR C 326 13.40 17.88 -9.98
N ILE C 327 14.73 17.99 -10.07
CA ILE C 327 15.60 17.17 -9.23
C ILE C 327 15.40 17.51 -7.76
N ILE C 328 15.22 18.78 -7.44
CA ILE C 328 15.01 19.20 -6.05
C ILE C 328 13.72 18.60 -5.51
N THR C 329 12.65 18.62 -6.31
CA THR C 329 11.35 18.13 -5.86
C THR C 329 11.40 16.62 -5.58
N GLY C 330 12.08 15.86 -6.43
CA GLY C 330 12.05 14.41 -6.31
C GLY C 330 12.71 13.88 -5.05
N VAL C 331 13.67 14.63 -4.50
CA VAL C 331 14.41 14.15 -3.33
C VAL C 331 13.51 14.10 -2.10
N ASN C 332 12.62 15.08 -1.93
CA ASN C 332 11.83 15.20 -0.72
C ASN C 332 10.72 14.17 -0.62
N ALA C 333 10.48 13.38 -1.67
CA ALA C 333 9.37 12.43 -1.65
C ALA C 333 9.59 11.31 -0.63
N SER C 334 10.84 10.94 -0.36
CA SER C 334 11.15 9.79 0.46
C SER C 334 11.43 10.14 1.92
N MET C 335 11.26 11.39 2.32
CA MET C 335 11.63 11.78 3.67
C MET C 335 10.46 12.41 4.42
N PRO C 336 10.45 12.34 5.75
CA PRO C 336 9.39 12.98 6.52
C PRO C 336 9.48 14.50 6.45
N ARG C 337 8.37 15.14 6.80
CA ARG C 337 8.24 16.59 6.72
C ARG C 337 8.82 17.24 7.97
N VAL C 338 10.16 17.24 8.04
CA VAL C 338 10.84 17.86 9.17
C VAL C 338 10.80 19.37 9.04
N SER C 339 11.12 20.05 10.15
CA SER C 339 11.03 21.50 10.24
C SER C 339 12.40 22.18 10.26
N TYR C 340 13.45 21.49 9.79
CA TYR C 340 14.78 22.07 9.71
C TYR C 340 15.43 21.66 8.39
N ILE C 341 16.44 22.42 8.00
CA ILE C 341 17.11 22.20 6.72
C ILE C 341 18.12 21.08 6.87
N LYS C 342 18.24 20.26 5.84
CA LYS C 342 19.15 19.12 5.81
C LYS C 342 20.38 19.45 4.98
N ALA C 343 21.39 18.59 5.09
CA ALA C 343 22.64 18.82 4.37
C ALA C 343 22.44 18.74 2.86
N VAL C 344 21.59 17.82 2.40
CA VAL C 344 21.38 17.67 0.96
C VAL C 344 20.62 18.87 0.41
N ASP C 345 19.75 19.50 1.21
CA ASP C 345 19.01 20.67 0.73
C ASP C 345 19.94 21.83 0.46
N ILE C 346 21.02 21.97 1.24
CA ILE C 346 21.96 23.06 1.03
C ILE C 346 22.63 22.93 -0.34
N TYR C 347 23.05 21.71 -0.69
CA TYR C 347 23.71 21.51 -1.97
C TYR C 347 22.77 21.78 -3.14
N LEU C 348 21.53 21.31 -3.03
CA LEU C 348 20.60 21.46 -4.15
C LEU C 348 20.21 22.91 -4.37
N TRP C 349 19.97 23.67 -3.30
CA TRP C 349 19.47 25.03 -3.45
C TRP C 349 20.58 25.99 -3.89
N VAL C 350 21.81 25.78 -3.44
CA VAL C 350 22.93 26.59 -3.91
C VAL C 350 23.18 26.33 -5.39
N SER C 351 23.03 25.07 -5.81
CA SER C 351 23.17 24.75 -7.23
C SER C 351 22.09 25.45 -8.06
N PHE C 352 20.87 25.53 -7.53
CA PHE C 352 19.79 26.22 -8.24
C PHE C 352 20.12 27.70 -8.41
N VAL C 353 20.72 28.32 -7.40
CA VAL C 353 21.10 29.72 -7.50
C VAL C 353 22.13 29.94 -8.60
N PHE C 354 23.11 29.03 -8.71
CA PHE C 354 24.13 29.14 -9.74
C PHE C 354 23.52 29.09 -11.14
N VAL C 355 22.56 28.19 -11.36
CA VAL C 355 21.90 28.11 -12.66
C VAL C 355 21.03 29.33 -12.90
N PHE C 356 20.37 29.83 -11.85
CA PHE C 356 19.50 30.99 -11.99
C PHE C 356 20.29 32.24 -12.39
N LEU C 357 21.46 32.44 -11.77
CA LEU C 357 22.28 33.60 -12.11
C LEU C 357 22.78 33.53 -13.55
N SER C 358 22.89 32.33 -14.11
CA SER C 358 23.32 32.19 -15.50
C SER C 358 22.30 32.81 -16.45
N VAL C 359 21.01 32.65 -16.15
CA VAL C 359 19.97 33.22 -17.00
C VAL C 359 19.99 34.75 -16.94
N LEU C 360 20.17 35.30 -15.74
CA LEU C 360 20.22 36.75 -15.59
C LEU C 360 21.45 37.34 -16.26
N GLU C 361 22.54 36.56 -16.35
CA GLU C 361 23.78 37.07 -16.91
C GLU C 361 23.63 37.41 -18.39
N TYR C 362 22.96 36.54 -19.16
CA TYR C 362 22.79 36.81 -20.58
C TYR C 362 21.81 37.96 -20.81
N ALA C 363 20.80 38.09 -19.95
CA ALA C 363 19.87 39.20 -20.08
C ALA C 363 20.58 40.54 -19.93
N ALA C 364 21.54 40.62 -19.01
CA ALA C 364 22.34 41.83 -18.89
C ALA C 364 23.17 42.06 -20.15
N VAL C 365 23.75 40.99 -20.70
CA VAL C 365 24.57 41.11 -21.91
C VAL C 365 23.72 41.57 -23.08
N ASN C 366 22.53 40.97 -23.24
CA ASN C 366 21.66 41.35 -24.36
C ASN C 366 21.19 42.79 -24.24
N TYR C 367 20.82 43.22 -23.02
CA TYR C 367 20.31 44.57 -22.84
C TYR C 367 21.39 45.61 -23.14
N LEU C 368 22.61 45.39 -22.64
CA LEU C 368 23.69 46.35 -22.84
C LEU C 368 24.05 46.47 -24.32
N THR C 369 24.04 45.34 -25.04
CA THR C 369 24.35 45.37 -26.47
C THR C 369 23.34 46.21 -27.24
N THR C 370 22.05 46.05 -26.94
CA THR C 370 21.02 46.83 -27.62
C THR C 370 21.16 48.31 -27.33
N VAL C 371 21.47 48.66 -26.07
CA VAL C 371 21.64 50.07 -25.71
C VAL C 371 22.83 50.67 -26.46
N GLN C 372 23.94 49.93 -26.56
CA GLN C 372 25.10 50.43 -27.26
C GLN C 372 24.81 50.67 -28.74
N GLU C 373 24.06 49.76 -29.36
CA GLU C 373 23.73 49.93 -30.77
C GLU C 373 22.89 51.18 -31.00
N ARG C 374 21.90 51.42 -30.15
CA ARG C 374 21.08 52.62 -30.28
C ARG C 374 21.88 53.88 -30.04
N LYS C 375 22.78 53.84 -29.05
CA LYS C 375 23.61 55.02 -28.77
C LYS C 375 24.51 55.35 -29.95
N GLU C 376 25.12 54.33 -30.56
CA GLU C 376 25.95 54.58 -31.74
C GLU C 376 25.11 55.00 -32.94
N GLN C 377 23.92 54.42 -33.08
CA GLN C 377 23.04 54.80 -34.19
C GLN C 377 22.60 56.26 -34.08
N LYS C 378 22.29 56.71 -32.86
CA LYS C 378 21.82 58.07 -32.66
C LYS C 378 22.91 59.12 -32.92
N LEU C 379 24.18 58.70 -33.04
CA LEU C 379 25.24 59.67 -33.32
C LEU C 379 25.13 60.23 -34.73
N ARG C 380 24.50 59.50 -35.65
CA ARG C 380 24.34 59.96 -37.02
C ARG C 380 23.03 60.73 -37.18
N ASP C 451 32.88 40.36 -31.61
CA ASP C 451 33.78 40.24 -30.47
C ASP C 451 33.06 39.63 -29.27
N THR C 452 33.74 39.57 -28.13
CA THR C 452 33.21 39.00 -26.90
C THR C 452 33.00 40.12 -25.88
N HIS C 453 31.80 40.16 -25.30
CA HIS C 453 31.50 41.15 -24.29
C HIS C 453 32.31 40.88 -23.02
N ALA C 454 32.64 41.96 -22.31
CA ALA C 454 33.49 41.83 -21.12
C ALA C 454 32.83 40.96 -20.06
N ILE C 455 31.49 40.96 -19.99
CA ILE C 455 30.80 40.15 -19.00
C ILE C 455 31.01 38.66 -19.30
N ASP C 456 30.91 38.28 -20.57
CA ASP C 456 31.15 36.89 -20.96
C ASP C 456 32.60 36.47 -20.70
N LYS C 457 33.53 37.38 -20.95
CA LYS C 457 34.95 37.05 -20.77
C LYS C 457 35.27 36.73 -19.31
N TYR C 458 34.74 37.52 -18.39
CA TYR C 458 35.00 37.30 -16.96
C TYR C 458 34.18 36.14 -16.39
N SER C 459 32.98 35.90 -16.92
CA SER C 459 32.13 34.85 -16.39
C SER C 459 32.74 33.47 -16.60
N ARG C 460 33.54 33.31 -17.67
CA ARG C 460 34.17 32.02 -17.94
C ARG C 460 35.12 31.61 -16.82
N ILE C 461 35.64 32.57 -16.08
CA ILE C 461 36.60 32.28 -15.01
C ILE C 461 35.94 32.30 -13.64
N ILE C 462 35.08 33.29 -13.38
CA ILE C 462 34.54 33.48 -12.04
C ILE C 462 33.57 32.35 -11.68
N PHE C 463 32.68 31.99 -12.60
CA PHE C 463 31.67 30.98 -12.30
C PHE C 463 32.29 29.62 -11.95
N PRO C 464 33.21 29.05 -12.73
CA PRO C 464 33.81 27.77 -12.30
C PRO C 464 34.59 27.89 -10.99
N ALA C 465 35.26 29.02 -10.76
CA ALA C 465 36.06 29.18 -9.56
C ALA C 465 35.20 29.21 -8.31
N ALA C 466 34.06 29.91 -8.37
CA ALA C 466 33.19 30.02 -7.20
C ALA C 466 32.60 28.67 -6.81
N TYR C 467 32.18 27.88 -7.81
CA TYR C 467 31.57 26.59 -7.50
C TYR C 467 32.57 25.61 -6.92
N ILE C 468 33.82 25.66 -7.39
CA ILE C 468 34.86 24.80 -6.83
C ILE C 468 35.13 25.17 -5.37
N LEU C 469 35.16 26.47 -5.07
CA LEU C 469 35.38 26.91 -3.69
C LEU C 469 34.23 26.46 -2.79
N PHE C 470 33.00 26.49 -3.29
CA PHE C 470 31.86 26.05 -2.50
C PHE C 470 31.98 24.56 -2.14
N ASN C 471 32.39 23.73 -3.10
CA ASN C 471 32.54 22.31 -2.83
C ASN C 471 33.62 22.05 -1.79
N LEU C 472 34.73 22.80 -1.85
CA LEU C 472 35.79 22.62 -0.88
C LEU C 472 35.30 22.91 0.54
N ILE C 473 34.52 23.99 0.70
CA ILE C 473 34.00 24.33 2.02
C ILE C 473 32.93 23.33 2.45
N TYR C 474 32.05 22.96 1.52
CA TYR C 474 30.93 22.08 1.85
C TYR C 474 31.41 20.72 2.33
N TRP C 475 32.37 20.13 1.62
CA TRP C 475 32.85 18.81 1.99
C TRP C 475 33.84 18.84 3.14
N SER C 476 34.36 20.02 3.48
CA SER C 476 35.21 20.13 4.67
C SER C 476 34.39 20.14 5.95
N ILE C 477 33.16 20.67 5.91
CA ILE C 477 32.32 20.74 7.10
C ILE C 477 31.68 19.39 7.38
N PHE C 478 31.04 18.79 6.37
CA PHE C 478 30.33 17.53 6.53
C PHE C 478 31.21 16.31 6.32
N SER C 479 32.49 16.50 5.99
CA SER C 479 33.43 15.41 5.78
C SER C 479 32.93 14.39 4.77
N GLN D 77 -6.46 -21.44 48.68
CA GLN D 77 -6.83 -20.22 47.96
C GLN D 77 -7.07 -19.07 48.93
N LEU D 78 -6.44 -17.93 48.65
CA LEU D 78 -6.60 -16.76 49.52
C LEU D 78 -7.97 -16.11 49.32
N LEU D 79 -8.47 -16.07 48.09
CA LEU D 79 -9.75 -15.47 47.78
C LEU D 79 -10.82 -16.55 47.62
N ARG D 80 -12.03 -16.27 48.12
CA ARG D 80 -13.15 -17.19 48.00
C ARG D 80 -13.95 -16.92 46.73
N ILE D 81 -13.27 -17.13 45.59
CA ILE D 81 -13.88 -16.86 44.30
C ILE D 81 -15.04 -17.81 44.02
N ASP D 82 -14.86 -19.09 44.35
CA ASP D 82 -15.85 -20.11 44.01
C ASP D 82 -17.16 -19.97 44.79
N ASP D 83 -17.18 -19.18 45.85
CA ASP D 83 -18.36 -19.06 46.69
C ASP D 83 -19.31 -17.94 46.25
N HIS D 84 -19.02 -17.25 45.16
CA HIS D 84 -19.85 -16.14 44.71
C HIS D 84 -20.09 -16.25 43.22
N ASP D 85 -21.19 -15.63 42.77
CA ASP D 85 -21.56 -15.57 41.36
C ASP D 85 -21.25 -14.16 40.88
N PHE D 86 -20.16 -14.02 40.12
CA PHE D 86 -19.69 -12.71 39.68
C PHE D 86 -20.34 -12.25 38.38
N SER D 87 -21.51 -12.80 38.03
CA SER D 87 -22.25 -12.29 36.88
C SER D 87 -23.06 -11.05 37.21
N MET D 88 -23.11 -10.65 38.48
CA MET D 88 -23.85 -9.48 38.93
C MET D 88 -22.89 -8.47 39.55
N ARG D 89 -23.11 -7.20 39.25
CA ARG D 89 -22.24 -6.14 39.74
C ARG D 89 -22.40 -5.99 41.25
N PRO D 90 -21.40 -5.41 41.93
CA PRO D 90 -21.55 -5.12 43.35
C PRO D 90 -22.71 -4.18 43.60
N GLY D 91 -23.42 -4.39 44.70
CA GLY D 91 -24.62 -3.64 44.98
C GLY D 91 -25.73 -3.88 43.99
N PHE D 92 -25.85 -5.11 43.48
CA PHE D 92 -26.88 -5.44 42.50
C PHE D 92 -28.27 -5.20 43.09
N GLY D 93 -29.13 -4.55 42.32
CA GLY D 93 -30.46 -4.21 42.78
C GLY D 93 -30.53 -3.02 43.70
N GLY D 94 -29.45 -2.25 43.83
CA GLY D 94 -29.43 -1.10 44.70
C GLY D 94 -28.83 0.12 44.04
N PRO D 95 -28.20 0.99 44.82
CA PRO D 95 -27.60 2.21 44.28
C PRO D 95 -26.43 1.90 43.37
N ALA D 96 -26.01 2.94 42.65
CA ALA D 96 -24.90 2.80 41.70
C ALA D 96 -23.57 2.63 42.44
N ILE D 97 -22.61 2.05 41.73
CA ILE D 97 -21.27 1.81 42.26
C ILE D 97 -20.31 2.82 41.66
N PRO D 98 -19.64 3.64 42.45
CA PRO D 98 -18.70 4.63 41.90
C PRO D 98 -17.45 3.96 41.33
N VAL D 99 -16.96 4.53 40.23
CA VAL D 99 -15.75 4.05 39.56
C VAL D 99 -14.88 5.25 39.19
N GLY D 100 -13.60 5.20 39.56
CA GLY D 100 -12.65 6.24 39.23
C GLY D 100 -11.71 5.80 38.13
N VAL D 101 -11.21 6.78 37.38
CA VAL D 101 -10.37 6.52 36.21
C VAL D 101 -9.13 7.40 36.27
N ASP D 102 -7.97 6.82 35.95
CA ASP D 102 -6.73 7.55 35.77
C ASP D 102 -6.12 7.16 34.42
N VAL D 103 -5.47 8.12 33.77
CA VAL D 103 -4.93 7.92 32.43
C VAL D 103 -3.52 8.51 32.38
N GLN D 104 -2.59 7.76 31.78
CA GLN D 104 -1.27 8.27 31.45
C GLN D 104 -1.01 8.02 29.96
N VAL D 105 -0.75 9.10 29.23
CA VAL D 105 -0.53 9.00 27.79
C VAL D 105 0.93 8.64 27.54
N GLU D 106 1.16 7.66 26.66
CA GLU D 106 2.52 7.23 26.35
C GLU D 106 3.06 7.91 25.09
N SER D 107 2.32 7.85 23.98
CA SER D 107 2.76 8.47 22.75
C SER D 107 1.59 8.61 21.79
N LEU D 108 1.75 9.52 20.83
CA LEU D 108 0.85 9.64 19.69
C LEU D 108 1.59 9.14 18.46
N ASP D 109 0.97 8.20 17.73
CA ASP D 109 1.67 7.47 16.69
C ASP D 109 1.64 8.19 15.34
N SER D 110 0.45 8.45 14.80
CA SER D 110 0.36 9.02 13.46
C SER D 110 -0.94 9.80 13.33
N ILE D 111 -0.95 10.70 12.33
CA ILE D 111 -2.10 11.51 11.99
C ILE D 111 -2.31 11.44 10.48
N SER D 112 -3.54 11.19 10.06
CA SER D 112 -3.87 11.06 8.64
C SER D 112 -4.85 12.16 8.25
N GLU D 113 -4.48 12.95 7.24
CA GLU D 113 -5.38 13.98 6.74
C GLU D 113 -6.48 13.40 5.87
N VAL D 114 -6.15 12.39 5.05
CA VAL D 114 -7.15 11.82 4.14
C VAL D 114 -8.23 11.07 4.91
N ASP D 115 -7.84 10.38 5.98
CA ASP D 115 -8.79 9.60 6.78
C ASP D 115 -9.31 10.35 7.99
N MET D 116 -8.63 11.42 8.40
CA MET D 116 -9.06 12.28 9.50
C MET D 116 -9.21 11.48 10.80
N ASP D 117 -8.09 10.93 11.25
CA ASP D 117 -8.04 10.19 12.51
C ASP D 117 -6.61 10.22 13.05
N PHE D 118 -6.48 9.81 14.32
CA PHE D 118 -5.20 9.77 14.99
C PHE D 118 -5.09 8.48 15.82
N THR D 119 -3.86 8.12 16.16
CA THR D 119 -3.58 6.91 16.93
C THR D 119 -2.88 7.29 18.23
N MET D 120 -3.33 6.71 19.34
CA MET D 120 -2.79 7.02 20.65
C MET D 120 -2.59 5.74 21.45
N THR D 121 -1.52 5.70 22.23
CA THR D 121 -1.23 4.62 23.16
C THR D 121 -1.23 5.20 24.57
N LEU D 122 -1.87 4.49 25.50
CA LEU D 122 -2.07 5.03 26.84
C LEU D 122 -2.24 3.89 27.84
N TYR D 123 -2.11 4.25 29.12
CA TYR D 123 -2.40 3.34 30.23
C TYR D 123 -3.72 3.76 30.88
N LEU D 124 -4.62 2.80 31.05
CA LEU D 124 -5.94 3.06 31.61
C LEU D 124 -6.07 2.34 32.94
N ARG D 125 -6.53 3.06 33.96
CA ARG D 125 -6.64 2.52 35.31
C ARG D 125 -8.06 2.71 35.83
N HIS D 126 -8.50 1.75 36.64
CA HIS D 126 -9.84 1.77 37.22
C HIS D 126 -9.75 1.57 38.73
N TYR D 127 -10.70 2.17 39.45
CA TYR D 127 -10.77 2.06 40.90
C TYR D 127 -12.21 1.78 41.32
N TRP D 128 -12.40 0.78 42.16
CA TRP D 128 -13.71 0.48 42.72
C TRP D 128 -13.52 -0.38 43.96
N LYS D 129 -14.63 -0.72 44.62
CA LYS D 129 -14.62 -1.52 45.82
C LYS D 129 -15.58 -2.68 45.68
N ASP D 130 -15.16 -3.86 46.15
CA ASP D 130 -15.99 -5.06 46.10
C ASP D 130 -15.72 -5.86 47.36
N GLU D 131 -16.74 -5.96 48.23
CA GLU D 131 -16.58 -6.66 49.50
C GLU D 131 -16.41 -8.17 49.32
N ARG D 132 -16.77 -8.71 48.15
CA ARG D 132 -16.66 -10.14 47.93
C ARG D 132 -15.21 -10.60 47.76
N LEU D 133 -14.28 -9.67 47.56
CA LEU D 133 -12.87 -10.00 47.37
C LEU D 133 -12.04 -9.77 48.63
N SER D 134 -12.67 -9.57 49.76
CA SER D 134 -11.94 -9.33 51.00
C SER D 134 -11.25 -10.59 51.50
N PHE D 135 -10.08 -10.41 52.11
CA PHE D 135 -9.33 -11.51 52.69
C PHE D 135 -8.69 -11.02 53.98
N PRO D 136 -8.45 -11.91 54.94
CA PRO D 136 -7.87 -11.47 56.23
C PRO D 136 -6.37 -11.31 56.15
N SER D 137 -5.87 -10.27 56.82
CA SER D 137 -4.45 -10.00 56.91
C SER D 137 -4.20 -9.06 58.07
N THR D 138 -2.93 -8.97 58.47
CA THR D 138 -2.52 -8.11 59.57
C THR D 138 -1.71 -6.89 59.14
N ASN D 139 -1.18 -6.89 57.91
CA ASN D 139 -0.33 -5.81 57.46
C ASN D 139 -1.10 -4.66 56.83
N ASN D 140 -2.28 -4.92 56.27
CA ASN D 140 -3.10 -3.91 55.59
C ASN D 140 -2.32 -3.27 54.44
N LEU D 141 -1.90 -4.11 53.50
CA LEU D 141 -1.13 -3.68 52.35
C LEU D 141 -1.66 -4.34 51.10
N SER D 142 -1.50 -3.65 49.96
CA SER D 142 -1.97 -4.19 48.69
C SER D 142 -1.15 -5.40 48.28
N MET D 143 -1.83 -6.38 47.69
CA MET D 143 -1.20 -7.60 47.19
C MET D 143 -1.47 -7.71 45.69
N THR D 144 -0.47 -8.19 44.95
CA THR D 144 -0.53 -8.26 43.50
C THR D 144 -0.72 -9.70 43.04
N PHE D 145 -1.63 -9.89 42.09
CA PHE D 145 -1.91 -11.19 41.50
C PHE D 145 -1.51 -11.21 40.03
N ASP D 146 -1.31 -12.42 39.50
CA ASP D 146 -0.67 -12.57 38.20
C ASP D 146 -1.49 -11.96 37.07
N GLY D 147 -2.79 -11.76 37.25
CA GLY D 147 -3.60 -11.08 36.27
C GLY D 147 -4.50 -11.96 35.43
N ARG D 148 -4.32 -13.28 35.47
CA ARG D 148 -5.24 -14.18 34.79
C ARG D 148 -6.46 -14.50 35.62
N LEU D 149 -6.51 -14.02 36.87
CA LEU D 149 -7.69 -14.12 37.71
C LEU D 149 -8.76 -13.11 37.33
N VAL D 150 -8.44 -12.16 36.43
CA VAL D 150 -9.39 -11.14 36.03
C VAL D 150 -10.60 -11.76 35.36
N LYS D 151 -10.38 -12.76 34.50
CA LYS D 151 -11.45 -13.41 33.75
C LYS D 151 -12.43 -14.18 34.64
N LYS D 152 -12.28 -14.17 35.96
CA LYS D 152 -13.20 -14.86 36.86
C LYS D 152 -13.90 -13.94 37.84
N ILE D 153 -13.71 -12.62 37.74
CA ILE D 153 -14.34 -11.66 38.64
C ILE D 153 -14.99 -10.57 37.82
N TRP D 154 -15.80 -9.75 38.49
CA TRP D 154 -16.52 -8.67 37.83
C TRP D 154 -15.58 -7.52 37.50
N VAL D 155 -15.65 -7.03 36.27
CA VAL D 155 -14.77 -5.97 35.78
C VAL D 155 -15.62 -4.96 35.00
N PRO D 156 -15.34 -3.66 35.08
CA PRO D 156 -16.11 -2.68 34.32
C PRO D 156 -16.02 -2.93 32.81
N ASP D 157 -16.85 -2.20 32.07
CA ASP D 157 -17.09 -2.44 30.65
C ASP D 157 -16.90 -1.16 29.85
N MET D 158 -15.80 -0.45 30.10
CA MET D 158 -15.54 0.81 29.40
C MET D 158 -15.17 0.55 27.94
N PHE D 159 -15.53 1.50 27.08
CA PHE D 159 -15.18 1.44 25.67
C PHE D 159 -14.96 2.85 25.15
N PHE D 160 -14.24 2.95 24.03
CA PHE D 160 -13.89 4.23 23.44
C PHE D 160 -14.91 4.58 22.36
N VAL D 161 -15.61 5.69 22.54
CA VAL D 161 -16.64 6.12 21.61
C VAL D 161 -16.01 6.73 20.37
N HIS D 162 -16.65 6.52 19.22
CA HIS D 162 -16.23 7.03 17.92
C HIS D 162 -14.84 6.56 17.52
N SER D 163 -14.44 5.38 17.98
CA SER D 163 -13.16 4.80 17.60
C SER D 163 -13.31 3.92 16.36
N LYS D 164 -12.24 3.85 15.58
CA LYS D 164 -12.24 3.05 14.36
C LYS D 164 -11.70 1.64 14.61
N ARG D 165 -10.60 1.52 15.34
CA ARG D 165 -10.03 0.21 15.65
C ARG D 165 -9.15 0.34 16.88
N SER D 166 -8.99 -0.77 17.60
CA SER D 166 -8.18 -0.78 18.82
C SER D 166 -7.90 -2.21 19.22
N PHE D 167 -6.91 -2.38 20.09
CA PHE D 167 -6.50 -3.71 20.54
C PHE D 167 -5.74 -3.57 21.86
N ILE D 168 -5.52 -4.71 22.51
CA ILE D 168 -4.78 -4.79 23.76
C ILE D 168 -3.53 -5.62 23.54
N HIS D 169 -2.39 -5.12 24.00
CA HIS D 169 -1.12 -5.83 23.83
C HIS D 169 -1.11 -7.10 24.66
N ASP D 170 -0.50 -8.15 24.11
CA ASP D 170 -0.54 -9.46 24.75
C ASP D 170 0.79 -10.21 24.67
N THR D 171 1.91 -9.48 24.73
CA THR D 171 3.24 -10.08 24.69
C THR D 171 4.06 -9.53 25.84
N THR D 172 4.70 -10.41 26.62
CA THR D 172 4.64 -11.86 26.41
C THR D 172 3.38 -12.46 27.03
N THR D 173 2.63 -11.63 27.74
CA THR D 173 1.34 -12.01 28.30
C THR D 173 0.42 -10.80 28.21
N ASP D 174 -0.83 -11.00 28.59
CA ASP D 174 -1.79 -9.90 28.61
C ASP D 174 -1.30 -8.81 29.57
N ASN D 175 -1.24 -7.58 29.09
CA ASN D 175 -0.77 -6.44 29.89
C ASN D 175 -1.89 -6.04 30.84
N VAL D 176 -2.04 -6.82 31.91
CA VAL D 176 -3.11 -6.64 32.89
C VAL D 176 -2.50 -6.64 34.28
N MET D 177 -2.93 -5.70 35.12
CA MET D 177 -2.52 -5.63 36.51
C MET D 177 -3.74 -5.70 37.40
N LEU D 178 -3.65 -6.48 38.47
CA LEU D 178 -4.73 -6.65 39.43
C LEU D 178 -4.16 -6.60 40.84
N ARG D 179 -4.61 -5.63 41.63
CA ARG D 179 -4.18 -5.48 43.01
C ARG D 179 -5.41 -5.34 43.89
N VAL D 180 -5.46 -6.12 44.96
CA VAL D 180 -6.61 -6.15 45.86
C VAL D 180 -6.13 -5.89 47.29
N GLN D 181 -6.76 -4.93 47.95
CA GLN D 181 -6.50 -4.60 49.35
C GLN D 181 -7.32 -5.50 50.26
N PRO D 182 -6.94 -5.61 51.53
CA PRO D 182 -7.70 -6.50 52.44
C PRO D 182 -9.17 -6.15 52.56
N ASP D 183 -9.52 -4.87 52.50
CA ASP D 183 -10.92 -4.45 52.65
C ASP D 183 -11.73 -4.59 51.38
N GLY D 184 -11.10 -4.92 50.25
CA GLY D 184 -11.79 -5.15 49.00
C GLY D 184 -11.57 -4.12 47.92
N LYS D 185 -10.75 -3.10 48.17
CA LYS D 185 -10.45 -2.13 47.11
C LYS D 185 -9.62 -2.78 46.01
N VAL D 186 -9.96 -2.46 44.77
CA VAL D 186 -9.38 -3.12 43.59
C VAL D 186 -8.78 -2.06 42.69
N LEU D 187 -7.57 -2.33 42.20
CA LEU D 187 -6.90 -1.51 41.19
C LEU D 187 -6.69 -2.35 39.95
N TYR D 188 -7.12 -1.84 38.79
CA TYR D 188 -7.07 -2.56 37.54
C TYR D 188 -6.47 -1.66 36.47
N SER D 189 -5.53 -2.19 35.68
CA SER D 189 -4.80 -1.39 34.71
C SER D 189 -4.69 -2.14 33.39
N LEU D 190 -4.55 -1.38 32.31
CA LEU D 190 -4.46 -1.94 30.96
C LEU D 190 -3.56 -1.07 30.10
N ARG D 191 -3.04 -1.66 29.02
CA ARG D 191 -2.28 -0.94 28.01
C ARG D 191 -2.94 -1.18 26.66
N VAL D 192 -3.46 -0.11 26.05
CA VAL D 192 -4.24 -0.23 24.83
C VAL D 192 -3.74 0.79 23.81
N THR D 193 -4.05 0.52 22.55
CA THR D 193 -3.81 1.44 21.44
C THR D 193 -5.13 1.67 20.72
N VAL D 194 -5.51 2.94 20.57
CA VAL D 194 -6.83 3.31 20.08
C VAL D 194 -6.68 4.27 18.91
N THR D 195 -7.48 4.06 17.87
CA THR D 195 -7.59 4.97 16.75
C THR D 195 -8.97 5.62 16.79
N ALA D 196 -9.00 6.95 16.77
CA ALA D 196 -10.23 7.71 16.89
C ALA D 196 -10.29 8.79 15.83
N MET D 197 -11.52 9.15 15.45
CA MET D 197 -11.74 10.13 14.39
C MET D 197 -11.69 11.54 14.93
N CYS D 198 -11.32 12.48 14.05
CA CYS D 198 -11.25 13.89 14.40
C CYS D 198 -11.63 14.71 13.17
N ASN D 199 -12.58 15.62 13.33
CA ASN D 199 -13.09 16.43 12.22
C ASN D 199 -12.21 17.67 12.07
N MET D 200 -11.26 17.58 11.15
CA MET D 200 -10.33 18.68 10.93
C MET D 200 -10.85 19.64 9.87
N ASP D 201 -10.38 20.89 9.95
CA ASP D 201 -10.73 21.94 9.01
C ASP D 201 -9.47 22.42 8.30
N PHE D 202 -9.51 22.49 6.97
CA PHE D 202 -8.35 22.84 6.18
C PHE D 202 -8.52 24.16 5.42
N SER D 203 -9.36 25.06 5.94
CA SER D 203 -9.55 26.34 5.27
C SER D 203 -8.28 27.18 5.28
N ARG D 204 -7.51 27.10 6.36
CA ARG D 204 -6.28 27.86 6.51
C ARG D 204 -5.03 27.01 6.29
N PHE D 205 -5.16 25.85 5.67
CA PHE D 205 -4.02 24.98 5.42
C PHE D 205 -2.99 25.71 4.55
N PRO D 206 -1.68 25.55 4.81
CA PRO D 206 -1.08 24.74 5.87
C PRO D 206 -0.81 25.49 7.18
N LEU D 207 -1.43 26.65 7.36
CA LEU D 207 -1.28 27.44 8.58
C LEU D 207 -2.42 27.22 9.56
N ASP D 208 -2.96 26.01 9.61
CA ASP D 208 -4.14 25.71 10.40
C ASP D 208 -3.77 25.16 11.78
N THR D 209 -4.74 25.23 12.68
CA THR D 209 -4.63 24.68 14.03
C THR D 209 -5.82 23.77 14.27
N GLN D 210 -5.56 22.56 14.77
CA GLN D 210 -6.58 21.54 14.92
C GLN D 210 -6.69 21.11 16.37
N THR D 211 -7.92 20.79 16.78
CA THR D 211 -8.21 20.27 18.11
C THR D 211 -8.93 18.95 18.00
N CYS D 212 -8.50 17.97 18.80
CA CYS D 212 -9.09 16.63 18.78
C CYS D 212 -9.32 16.17 20.21
N SER D 213 -10.15 15.14 20.35
CA SER D 213 -10.51 14.64 21.68
C SER D 213 -10.68 13.13 21.65
N LEU D 214 -10.56 12.52 22.82
CA LEU D 214 -10.78 11.10 23.02
C LEU D 214 -11.85 10.91 24.09
N GLU D 215 -12.81 10.02 23.82
CA GLU D 215 -13.99 9.85 24.67
C GLU D 215 -14.01 8.45 25.28
N ILE D 216 -14.34 8.40 26.57
CA ILE D 216 -14.42 7.14 27.31
C ILE D 216 -15.80 7.05 27.94
N GLU D 217 -16.45 5.90 27.76
CA GLU D 217 -17.82 5.71 28.24
C GLU D 217 -18.04 4.24 28.55
N SER D 218 -18.94 3.97 29.48
CA SER D 218 -19.34 2.61 29.80
C SER D 218 -20.44 2.16 28.85
N TYR D 219 -20.33 0.92 28.35
CA TYR D 219 -21.24 0.45 27.31
C TYR D 219 -22.57 -0.02 27.88
N ALA D 220 -22.54 -0.89 28.89
CA ALA D 220 -23.74 -1.59 29.30
C ALA D 220 -24.52 -0.88 30.41
N TYR D 221 -23.83 -0.24 31.35
CA TYR D 221 -24.47 0.29 32.56
C TYR D 221 -24.76 1.78 32.41
N THR D 222 -25.98 2.18 32.78
CA THR D 222 -26.38 3.57 32.73
C THR D 222 -25.96 4.29 34.02
N GLU D 223 -26.33 5.57 34.12
CA GLU D 223 -25.96 6.36 35.29
C GLU D 223 -26.69 5.90 36.55
N ASP D 224 -27.76 5.13 36.43
CA ASP D 224 -28.47 4.62 37.58
C ASP D 224 -27.83 3.36 38.17
N ASP D 225 -26.83 2.79 37.48
CA ASP D 225 -26.15 1.60 37.95
C ASP D 225 -24.65 1.77 38.12
N LEU D 226 -24.04 2.72 37.42
CA LEU D 226 -22.61 2.94 37.50
C LEU D 226 -22.32 4.42 37.30
N MET D 227 -21.56 5.00 38.23
CA MET D 227 -21.16 6.41 38.18
C MET D 227 -19.69 6.49 37.79
N LEU D 228 -19.41 7.25 36.73
CA LEU D 228 -18.07 7.37 36.18
C LEU D 228 -17.55 8.79 36.41
N TYR D 229 -16.37 8.91 36.99
CA TYR D 229 -15.79 10.22 37.29
C TYR D 229 -14.27 10.10 37.33
N TRP D 230 -13.61 11.25 37.16
CA TRP D 230 -12.16 11.29 37.26
C TRP D 230 -11.72 11.12 38.71
N LYS D 231 -10.68 10.31 38.92
CA LYS D 231 -10.28 9.95 40.27
C LYS D 231 -9.81 11.17 41.06
N LYS D 232 -9.00 12.03 40.44
CA LYS D 232 -8.40 13.17 41.14
C LYS D 232 -8.61 14.48 40.39
N GLY D 233 -9.68 14.56 39.59
CA GLY D 233 -9.99 15.81 38.91
C GLY D 233 -8.96 16.14 37.85
N ASN D 234 -8.45 17.37 37.89
CA ASN D 234 -7.50 17.83 36.88
C ASN D 234 -6.17 17.10 36.95
N ASP D 235 -5.85 16.47 38.08
CA ASP D 235 -4.57 15.79 38.25
C ASP D 235 -4.60 14.35 37.76
N SER D 236 -5.71 13.89 37.18
CA SER D 236 -5.83 12.49 36.79
C SER D 236 -5.18 12.18 35.44
N LEU D 237 -4.66 13.18 34.74
CA LEU D 237 -4.05 12.98 33.43
C LEU D 237 -2.55 13.28 33.51
N LYS D 238 -1.75 12.35 33.02
CA LYS D 238 -0.30 12.50 32.95
C LYS D 238 0.17 12.20 31.53
N THR D 239 1.27 12.83 31.14
CA THR D 239 1.82 12.66 29.80
C THR D 239 3.31 12.37 29.88
N ASP D 240 3.78 11.52 28.97
CA ASP D 240 5.20 11.22 28.88
C ASP D 240 5.95 12.37 28.24
N GLU D 241 7.16 12.65 28.73
CA GLU D 241 7.95 13.74 28.18
C GLU D 241 8.50 13.42 26.79
N ARG D 242 8.40 12.18 26.35
CA ARG D 242 8.91 11.77 25.05
C ARG D 242 7.87 11.89 23.94
N ILE D 243 6.67 12.37 24.24
CA ILE D 243 5.65 12.55 23.21
C ILE D 243 6.11 13.64 22.25
N SER D 244 6.19 13.31 20.97
CA SER D 244 6.66 14.26 19.97
C SER D 244 6.14 13.86 18.60
N LEU D 245 5.86 14.87 17.78
CA LEU D 245 5.46 14.70 16.39
C LEU D 245 6.34 15.55 15.50
N SER D 246 6.77 14.98 14.37
CA SER D 246 7.71 15.68 13.51
C SER D 246 7.05 16.89 12.83
N GLN D 247 5.76 16.78 12.51
CA GLN D 247 5.08 17.83 11.76
C GLN D 247 4.19 18.72 12.61
N PHE D 248 3.87 18.31 13.84
CA PHE D 248 2.91 19.04 14.67
C PHE D 248 3.51 19.37 16.02
N LEU D 249 2.97 20.42 16.64
CA LEU D 249 3.32 20.82 18.00
C LEU D 249 2.14 20.56 18.92
N ILE D 250 2.38 19.81 19.99
CA ILE D 250 1.32 19.34 20.88
C ILE D 250 1.29 20.21 22.13
N GLN D 251 0.10 20.64 22.53
CA GLN D 251 -0.04 21.54 23.67
C GLN D 251 -1.45 21.43 24.23
N GLU D 252 -1.61 21.92 25.46
CA GLU D 252 -2.93 22.14 26.09
C GLU D 252 -3.69 20.83 26.32
N PHE D 253 -3.09 19.92 27.09
CA PHE D 253 -3.80 18.74 27.55
C PHE D 253 -4.68 19.07 28.74
N HIS D 254 -5.97 18.72 28.65
CA HIS D 254 -6.90 18.90 29.77
C HIS D 254 -8.06 17.94 29.60
N THR D 255 -8.81 17.76 30.69
CA THR D 255 -9.90 16.80 30.74
C THR D 255 -11.21 17.49 31.12
N THR D 256 -12.31 16.98 30.56
CA THR D 256 -13.64 17.48 30.85
C THR D 256 -14.60 16.30 30.98
N THR D 257 -15.85 16.60 31.34
CA THR D 257 -16.86 15.59 31.59
C THR D 257 -18.21 16.08 31.12
N LYS D 258 -19.00 15.19 30.52
CA LYS D 258 -20.32 15.55 30.01
C LYS D 258 -21.20 14.30 29.96
N LEU D 259 -22.50 14.52 30.02
CA LEU D 259 -23.48 13.44 29.92
C LEU D 259 -23.84 13.16 28.47
N ALA D 260 -24.31 11.93 28.22
CA ALA D 260 -24.74 11.51 26.90
C ALA D 260 -26.08 10.80 27.01
N PHE D 261 -26.90 10.94 25.97
CA PHE D 261 -28.24 10.37 25.94
C PHE D 261 -28.42 9.54 24.68
N TYR D 262 -28.94 8.33 24.84
CA TYR D 262 -29.36 7.48 23.73
C TYR D 262 -30.87 7.28 23.83
N SER D 263 -31.57 7.46 22.72
CA SER D 263 -33.03 7.53 22.74
C SER D 263 -33.68 6.23 23.18
N SER D 264 -32.99 5.10 23.08
CA SER D 264 -33.60 3.80 23.35
C SER D 264 -32.95 3.03 24.50
N THR D 265 -31.93 3.58 25.16
CA THR D 265 -31.29 2.90 26.29
C THR D 265 -31.18 3.73 27.55
N GLY D 266 -31.04 5.06 27.46
CA GLY D 266 -30.95 5.88 28.65
C GLY D 266 -29.78 6.85 28.66
N TRP D 267 -29.41 7.33 29.85
CA TRP D 267 -28.37 8.32 30.02
C TRP D 267 -27.05 7.67 30.41
N TYR D 268 -25.95 8.25 29.91
CA TYR D 268 -24.61 7.77 30.22
C TYR D 268 -23.70 8.96 30.47
N ASN D 269 -22.58 8.70 31.13
CA ASN D 269 -21.60 9.73 31.47
C ASN D 269 -20.32 9.48 30.69
N ARG D 270 -19.77 10.55 30.11
CA ARG D 270 -18.58 10.47 29.27
C ARG D 270 -17.43 11.25 29.89
N LEU D 271 -16.22 10.81 29.58
CA LEU D 271 -14.99 11.50 29.97
C LEU D 271 -14.23 11.89 28.71
N TYR D 272 -13.60 13.07 28.75
CA TYR D 272 -12.94 13.64 27.58
C TYR D 272 -11.47 13.92 27.86
N ILE D 273 -10.64 13.74 26.85
CA ILE D 273 -9.24 14.14 26.87
C ILE D 273 -8.99 15.00 25.64
N ASN D 274 -8.55 16.24 25.85
CA ASN D 274 -8.44 17.22 24.78
C ASN D 274 -7.00 17.67 24.61
N PHE D 275 -6.62 17.97 23.37
CA PHE D 275 -5.30 18.48 23.05
C PHE D 275 -5.37 19.28 21.76
N THR D 276 -4.33 20.08 21.51
CA THR D 276 -4.27 20.97 20.37
C THR D 276 -2.99 20.71 19.58
N LEU D 277 -3.07 20.92 18.26
CA LEU D 277 -1.96 20.67 17.35
C LEU D 277 -1.72 21.88 16.47
N ARG D 278 -0.44 22.17 16.19
CA ARG D 278 -0.06 23.26 15.30
C ARG D 278 1.01 22.77 14.35
N ARG D 279 0.86 23.08 13.06
CA ARG D 279 1.75 22.59 12.04
C ARG D 279 3.07 23.37 12.04
N HIS D 280 4.04 22.83 11.30
CA HIS D 280 5.31 23.51 11.03
C HIS D 280 5.31 23.98 9.58
N ILE D 281 5.63 25.26 9.37
CA ILE D 281 5.50 25.88 8.06
C ILE D 281 6.77 25.77 7.23
N PHE D 282 7.89 25.31 7.80
CA PHE D 282 9.16 25.34 7.09
C PHE D 282 9.12 24.49 5.82
N PHE D 283 8.58 23.27 5.91
CA PHE D 283 8.59 22.38 4.76
C PHE D 283 7.78 22.95 3.60
N PHE D 284 6.61 23.52 3.90
CA PHE D 284 5.74 24.00 2.82
C PHE D 284 6.31 25.25 2.15
N LEU D 285 7.06 26.05 2.90
CA LEU D 285 7.71 27.22 2.31
C LEU D 285 8.70 26.80 1.22
N LEU D 286 9.59 25.88 1.55
CA LEU D 286 10.61 25.45 0.58
C LEU D 286 10.00 24.66 -0.57
N GLN D 287 8.94 23.91 -0.31
CA GLN D 287 8.39 23.02 -1.32
C GLN D 287 7.40 23.70 -2.27
N THR D 288 6.62 24.66 -1.78
CA THR D 288 5.57 25.26 -2.59
C THR D 288 5.74 26.76 -2.78
N TYR D 289 5.97 27.51 -1.70
CA TYR D 289 5.97 28.97 -1.81
C TYR D 289 7.21 29.50 -2.52
N PHE D 290 8.37 28.86 -2.30
CA PHE D 290 9.59 29.35 -2.93
C PHE D 290 9.67 29.00 -4.42
N PRO D 291 9.40 27.75 -4.85
CA PRO D 291 9.41 27.49 -6.31
C PRO D 291 8.40 28.32 -7.07
N ALA D 292 7.24 28.62 -6.48
CA ALA D 292 6.23 29.42 -7.16
C ALA D 292 6.73 30.84 -7.41
N THR D 293 7.38 31.43 -6.41
CA THR D 293 7.88 32.80 -6.56
C THR D 293 8.96 32.90 -7.63
N LEU D 294 9.86 31.91 -7.69
CA LEU D 294 10.95 31.94 -8.65
C LEU D 294 10.45 31.85 -10.08
N MET D 295 9.43 31.02 -10.32
CA MET D 295 8.89 30.88 -11.67
C MET D 295 8.25 32.17 -12.14
N VAL D 296 7.61 32.91 -11.23
CA VAL D 296 7.04 34.21 -11.60
C VAL D 296 8.15 35.18 -12.00
N MET D 297 9.24 35.22 -11.23
CA MET D 297 10.33 36.14 -11.54
C MET D 297 11.06 35.74 -12.82
N LEU D 298 10.98 34.47 -13.22
CA LEU D 298 11.56 34.07 -14.50
C LEU D 298 10.81 34.71 -15.67
N SER D 299 9.51 34.93 -15.53
CA SER D 299 8.74 35.56 -16.61
C SER D 299 9.08 37.02 -16.76
N TRP D 300 9.58 37.67 -15.71
CA TRP D 300 9.88 39.09 -15.76
C TRP D 300 11.14 39.39 -16.56
N VAL D 301 12.03 38.40 -16.76
CA VAL D 301 13.25 38.65 -17.51
C VAL D 301 12.96 38.84 -18.99
N SER D 302 11.77 38.46 -19.47
CA SER D 302 11.44 38.64 -20.87
C SER D 302 11.18 40.09 -21.24
N PHE D 303 10.89 40.94 -20.24
CA PHE D 303 10.68 42.35 -20.51
C PHE D 303 11.96 43.11 -20.84
N TRP D 304 13.13 42.50 -20.58
CA TRP D 304 14.41 43.13 -20.83
C TRP D 304 15.11 42.59 -22.07
N ILE D 305 14.43 41.77 -22.87
CA ILE D 305 14.99 41.19 -24.08
C ILE D 305 14.40 41.92 -25.28
N ASP D 306 15.23 42.06 -26.33
CA ASP D 306 14.80 42.75 -27.54
C ASP D 306 13.56 42.09 -28.13
N ARG D 307 12.59 42.92 -28.54
CA ARG D 307 11.32 42.42 -29.03
C ARG D 307 11.40 41.80 -30.41
N ARG D 308 12.54 41.95 -31.11
CA ARG D 308 12.67 41.37 -32.44
C ARG D 308 13.00 39.88 -32.39
N ALA D 309 13.35 39.36 -31.22
CA ALA D 309 13.64 37.92 -31.06
C ALA D 309 12.36 37.19 -30.69
N VAL D 310 11.50 37.02 -31.70
CA VAL D 310 10.22 36.34 -31.48
C VAL D 310 10.39 34.90 -31.04
N PRO D 311 11.22 34.06 -31.67
CA PRO D 311 11.37 32.69 -31.20
C PRO D 311 12.14 32.56 -29.89
N ALA D 312 12.55 33.66 -29.27
CA ALA D 312 13.26 33.61 -28.00
C ALA D 312 12.35 33.91 -26.81
N ARG D 313 11.42 34.86 -26.96
CA ARG D 313 10.57 35.26 -25.86
C ARG D 313 9.31 34.41 -25.74
N VAL D 314 8.79 33.90 -26.86
CA VAL D 314 7.57 33.08 -26.83
C VAL D 314 7.82 31.78 -26.07
N PRO D 315 8.86 31.00 -26.36
CA PRO D 315 9.07 29.78 -25.56
C PRO D 315 9.30 30.04 -24.09
N LEU D 316 9.94 31.16 -23.73
CA LEU D 316 10.19 31.47 -22.32
C LEU D 316 8.88 31.64 -21.57
N GLY D 317 7.94 32.40 -22.14
CA GLY D 317 6.66 32.59 -21.48
C GLY D 317 5.83 31.32 -21.40
N ILE D 318 5.80 30.55 -22.49
CA ILE D 318 4.96 29.35 -22.54
C ILE D 318 5.45 28.31 -21.54
N THR D 319 6.77 28.11 -21.48
CA THR D 319 7.31 27.04 -20.64
C THR D 319 7.09 27.31 -19.15
N THR D 320 7.14 28.59 -18.75
CA THR D 320 6.88 28.91 -17.35
C THR D 320 5.43 28.65 -16.97
N VAL D 321 4.51 28.87 -17.92
CA VAL D 321 3.09 28.58 -17.66
C VAL D 321 2.90 27.09 -17.39
N LEU D 322 3.51 26.24 -18.22
CA LEU D 322 3.34 24.80 -18.06
C LEU D 322 3.97 24.30 -16.77
N THR D 323 5.16 24.82 -16.42
CA THR D 323 5.80 24.43 -15.17
C THR D 323 4.98 24.84 -13.96
N MET D 324 4.39 26.04 -14.01
CA MET D 324 3.53 26.48 -12.91
C MET D 324 2.31 25.57 -12.77
N SER D 325 1.76 25.10 -13.90
CA SER D 325 0.65 24.16 -13.84
C SER D 325 1.06 22.85 -13.18
N THR D 326 2.29 22.38 -13.46
CA THR D 326 2.78 21.17 -12.84
C THR D 326 2.89 21.31 -11.33
N ILE D 327 3.39 22.45 -10.86
CA ILE D 327 3.52 22.67 -9.42
C ILE D 327 2.16 22.69 -8.74
N ILE D 328 1.16 23.28 -9.39
CA ILE D 328 -0.19 23.32 -8.83
C ILE D 328 -0.75 21.92 -8.69
N THR D 329 -0.56 21.08 -9.70
CA THR D 329 -1.12 19.72 -9.66
C THR D 329 -0.50 18.90 -8.55
N GLY D 330 0.81 19.02 -8.34
CA GLY D 330 1.49 18.14 -7.39
C GLY D 330 1.08 18.36 -5.95
N VAL D 331 0.61 19.57 -5.62
CA VAL D 331 0.27 19.88 -4.23
C VAL D 331 -0.96 19.09 -3.79
N ASN D 332 -1.96 18.95 -4.67
CA ASN D 332 -3.24 18.36 -4.30
C ASN D 332 -3.17 16.85 -4.09
N ALA D 333 -2.04 16.22 -4.41
CA ALA D 333 -1.95 14.76 -4.31
C ALA D 333 -2.03 14.27 -2.87
N SER D 334 -1.56 15.08 -1.92
CA SER D 334 -1.44 14.65 -0.53
C SER D 334 -2.62 15.06 0.35
N MET D 335 -3.67 15.64 -0.23
CA MET D 335 -4.76 16.17 0.58
C MET D 335 -6.09 15.56 0.18
N PRO D 336 -7.07 15.50 1.10
CA PRO D 336 -8.39 14.99 0.74
C PRO D 336 -9.13 15.95 -0.19
N ARG D 337 -10.15 15.42 -0.85
CA ARG D 337 -10.92 16.15 -1.84
C ARG D 337 -12.01 16.99 -1.16
N VAL D 338 -11.55 18.07 -0.51
CA VAL D 338 -12.48 18.97 0.16
C VAL D 338 -13.23 19.82 -0.87
N SER D 339 -14.30 20.47 -0.40
CA SER D 339 -15.19 21.24 -1.27
C SER D 339 -15.06 22.74 -1.06
N TYR D 340 -13.94 23.20 -0.49
CA TYR D 340 -13.69 24.63 -0.30
C TYR D 340 -12.24 24.92 -0.63
N ILE D 341 -11.98 26.20 -0.91
CA ILE D 341 -10.64 26.62 -1.32
C ILE D 341 -9.76 26.81 -0.09
N LYS D 342 -8.50 26.42 -0.22
CA LYS D 342 -7.52 26.52 0.86
C LYS D 342 -6.62 27.73 0.66
N ALA D 343 -5.85 28.04 1.71
CA ALA D 343 -4.97 29.20 1.65
C ALA D 343 -3.86 29.01 0.62
N VAL D 344 -3.34 27.79 0.50
CA VAL D 344 -2.25 27.54 -0.46
C VAL D 344 -2.77 27.63 -1.89
N ASP D 345 -4.04 27.27 -2.13
CA ASP D 345 -4.59 27.35 -3.47
C ASP D 345 -4.67 28.79 -3.96
N ILE D 346 -4.93 29.74 -3.04
CA ILE D 346 -5.00 31.15 -3.43
C ILE D 346 -3.66 31.63 -3.96
N TYR D 347 -2.58 31.27 -3.27
CA TYR D 347 -1.25 31.71 -3.68
C TYR D 347 -0.87 31.12 -5.03
N LEU D 348 -1.16 29.83 -5.24
CA LEU D 348 -0.75 29.16 -6.47
C LEU D 348 -1.51 29.70 -7.68
N TRP D 349 -2.83 29.92 -7.53
CA TRP D 349 -3.62 30.32 -8.68
C TRP D 349 -3.40 31.78 -9.07
N VAL D 350 -3.17 32.66 -8.09
CA VAL D 350 -2.83 34.04 -8.41
C VAL D 350 -1.48 34.11 -9.10
N SER D 351 -0.54 33.27 -8.69
CA SER D 351 0.75 33.21 -9.36
C SER D 351 0.60 32.75 -10.80
N PHE D 352 -0.31 31.79 -11.05
CA PHE D 352 -0.55 31.33 -12.41
C PHE D 352 -1.09 32.45 -13.29
N VAL D 353 -1.96 33.30 -12.73
CA VAL D 353 -2.51 34.42 -13.48
C VAL D 353 -1.41 35.40 -13.88
N PHE D 354 -0.47 35.65 -12.96
CA PHE D 354 0.63 36.57 -13.26
C PHE D 354 1.48 36.06 -14.42
N VAL D 355 1.77 34.76 -14.44
CA VAL D 355 2.55 34.19 -15.54
C VAL D 355 1.74 34.19 -16.83
N PHE D 356 0.44 33.93 -16.73
CA PHE D 356 -0.41 33.90 -17.92
C PHE D 356 -0.50 35.27 -18.58
N LEU D 357 -0.62 36.34 -17.79
CA LEU D 357 -0.69 37.67 -18.35
C LEU D 357 0.61 38.07 -19.03
N SER D 358 1.73 37.46 -18.62
CA SER D 358 3.01 37.75 -19.27
C SER D 358 3.01 37.28 -20.72
N VAL D 359 2.39 36.14 -20.99
CA VAL D 359 2.33 35.64 -22.36
C VAL D 359 1.46 36.55 -23.23
N LEU D 360 0.32 37.00 -22.70
CA LEU D 360 -0.55 37.87 -23.47
C LEU D 360 0.10 39.23 -23.73
N GLU D 361 0.99 39.66 -22.82
CA GLU D 361 1.61 40.97 -22.95
C GLU D 361 2.48 41.06 -24.19
N TYR D 362 3.28 40.03 -24.47
CA TYR D 362 4.14 40.07 -25.65
C TYR D 362 3.33 39.94 -26.93
N ALA D 363 2.22 39.19 -26.89
CA ALA D 363 1.37 39.07 -28.07
C ALA D 363 0.81 40.42 -28.48
N ALA D 364 0.42 41.24 -27.49
CA ALA D 364 -0.02 42.59 -27.79
C ALA D 364 1.12 43.42 -28.39
N VAL D 365 2.33 43.28 -27.84
CA VAL D 365 3.48 44.02 -28.35
C VAL D 365 3.79 43.61 -29.78
N ASN D 366 3.79 42.31 -30.05
CA ASN D 366 4.11 41.83 -31.40
C ASN D 366 3.06 42.28 -32.41
N TYR D 367 1.77 42.20 -32.03
CA TYR D 367 0.71 42.58 -32.96
C TYR D 367 0.78 44.07 -33.31
N LEU D 368 0.98 44.92 -32.30
CA LEU D 368 1.02 46.37 -32.55
C LEU D 368 2.20 46.75 -33.42
N THR D 369 3.34 46.08 -33.22
CA THR D 369 4.53 46.38 -34.04
C THR D 369 4.27 46.05 -35.51
N THR D 370 3.64 44.90 -35.78
CA THR D 370 3.36 44.53 -37.16
C THR D 370 2.38 45.50 -37.82
N VAL D 371 1.36 45.93 -37.07
CA VAL D 371 0.40 46.89 -37.60
C VAL D 371 1.08 48.21 -37.94
N GLN D 372 1.97 48.68 -37.06
CA GLN D 372 2.66 49.94 -37.31
C GLN D 372 3.54 49.85 -38.55
N GLU D 373 4.22 48.72 -38.75
CA GLU D 373 5.07 48.56 -39.93
C GLU D 373 4.25 48.61 -41.21
N ARG D 374 3.10 47.93 -41.23
CA ARG D 374 2.25 47.95 -42.41
C ARG D 374 1.68 49.35 -42.65
N LYS D 375 1.29 50.05 -41.59
CA LYS D 375 0.77 51.40 -41.75
C LYS D 375 1.81 52.34 -42.34
N GLU D 376 3.05 52.26 -41.85
CA GLU D 376 4.11 53.10 -42.40
C GLU D 376 4.46 52.67 -43.82
N GLN D 377 4.44 51.36 -44.10
CA GLN D 377 4.75 50.87 -45.43
C GLN D 377 3.71 51.36 -46.45
N LYS D 378 2.43 51.36 -46.07
CA LYS D 378 1.37 51.77 -46.97
C LYS D 378 1.40 53.26 -47.29
N LEU D 379 2.19 54.06 -46.56
CA LEU D 379 2.28 55.48 -46.85
C LEU D 379 3.00 55.74 -48.17
N ARG D 380 3.85 54.81 -48.61
CA ARG D 380 4.57 54.96 -49.87
C ARG D 380 3.79 54.35 -51.02
N ASP D 451 14.30 50.47 -30.59
CA ASP D 451 13.84 51.12 -29.36
C ASP D 451 12.99 50.17 -28.52
N THR D 452 12.44 50.69 -27.44
CA THR D 452 11.62 49.90 -26.52
C THR D 452 10.17 50.36 -26.62
N HIS D 453 9.26 49.40 -26.80
CA HIS D 453 7.84 49.72 -26.86
C HIS D 453 7.34 50.21 -25.51
N ALA D 454 6.35 51.10 -25.55
CA ALA D 454 5.83 51.69 -24.31
C ALA D 454 5.25 50.64 -23.37
N ILE D 455 4.70 49.56 -23.92
CA ILE D 455 4.14 48.50 -23.08
C ILE D 455 5.25 47.81 -22.29
N ASP D 456 6.38 47.53 -22.93
CA ASP D 456 7.51 46.92 -22.23
C ASP D 456 8.08 47.85 -21.17
N LYS D 457 8.14 49.15 -21.47
CA LYS D 457 8.71 50.11 -20.53
C LYS D 457 7.90 50.16 -19.24
N TYR D 458 6.58 50.18 -19.34
CA TYR D 458 5.73 50.25 -18.15
C TYR D 458 5.62 48.90 -17.44
N SER D 459 5.70 47.79 -18.17
CA SER D 459 5.55 46.49 -17.55
C SER D 459 6.68 46.18 -16.58
N ARG D 460 7.86 46.75 -16.83
CA ARG D 460 9.00 46.51 -15.95
C ARG D 460 8.75 47.04 -14.54
N ILE D 461 7.85 48.02 -14.41
CA ILE D 461 7.57 48.62 -13.10
C ILE D 461 6.27 48.08 -12.51
N ILE D 462 5.22 47.94 -13.32
CA ILE D 462 3.91 47.59 -12.78
C ILE D 462 3.89 46.15 -12.30
N PHE D 463 4.44 45.22 -13.08
CA PHE D 463 4.39 43.81 -12.71
C PHE D 463 5.08 43.52 -11.38
N PRO D 464 6.33 43.95 -11.14
CA PRO D 464 6.92 43.70 -9.81
C PRO D 464 6.17 44.38 -8.68
N ALA D 465 5.63 45.58 -8.92
CA ALA D 465 4.95 46.31 -7.86
C ALA D 465 3.66 45.60 -7.44
N ALA D 466 2.90 45.09 -8.41
CA ALA D 466 1.64 44.44 -8.10
C ALA D 466 1.86 43.17 -7.28
N TYR D 467 2.87 42.37 -7.63
CA TYR D 467 3.11 41.12 -6.94
C TYR D 467 3.58 41.36 -5.50
N ILE D 468 4.37 42.42 -5.29
CA ILE D 468 4.80 42.76 -3.94
C ILE D 468 3.61 43.18 -3.08
N LEU D 469 2.68 43.95 -3.66
CA LEU D 469 1.49 44.36 -2.93
C LEU D 469 0.63 43.16 -2.57
N PHE D 470 0.53 42.18 -3.47
CA PHE D 470 -0.25 40.99 -3.18
C PHE D 470 0.32 40.22 -1.99
N ASN D 471 1.65 40.09 -1.93
CA ASN D 471 2.27 39.37 -0.82
C ASN D 471 2.04 40.09 0.50
N LEU D 472 2.09 41.42 0.49
CA LEU D 472 1.84 42.19 1.71
C LEU D 472 0.45 41.93 2.25
N ILE D 473 -0.55 41.92 1.36
CA ILE D 473 -1.93 41.67 1.79
C ILE D 473 -2.11 40.22 2.19
N TYR D 474 -1.54 39.30 1.42
CA TYR D 474 -1.74 37.87 1.69
C TYR D 474 -1.18 37.47 3.04
N TRP D 475 0.04 37.91 3.35
CA TRP D 475 0.66 37.53 4.62
C TRP D 475 0.14 38.34 5.80
N SER D 476 -0.56 39.45 5.54
CA SER D 476 -1.20 40.19 6.63
C SER D 476 -2.48 39.51 7.10
N ILE D 477 -3.19 38.82 6.20
CA ILE D 477 -4.43 38.16 6.57
C ILE D 477 -4.16 36.85 7.29
N PHE D 478 -3.31 36.00 6.71
CA PHE D 478 -3.02 34.69 7.27
C PHE D 478 -1.87 34.70 8.26
N SER D 479 -1.24 35.85 8.49
CA SER D 479 -0.14 35.98 9.44
C SER D 479 0.99 35.00 9.17
N GLN E 77 -26.71 -17.57 41.54
CA GLN E 77 -26.98 -17.16 40.17
C GLN E 77 -28.43 -16.71 40.00
N LEU E 78 -28.61 -15.54 39.40
CA LEU E 78 -29.95 -15.01 39.19
C LEU E 78 -30.68 -15.76 38.07
N LEU E 79 -29.96 -16.12 37.01
CA LEU E 79 -30.53 -16.82 35.87
C LEU E 79 -30.21 -18.31 35.95
N ARG E 80 -31.19 -19.14 35.58
CA ARG E 80 -31.01 -20.59 35.57
C ARG E 80 -30.50 -21.06 34.22
N ILE E 81 -29.28 -20.61 33.89
CA ILE E 81 -28.69 -20.93 32.60
C ILE E 81 -28.39 -22.42 32.49
N ASP E 82 -27.86 -23.03 33.56
CA ASP E 82 -27.41 -24.40 33.52
C ASP E 82 -28.55 -25.42 33.38
N ASP E 83 -29.80 -24.99 33.58
CA ASP E 83 -30.94 -25.91 33.55
C ASP E 83 -31.57 -26.04 32.17
N HIS E 84 -31.02 -25.38 31.15
CA HIS E 84 -31.60 -25.41 29.82
C HIS E 84 -30.52 -25.65 28.78
N ASP E 85 -30.92 -26.21 27.64
CA ASP E 85 -30.04 -26.44 26.50
C ASP E 85 -30.33 -25.37 25.45
N PHE E 86 -29.44 -24.38 25.35
CA PHE E 86 -29.65 -23.24 24.47
C PHE E 86 -29.17 -23.49 23.05
N SER E 87 -29.04 -24.75 22.63
CA SER E 87 -28.73 -25.05 21.24
C SER E 87 -29.97 -25.00 20.35
N MET E 88 -31.15 -24.84 20.93
CA MET E 88 -32.40 -24.78 20.19
C MET E 88 -33.07 -23.43 20.41
N ARG E 89 -33.62 -22.87 19.34
CA ARG E 89 -34.25 -21.56 19.40
C ARG E 89 -35.53 -21.62 20.24
N PRO E 90 -35.97 -20.49 20.77
CA PRO E 90 -37.26 -20.47 21.48
C PRO E 90 -38.39 -20.88 20.55
N GLY E 91 -39.36 -21.60 21.11
CA GLY E 91 -40.43 -22.16 20.30
C GLY E 91 -39.96 -23.19 19.30
N PHE E 92 -38.96 -23.98 19.66
CA PHE E 92 -38.42 -25.00 18.76
C PHE E 92 -39.50 -26.01 18.40
N GLY E 93 -39.60 -26.32 17.11
CA GLY E 93 -40.63 -27.23 16.63
C GLY E 93 -42.00 -26.62 16.48
N GLY E 94 -42.12 -25.29 16.58
CA GLY E 94 -43.39 -24.63 16.47
C GLY E 94 -43.34 -23.42 15.55
N PRO E 95 -44.18 -22.43 15.82
CA PRO E 95 -44.22 -21.23 14.98
C PRO E 95 -42.93 -20.43 15.07
N ALA E 96 -42.81 -19.48 14.15
CA ALA E 96 -41.62 -18.63 14.09
C ALA E 96 -41.58 -17.66 15.26
N ILE E 97 -40.38 -17.19 15.58
CA ILE E 97 -40.15 -16.24 16.67
C ILE E 97 -39.89 -14.87 16.07
N PRO E 98 -40.70 -13.86 16.40
CA PRO E 98 -40.47 -12.51 15.85
C PRO E 98 -39.22 -11.86 16.42
N VAL E 99 -38.52 -11.12 15.56
CA VAL E 99 -37.31 -10.39 15.94
C VAL E 99 -37.38 -8.99 15.35
N GLY E 100 -37.15 -7.98 16.19
CA GLY E 100 -37.12 -6.60 15.75
C GLY E 100 -35.71 -6.05 15.70
N VAL E 101 -35.50 -5.07 14.83
CA VAL E 101 -34.17 -4.51 14.58
C VAL E 101 -34.24 -2.99 14.63
N ASP E 102 -33.25 -2.37 15.27
CA ASP E 102 -33.05 -0.93 15.26
C ASP E 102 -31.61 -0.65 14.87
N VAL E 103 -31.40 0.45 14.14
CA VAL E 103 -30.09 0.80 13.62
C VAL E 103 -29.85 2.29 13.84
N GLN E 104 -28.65 2.64 14.31
CA GLN E 104 -28.19 4.02 14.36
C GLN E 104 -26.85 4.11 13.64
N VAL E 105 -26.78 4.95 12.62
CA VAL E 105 -25.57 5.10 11.82
C VAL E 105 -24.65 6.10 12.52
N GLU E 106 -23.37 5.73 12.63
CA GLU E 106 -22.40 6.60 13.28
C GLU E 106 -21.63 7.46 12.27
N SER E 107 -21.05 6.83 11.26
CA SER E 107 -20.29 7.58 10.26
C SER E 107 -20.09 6.72 9.02
N LEU E 108 -19.81 7.38 7.90
CA LEU E 108 -19.34 6.73 6.68
C LEU E 108 -17.87 7.06 6.50
N ASP E 109 -17.04 6.03 6.32
CA ASP E 109 -15.61 6.22 6.37
C ASP E 109 -15.00 6.62 5.02
N SER E 110 -15.18 5.79 3.99
CA SER E 110 -14.53 6.07 2.72
C SER E 110 -15.33 5.46 1.57
N ILE E 111 -15.08 5.98 0.38
CA ILE E 111 -15.70 5.51 -0.85
C ILE E 111 -14.61 5.33 -1.89
N SER E 112 -14.61 4.19 -2.57
CA SER E 112 -13.59 3.86 -3.57
C SER E 112 -14.27 3.70 -4.93
N GLU E 113 -13.80 4.48 -5.91
CA GLU E 113 -14.33 4.34 -7.27
C GLU E 113 -13.76 3.11 -7.98
N VAL E 114 -12.48 2.81 -7.76
CA VAL E 114 -11.86 1.70 -8.46
C VAL E 114 -12.42 0.36 -7.96
N ASP E 115 -12.69 0.26 -6.66
CA ASP E 115 -13.21 -0.97 -6.08
C ASP E 115 -14.73 -0.98 -5.96
N MET E 116 -15.38 0.18 -6.04
CA MET E 116 -16.84 0.29 -6.02
C MET E 116 -17.42 -0.31 -4.74
N ASP E 117 -17.05 0.29 -3.61
CA ASP E 117 -17.56 -0.11 -2.31
C ASP E 117 -17.46 1.06 -1.34
N PHE E 118 -18.13 0.91 -0.20
CA PHE E 118 -18.13 1.94 0.84
C PHE E 118 -18.01 1.26 2.19
N THR E 119 -17.62 2.06 3.20
CA THR E 119 -17.43 1.58 4.56
C THR E 119 -18.35 2.35 5.49
N MET E 120 -19.02 1.63 6.39
CA MET E 120 -19.97 2.22 7.31
C MET E 120 -19.80 1.65 8.71
N THR E 121 -19.96 2.49 9.72
CA THR E 121 -19.96 2.09 11.12
C THR E 121 -21.34 2.40 11.69
N LEU E 122 -21.88 1.46 12.47
CA LEU E 122 -23.26 1.58 12.93
C LEU E 122 -23.45 0.78 14.21
N TYR E 123 -24.55 1.05 14.89
CA TYR E 123 -25.00 0.29 16.04
C TYR E 123 -26.19 -0.56 15.65
N LEU E 124 -26.13 -1.86 15.95
CA LEU E 124 -27.18 -2.80 15.58
C LEU E 124 -27.83 -3.34 16.85
N ARG E 125 -29.16 -3.33 16.88
CA ARG E 125 -29.92 -3.74 18.06
C ARG E 125 -30.94 -4.80 17.66
N HIS E 126 -31.19 -5.74 18.58
CA HIS E 126 -32.13 -6.83 18.37
C HIS E 126 -33.11 -6.89 19.53
N TYR E 127 -34.33 -7.34 19.22
CA TYR E 127 -35.39 -7.48 20.22
C TYR E 127 -36.07 -8.82 20.03
N TRP E 128 -36.22 -9.58 21.12
CA TRP E 128 -36.97 -10.83 21.09
C TRP E 128 -37.36 -11.18 22.52
N LYS E 129 -38.06 -12.30 22.67
CA LYS E 129 -38.53 -12.76 23.98
C LYS E 129 -38.14 -14.22 24.15
N ASP E 130 -37.69 -14.56 25.36
CA ASP E 130 -37.30 -15.92 25.69
C ASP E 130 -37.71 -16.19 27.13
N GLU E 131 -38.67 -17.09 27.33
CA GLU E 131 -39.18 -17.38 28.66
C GLU E 131 -38.16 -18.10 29.53
N ARG E 132 -37.13 -18.69 28.93
CA ARG E 132 -36.12 -19.41 29.70
C ARG E 132 -35.21 -18.49 30.50
N LEU E 133 -35.23 -17.19 30.21
CA LEU E 133 -34.38 -16.22 30.91
C LEU E 133 -35.14 -15.43 31.96
N SER E 134 -36.34 -15.86 32.32
CA SER E 134 -37.13 -15.13 33.31
C SER E 134 -36.55 -15.31 34.71
N PHE E 135 -36.67 -14.26 35.52
CA PHE E 135 -36.23 -14.27 36.90
C PHE E 135 -37.24 -13.50 37.75
N PRO E 136 -37.37 -13.82 39.03
CA PRO E 136 -38.36 -13.13 39.86
C PRO E 136 -37.84 -11.79 40.38
N SER E 137 -38.73 -10.81 40.39
CA SER E 137 -38.41 -9.48 40.92
C SER E 137 -39.71 -8.76 41.24
N THR E 138 -39.59 -7.67 42.00
CA THR E 138 -40.74 -6.87 42.38
C THR E 138 -40.78 -5.50 41.71
N ASN E 139 -39.67 -5.05 41.13
CA ASN E 139 -39.60 -3.72 40.54
C ASN E 139 -40.05 -3.67 39.09
N ASN E 140 -39.92 -4.78 38.36
CA ASN E 140 -40.27 -4.87 36.95
C ASN E 140 -39.47 -3.85 36.12
N LEU E 141 -38.16 -3.96 36.21
CA LEU E 141 -37.24 -3.07 35.52
C LEU E 141 -36.13 -3.87 34.85
N SER E 142 -35.60 -3.32 33.76
CA SER E 142 -34.53 -3.99 33.03
C SER E 142 -33.25 -4.01 33.86
N MET E 143 -32.53 -5.12 33.76
CA MET E 143 -31.25 -5.29 34.45
C MET E 143 -30.16 -5.54 33.41
N THR E 144 -28.97 -5.01 33.66
CA THR E 144 -27.88 -5.06 32.71
C THR E 144 -26.81 -6.03 33.19
N PHE E 145 -26.32 -6.86 32.28
CA PHE E 145 -25.28 -7.84 32.55
C PHE E 145 -24.02 -7.50 31.77
N ASP E 146 -22.89 -8.01 32.24
CA ASP E 146 -21.59 -7.57 31.75
C ASP E 146 -21.36 -7.87 30.28
N GLY E 147 -22.11 -8.82 29.70
CA GLY E 147 -22.04 -9.07 28.28
C GLY E 147 -21.26 -10.30 27.87
N ARG E 148 -20.50 -10.90 28.78
CA ARG E 148 -19.83 -12.17 28.47
C ARG E 148 -20.74 -13.37 28.68
N LEU E 149 -21.95 -13.15 29.20
CA LEU E 149 -22.95 -14.20 29.29
C LEU E 149 -23.62 -14.48 27.95
N VAL E 150 -23.36 -13.66 26.93
CA VAL E 150 -23.98 -13.84 25.62
C VAL E 150 -23.57 -15.18 25.01
N LYS E 151 -22.31 -15.56 25.16
CA LYS E 151 -21.78 -16.80 24.59
C LYS E 151 -22.39 -18.06 25.22
N LYS E 152 -23.33 -17.95 26.15
CA LYS E 152 -23.96 -19.11 26.75
C LYS E 152 -25.46 -19.18 26.54
N ILE E 153 -26.04 -18.26 25.76
CA ILE E 153 -27.47 -18.23 25.50
C ILE E 153 -27.70 -18.14 24.00
N TRP E 154 -28.95 -18.34 23.59
CA TRP E 154 -29.31 -18.29 22.18
C TRP E 154 -29.35 -16.86 21.68
N VAL E 155 -28.72 -16.61 20.53
CA VAL E 155 -28.62 -15.28 19.95
C VAL E 155 -28.90 -15.38 18.45
N PRO E 156 -29.57 -14.41 17.84
CA PRO E 156 -29.82 -14.46 16.40
C PRO E 156 -28.52 -14.50 15.60
N ASP E 157 -28.68 -14.75 14.29
CA ASP E 157 -27.56 -15.06 13.40
C ASP E 157 -27.61 -14.16 12.17
N MET E 158 -27.77 -12.86 12.39
CA MET E 158 -27.84 -11.92 11.28
C MET E 158 -26.47 -11.74 10.62
N PHE E 159 -26.47 -11.48 9.32
CA PHE E 159 -25.25 -11.19 8.59
C PHE E 159 -25.56 -10.20 7.48
N PHE E 160 -24.52 -9.53 7.00
CA PHE E 160 -24.64 -8.51 5.97
C PHE E 160 -24.40 -9.12 4.61
N VAL E 161 -25.41 -9.05 3.73
CA VAL E 161 -25.33 -9.64 2.41
C VAL E 161 -24.50 -8.76 1.49
N HIS E 162 -23.76 -9.39 0.58
CA HIS E 162 -22.92 -8.72 -0.40
C HIS E 162 -21.84 -7.85 0.22
N SER E 163 -21.38 -8.21 1.43
CA SER E 163 -20.31 -7.48 2.09
C SER E 163 -18.96 -8.08 1.74
N LYS E 164 -17.93 -7.23 1.73
CA LYS E 164 -16.58 -7.68 1.41
C LYS E 164 -15.79 -8.06 2.67
N ARG E 165 -15.87 -7.24 3.71
CA ARG E 165 -15.17 -7.53 4.96
C ARG E 165 -15.84 -6.74 6.07
N SER E 166 -15.71 -7.26 7.30
CA SER E 166 -16.31 -6.63 8.45
C SER E 166 -15.72 -7.23 9.73
N PHE E 167 -15.92 -6.52 10.84
CA PHE E 167 -15.38 -6.96 12.13
C PHE E 167 -16.16 -6.28 13.24
N ILE E 168 -15.94 -6.76 14.46
CA ILE E 168 -16.57 -6.22 15.67
C ILE E 168 -15.47 -5.67 16.57
N HIS E 169 -15.68 -4.46 17.08
CA HIS E 169 -14.70 -3.82 17.94
C HIS E 169 -14.61 -4.56 19.28
N ASP E 170 -13.39 -4.65 19.82
CA ASP E 170 -13.17 -5.46 21.02
C ASP E 170 -12.20 -4.79 22.00
N THR E 171 -12.23 -3.45 22.10
CA THR E 171 -11.38 -2.71 23.02
C THR E 171 -12.24 -1.74 23.81
N THR E 172 -12.10 -1.74 25.13
CA THR E 172 -11.18 -2.61 25.86
C THR E 172 -11.77 -4.00 26.08
N THR E 173 -13.04 -4.15 25.70
CA THR E 173 -13.73 -5.42 25.74
C THR E 173 -14.67 -5.49 24.55
N ASP E 174 -15.31 -6.64 24.37
CA ASP E 174 -16.29 -6.79 23.30
C ASP E 174 -17.42 -5.78 23.49
N ASN E 175 -17.71 -5.01 22.44
CA ASN E 175 -18.75 -3.99 22.48
C ASN E 175 -20.11 -4.69 22.38
N VAL E 176 -20.54 -5.28 23.50
CA VAL E 176 -21.75 -6.07 23.57
C VAL E 176 -22.58 -5.60 24.76
N MET E 177 -23.88 -5.42 24.55
CA MET E 177 -24.82 -5.07 25.60
C MET E 177 -25.90 -6.13 25.71
N LEU E 178 -26.23 -6.51 26.94
CA LEU E 178 -27.27 -7.51 27.19
C LEU E 178 -28.13 -7.04 28.34
N ARG E 179 -29.43 -6.86 28.07
CA ARG E 179 -30.38 -6.45 29.09
C ARG E 179 -31.58 -7.38 29.05
N VAL E 180 -31.97 -7.91 30.21
CA VAL E 180 -33.05 -8.86 30.32
C VAL E 180 -34.08 -8.34 31.31
N GLN E 181 -35.34 -8.31 30.89
CA GLN E 181 -36.47 -7.94 31.74
C GLN E 181 -36.96 -9.14 32.52
N PRO E 182 -37.72 -8.92 33.60
CA PRO E 182 -38.19 -10.06 34.40
C PRO E 182 -39.02 -11.06 33.62
N ASP E 183 -39.81 -10.62 32.65
CA ASP E 183 -40.66 -11.53 31.90
C ASP E 183 -39.93 -12.25 30.77
N GLY E 184 -38.67 -11.90 30.51
CA GLY E 184 -37.87 -12.59 29.51
C GLY E 184 -37.54 -11.80 28.28
N LYS E 185 -37.98 -10.54 28.17
CA LYS E 185 -37.63 -9.72 27.02
C LYS E 185 -36.13 -9.40 27.04
N VAL E 186 -35.50 -9.47 25.88
CA VAL E 186 -34.05 -9.35 25.76
C VAL E 186 -33.72 -8.24 24.78
N LEU E 187 -32.76 -7.40 25.15
CA LEU E 187 -32.21 -6.37 24.28
C LEU E 187 -30.73 -6.65 24.06
N TYR E 188 -30.31 -6.69 22.80
CA TYR E 188 -28.95 -7.06 22.43
C TYR E 188 -28.43 -6.03 21.43
N SER E 189 -27.20 -5.54 21.65
CA SER E 189 -26.64 -4.48 20.84
C SER E 189 -25.20 -4.79 20.47
N LEU E 190 -24.75 -4.22 19.35
CA LEU E 190 -23.40 -4.45 18.84
C LEU E 190 -22.91 -3.19 18.15
N ARG E 191 -21.58 -3.10 18.01
CA ARG E 191 -20.93 -2.04 17.24
C ARG E 191 -20.03 -2.69 16.21
N VAL E 192 -20.35 -2.50 14.93
CA VAL E 192 -19.67 -3.18 13.84
C VAL E 192 -19.28 -2.17 12.76
N THR E 193 -18.29 -2.57 11.96
CA THR E 193 -17.87 -1.82 10.78
C THR E 193 -17.96 -2.75 9.58
N VAL E 194 -18.69 -2.33 8.54
CA VAL E 194 -19.01 -3.19 7.42
C VAL E 194 -18.61 -2.51 6.12
N THR E 195 -18.01 -3.27 5.21
CA THR E 195 -17.71 -2.82 3.85
C THR E 195 -18.61 -3.57 2.89
N ALA E 196 -19.33 -2.83 2.06
CA ALA E 196 -20.30 -3.41 1.13
C ALA E 196 -20.12 -2.83 -0.26
N MET E 197 -20.47 -3.61 -1.26
CA MET E 197 -20.30 -3.21 -2.65
C MET E 197 -21.47 -2.37 -3.13
N CYS E 198 -21.18 -1.51 -4.12
CA CYS E 198 -22.19 -0.65 -4.72
C CYS E 198 -21.87 -0.47 -6.19
N ASN E 199 -22.84 -0.74 -7.06
CA ASN E 199 -22.64 -0.66 -8.51
C ASN E 199 -22.88 0.77 -8.97
N MET E 200 -21.79 1.52 -9.12
CA MET E 200 -21.88 2.91 -9.52
C MET E 200 -21.80 3.05 -11.04
N ASP E 201 -22.37 4.15 -11.54
CA ASP E 201 -22.38 4.49 -12.96
C ASP E 201 -21.65 5.80 -13.15
N PHE E 202 -20.70 5.83 -14.09
CA PHE E 202 -19.87 6.99 -14.33
C PHE E 202 -20.09 7.62 -15.70
N SER E 203 -21.29 7.44 -16.28
CA SER E 203 -21.56 8.03 -17.58
C SER E 203 -21.56 9.56 -17.52
N ARG E 204 -22.03 10.13 -16.42
CA ARG E 204 -22.11 11.58 -16.24
C ARG E 204 -21.02 12.11 -15.32
N PHE E 205 -19.97 11.34 -15.09
CA PHE E 205 -18.88 11.79 -14.22
C PHE E 205 -18.25 13.05 -14.80
N PRO E 206 -17.88 14.03 -13.95
CA PRO E 206 -18.00 14.04 -12.49
C PRO E 206 -19.28 14.67 -11.96
N LEU E 207 -20.30 14.83 -12.82
CA LEU E 207 -21.58 15.38 -12.42
C LEU E 207 -22.62 14.30 -12.14
N ASP E 208 -22.19 13.17 -11.61
CA ASP E 208 -23.06 12.01 -11.43
C ASP E 208 -23.66 11.98 -10.02
N THR E 209 -24.73 11.21 -9.89
CA THR E 209 -25.39 10.97 -8.61
C THR E 209 -25.51 9.46 -8.43
N GLN E 210 -25.12 8.98 -7.24
CA GLN E 210 -25.06 7.55 -6.98
C GLN E 210 -25.95 7.18 -5.80
N THR E 211 -26.54 5.99 -5.87
CA THR E 211 -27.35 5.44 -4.81
C THR E 211 -26.81 4.09 -4.40
N CYS E 212 -26.71 3.87 -3.09
CA CYS E 212 -26.18 2.61 -2.54
C CYS E 212 -27.08 2.15 -1.41
N SER E 213 -26.92 0.87 -1.05
CA SER E 213 -27.79 0.27 -0.04
C SER E 213 -27.00 -0.74 0.78
N LEU E 214 -27.51 -1.01 1.99
CA LEU E 214 -26.95 -2.01 2.89
C LEU E 214 -28.05 -3.02 3.23
N GLU E 215 -27.71 -4.30 3.19
CA GLU E 215 -28.68 -5.37 3.33
C GLU E 215 -28.38 -6.20 4.57
N ILE E 216 -29.43 -6.53 5.32
CA ILE E 216 -29.34 -7.33 6.54
C ILE E 216 -30.27 -8.53 6.40
N GLU E 217 -29.74 -9.71 6.69
CA GLU E 217 -30.51 -10.95 6.53
C GLU E 217 -30.01 -11.98 7.53
N SER E 218 -30.91 -12.89 7.91
CA SER E 218 -30.54 -14.00 8.78
C SER E 218 -29.98 -15.15 7.94
N TYR E 219 -28.89 -15.76 8.41
CA TYR E 219 -28.18 -16.75 7.60
C TYR E 219 -28.84 -18.13 7.69
N ALA E 220 -29.12 -18.61 8.89
CA ALA E 220 -29.48 -20.01 9.07
C ALA E 220 -30.99 -20.25 9.02
N TYR E 221 -31.80 -19.34 9.55
CA TYR E 221 -33.22 -19.58 9.75
C TYR E 221 -34.03 -18.96 8.62
N THR E 222 -34.98 -19.73 8.09
CA THR E 222 -35.86 -19.26 7.04
C THR E 222 -37.07 -18.53 7.64
N GLU E 223 -37.98 -18.10 6.77
CA GLU E 223 -39.15 -17.36 7.23
C GLU E 223 -40.12 -18.23 8.02
N ASP E 224 -40.00 -19.56 7.93
CA ASP E 224 -40.85 -20.46 8.70
C ASP E 224 -40.36 -20.65 10.12
N ASP E 225 -39.16 -20.16 10.46
CA ASP E 225 -38.61 -20.30 11.80
C ASP E 225 -38.27 -18.97 12.46
N LEU E 226 -38.04 -17.91 11.68
CA LEU E 226 -37.69 -16.60 12.23
C LEU E 226 -38.25 -15.51 11.34
N MET E 227 -38.99 -14.58 11.93
CA MET E 227 -39.57 -13.45 11.21
C MET E 227 -38.78 -12.20 11.54
N LEU E 228 -38.30 -11.51 10.52
CA LEU E 228 -37.46 -10.33 10.67
C LEU E 228 -38.22 -9.10 10.17
N TYR E 229 -38.29 -8.07 11.02
CA TYR E 229 -39.01 -6.86 10.68
C TYR E 229 -38.42 -5.68 11.43
N TRP E 230 -38.68 -4.48 10.92
CA TRP E 230 -38.23 -3.26 11.59
C TRP E 230 -39.06 -3.03 12.85
N LYS E 231 -38.39 -2.65 13.93
CA LYS E 231 -39.06 -2.53 15.22
C LYS E 231 -40.14 -1.47 15.21
N LYS E 232 -39.86 -0.30 14.63
CA LYS E 232 -40.78 0.84 14.67
C LYS E 232 -41.02 1.42 13.28
N GLY E 233 -40.86 0.61 12.24
CA GLY E 233 -41.15 1.08 10.89
C GLY E 233 -40.15 2.13 10.44
N ASN E 234 -40.68 3.26 9.95
CA ASN E 234 -39.82 4.31 9.41
C ASN E 234 -38.97 4.98 10.49
N ASP E 235 -39.36 4.86 11.75
CA ASP E 235 -38.65 5.51 12.85
C ASP E 235 -37.49 4.68 13.38
N SER E 236 -37.22 3.52 12.80
CA SER E 236 -36.20 2.62 13.33
C SER E 236 -34.78 3.00 12.91
N LEU E 237 -34.61 4.01 12.07
CA LEU E 237 -33.29 4.42 11.59
C LEU E 237 -32.96 5.81 12.12
N LYS E 238 -31.78 5.94 12.72
CA LYS E 238 -31.29 7.21 13.21
C LYS E 238 -29.89 7.45 12.66
N THR E 239 -29.52 8.72 12.50
CA THR E 239 -28.22 9.09 11.96
C THR E 239 -27.58 10.14 12.84
N ASP E 240 -26.26 10.06 12.96
CA ASP E 240 -25.49 11.05 13.72
C ASP E 240 -25.37 12.34 12.91
N GLU E 241 -25.45 13.47 13.61
CA GLU E 241 -25.33 14.77 12.93
C GLU E 241 -23.92 15.05 12.44
N ARG E 242 -22.94 14.27 12.86
CA ARG E 242 -21.55 14.46 12.47
C ARG E 242 -21.16 13.71 11.21
N ILE E 243 -22.10 12.99 10.58
CA ILE E 243 -21.80 12.27 9.35
C ILE E 243 -21.52 13.29 8.25
N SER E 244 -20.34 13.18 7.64
CA SER E 244 -19.94 14.13 6.61
C SER E 244 -18.90 13.50 5.71
N LEU E 245 -18.94 13.87 4.43
CA LEU E 245 -17.95 13.45 3.45
C LEU E 245 -17.43 14.69 2.73
N SER E 246 -16.11 14.73 2.51
CA SER E 246 -15.50 15.92 1.92
C SER E 246 -15.89 16.07 0.45
N GLN E 247 -16.08 14.97 -0.26
CA GLN E 247 -16.34 15.02 -1.69
C GLN E 247 -17.80 14.80 -2.06
N PHE E 248 -18.61 14.28 -1.14
CA PHE E 248 -19.99 13.90 -1.44
C PHE E 248 -20.96 14.56 -0.50
N LEU E 249 -22.20 14.70 -0.95
CA LEU E 249 -23.31 15.21 -0.15
C LEU E 249 -24.29 14.07 0.10
N ILE E 250 -24.59 13.82 1.37
CA ILE E 250 -25.39 12.66 1.78
C ILE E 250 -26.81 13.12 2.07
N GLN E 251 -27.80 12.39 1.55
CA GLN E 251 -29.20 12.76 1.70
C GLN E 251 -30.08 11.53 1.51
N GLU E 252 -31.33 11.66 1.95
CA GLU E 252 -32.40 10.70 1.67
C GLU E 252 -32.15 9.33 2.27
N PHE E 253 -32.00 9.28 3.60
CA PHE E 253 -31.95 8.01 4.31
C PHE E 253 -33.36 7.46 4.51
N HIS E 254 -33.57 6.21 4.10
CA HIS E 254 -34.86 5.55 4.32
C HIS E 254 -34.63 4.04 4.28
N THR E 255 -35.62 3.30 4.78
CA THR E 255 -35.55 1.86 4.93
C THR E 255 -36.68 1.17 4.19
N THR E 256 -36.40 0.00 3.63
CA THR E 256 -37.38 -0.82 2.93
C THR E 256 -37.19 -2.28 3.33
N THR E 257 -38.08 -3.14 2.82
CA THR E 257 -38.08 -4.55 3.17
C THR E 257 -38.50 -5.37 1.95
N LYS E 258 -37.85 -6.52 1.76
CA LYS E 258 -38.16 -7.38 0.63
C LYS E 258 -37.76 -8.81 0.96
N LEU E 259 -38.41 -9.76 0.31
CA LEU E 259 -38.11 -11.18 0.47
C LEU E 259 -37.00 -11.61 -0.49
N ALA E 260 -36.31 -12.68 -0.12
CA ALA E 260 -35.25 -13.26 -0.93
C ALA E 260 -35.44 -14.77 -1.01
N PHE E 261 -35.04 -15.34 -2.14
CA PHE E 261 -35.19 -16.77 -2.40
C PHE E 261 -33.86 -17.37 -2.82
N TYR E 262 -33.51 -18.49 -2.19
CA TYR E 262 -32.36 -19.31 -2.59
C TYR E 262 -32.90 -20.66 -3.06
N SER E 263 -32.41 -21.11 -4.22
CA SER E 263 -33.00 -22.27 -4.89
C SER E 263 -32.86 -23.56 -4.10
N SER E 264 -31.91 -23.64 -3.17
CA SER E 264 -31.63 -24.88 -2.47
C SER E 264 -31.83 -24.81 -0.97
N THR E 265 -32.25 -23.67 -0.41
CA THR E 265 -32.49 -23.56 1.02
C THR E 265 -33.85 -23.01 1.41
N GLY E 266 -34.45 -22.14 0.61
CA GLY E 266 -35.76 -21.61 0.93
C GLY E 266 -35.87 -20.10 0.86
N TRP E 267 -36.89 -19.54 1.52
CA TRP E 267 -37.18 -18.11 1.48
C TRP E 267 -36.63 -17.41 2.72
N TYR E 268 -36.16 -16.18 2.53
CA TYR E 268 -35.63 -15.36 3.60
C TYR E 268 -36.15 -13.94 3.45
N ASN E 269 -36.08 -13.18 4.53
CA ASN E 269 -36.53 -11.80 4.56
C ASN E 269 -35.34 -10.87 4.76
N ARG E 270 -35.29 -9.80 3.97
CA ARG E 270 -34.18 -8.87 3.98
C ARG E 270 -34.64 -7.48 4.42
N LEU E 271 -33.72 -6.73 5.01
CA LEU E 271 -33.93 -5.34 5.39
C LEU E 271 -32.92 -4.46 4.66
N TYR E 272 -33.36 -3.28 4.25
CA TYR E 272 -32.56 -2.39 3.42
C TYR E 272 -32.39 -1.04 4.09
N ILE E 273 -31.22 -0.44 3.88
CA ILE E 273 -30.92 0.94 4.27
C ILE E 273 -30.39 1.66 3.04
N ASN E 274 -31.07 2.72 2.62
CA ASN E 274 -30.77 3.39 1.36
C ASN E 274 -30.35 4.84 1.62
N PHE E 275 -29.45 5.34 0.77
CA PHE E 275 -29.00 6.71 0.84
C PHE E 275 -28.49 7.13 -0.54
N THR E 276 -28.35 8.45 -0.73
CA THR E 276 -27.97 9.03 -2.01
C THR E 276 -26.76 9.94 -1.82
N LEU E 277 -25.93 10.03 -2.85
CA LEU E 277 -24.70 10.80 -2.81
C LEU E 277 -24.61 11.71 -4.03
N ARG E 278 -24.09 12.92 -3.81
CA ARG E 278 -23.88 13.88 -4.90
C ARG E 278 -22.49 14.48 -4.76
N ARG E 279 -21.76 14.56 -5.87
CA ARG E 279 -20.39 15.03 -5.86
C ARG E 279 -20.33 16.55 -5.76
N HIS E 280 -19.13 17.06 -5.48
CA HIS E 280 -18.82 18.48 -5.53
C HIS E 280 -18.00 18.78 -6.76
N ILE E 281 -18.43 19.78 -7.54
CA ILE E 281 -17.83 20.05 -8.84
C ILE E 281 -16.67 21.05 -8.77
N PHE E 282 -16.45 21.68 -7.62
CA PHE E 282 -15.45 22.75 -7.56
C PHE E 282 -14.05 22.25 -7.90
N PHE E 283 -13.65 21.12 -7.34
CA PHE E 283 -12.29 20.62 -7.55
C PHE E 283 -12.04 20.31 -9.02
N PHE E 284 -13.00 19.68 -9.68
CA PHE E 284 -12.79 19.25 -11.06
C PHE E 284 -12.76 20.44 -12.01
N LEU E 285 -13.48 21.51 -11.68
CA LEU E 285 -13.44 22.72 -12.49
C LEU E 285 -12.03 23.30 -12.53
N LEU E 286 -11.43 23.51 -11.35
CA LEU E 286 -10.10 24.11 -11.29
C LEU E 286 -9.03 23.18 -11.84
N GLN E 287 -9.21 21.87 -11.68
CA GLN E 287 -8.16 20.92 -12.05
C GLN E 287 -8.19 20.53 -13.52
N THR E 288 -9.37 20.43 -14.12
CA THR E 288 -9.49 19.92 -15.49
C THR E 288 -10.10 20.93 -16.45
N TYR E 289 -11.23 21.53 -16.09
CA TYR E 289 -11.96 22.36 -17.04
C TYR E 289 -11.25 23.70 -17.29
N PHE E 290 -10.64 24.28 -16.26
CA PHE E 290 -9.99 25.57 -16.44
C PHE E 290 -8.65 25.45 -17.17
N PRO E 291 -7.75 24.53 -16.82
CA PRO E 291 -6.51 24.40 -17.61
C PRO E 291 -6.77 24.07 -19.07
N ALA E 292 -7.80 23.28 -19.36
CA ALA E 292 -8.09 22.93 -20.75
C ALA E 292 -8.51 24.15 -21.56
N THR E 293 -9.33 25.02 -20.97
CA THR E 293 -9.80 26.20 -21.69
C THR E 293 -8.64 27.17 -21.97
N LEU E 294 -7.73 27.33 -21.01
CA LEU E 294 -6.63 28.27 -21.19
C LEU E 294 -5.69 27.83 -22.31
N MET E 295 -5.42 26.52 -22.41
CA MET E 295 -4.53 26.02 -23.45
C MET E 295 -5.13 26.24 -24.84
N VAL E 296 -6.45 26.13 -24.97
CA VAL E 296 -7.10 26.42 -26.24
C VAL E 296 -6.92 27.88 -26.62
N MET E 297 -7.12 28.78 -25.65
CA MET E 297 -6.98 30.21 -25.93
C MET E 297 -5.54 30.60 -26.22
N LEU E 298 -4.57 29.81 -25.75
CA LEU E 298 -3.17 30.07 -26.10
C LEU E 298 -2.94 29.85 -27.58
N SER E 299 -3.65 28.91 -28.20
CA SER E 299 -3.46 28.66 -29.62
C SER E 299 -4.02 29.78 -30.47
N TRP E 300 -4.99 30.54 -29.95
CA TRP E 300 -5.61 31.61 -30.71
C TRP E 300 -4.71 32.82 -30.87
N VAL E 301 -3.70 32.98 -30.01
CA VAL E 301 -2.82 34.14 -30.14
C VAL E 301 -1.91 34.04 -31.35
N SER E 302 -1.79 32.85 -31.96
CA SER E 302 -0.95 32.71 -33.14
C SER E 302 -1.58 33.33 -34.37
N PHE E 303 -2.89 33.58 -34.36
CA PHE E 303 -3.55 34.22 -35.50
C PHE E 303 -3.24 35.70 -35.59
N TRP E 304 -2.66 36.30 -34.55
CA TRP E 304 -2.36 37.72 -34.54
C TRP E 304 -0.87 38.00 -34.72
N ILE E 305 -0.08 36.99 -35.06
CA ILE E 305 1.36 37.13 -35.25
C ILE E 305 1.64 37.09 -36.75
N ASP E 306 2.65 37.86 -37.17
CA ASP E 306 3.02 37.92 -38.58
C ASP E 306 3.37 36.54 -39.11
N ARG E 307 2.87 36.23 -40.31
CA ARG E 307 3.04 34.91 -40.89
C ARG E 307 4.45 34.65 -41.39
N ARG E 308 5.30 35.68 -41.45
CA ARG E 308 6.67 35.48 -41.91
C ARG E 308 7.56 34.88 -40.83
N ALA E 309 7.10 34.85 -39.58
CA ALA E 309 7.88 34.26 -38.49
C ALA E 309 7.54 32.79 -38.35
N VAL E 310 8.07 32.00 -39.30
CA VAL E 310 7.80 30.56 -39.31
C VAL E 310 8.33 29.86 -38.06
N PRO E 311 9.56 30.07 -37.61
CA PRO E 311 10.02 29.40 -36.38
C PRO E 311 9.39 29.94 -35.11
N ALA E 312 8.48 30.89 -35.19
CA ALA E 312 7.81 31.43 -34.01
C ALA E 312 6.43 30.85 -33.80
N ARG E 313 5.68 30.63 -34.88
CA ARG E 313 4.31 30.13 -34.78
C ARG E 313 4.23 28.62 -34.73
N VAL E 314 5.14 27.91 -35.39
CA VAL E 314 5.13 26.45 -35.41
C VAL E 314 5.36 25.89 -34.00
N PRO E 315 6.39 26.31 -33.26
CA PRO E 315 6.55 25.76 -31.90
C PRO E 315 5.38 26.08 -30.98
N LEU E 316 4.74 27.24 -31.14
CA LEU E 316 3.61 27.60 -30.30
C LEU E 316 2.46 26.60 -30.47
N GLY E 317 2.12 26.28 -31.72
CA GLY E 317 1.05 25.33 -31.97
C GLY E 317 1.38 23.92 -31.50
N ILE E 318 2.61 23.48 -31.77
CA ILE E 318 2.99 22.10 -31.44
C ILE E 318 3.00 21.89 -29.93
N THR E 319 3.55 22.85 -29.19
CA THR E 319 3.71 22.66 -27.75
C THR E 319 2.37 22.62 -27.03
N THR E 320 1.38 23.39 -27.51
CA THR E 320 0.05 23.34 -26.90
C THR E 320 -0.62 22.00 -27.13
N VAL E 321 -0.37 21.37 -28.29
CA VAL E 321 -0.92 20.05 -28.57
C VAL E 321 -0.39 19.03 -27.57
N LEU E 322 0.92 19.06 -27.33
CA LEU E 322 1.54 18.09 -26.43
C LEU E 322 1.08 18.30 -24.98
N THR E 323 0.96 19.56 -24.56
CA THR E 323 0.50 19.84 -23.21
C THR E 323 -0.95 19.38 -23.03
N MET E 324 -1.79 19.59 -24.04
CA MET E 324 -3.17 19.12 -23.96
C MET E 324 -3.23 17.60 -23.85
N SER E 325 -2.33 16.90 -24.55
CA SER E 325 -2.27 15.45 -24.43
C SER E 325 -1.89 15.03 -23.02
N THR E 326 -0.97 15.77 -22.38
CA THR E 326 -0.59 15.45 -21.01
C THR E 326 -1.76 15.60 -20.05
N ILE E 327 -2.55 16.66 -20.22
CA ILE E 327 -3.70 16.88 -19.34
C ILE E 327 -4.72 15.75 -19.49
N ILE E 328 -4.93 15.29 -20.72
CA ILE E 328 -5.88 14.20 -20.96
C ILE E 328 -5.42 12.93 -20.27
N THR E 329 -4.14 12.62 -20.34
CA THR E 329 -3.62 11.40 -19.74
C THR E 329 -3.77 11.40 -18.23
N GLY E 330 -3.50 12.54 -17.59
CA GLY E 330 -3.48 12.58 -16.13
C GLY E 330 -4.83 12.34 -15.50
N VAL E 331 -5.93 12.64 -16.21
CA VAL E 331 -7.26 12.53 -15.63
C VAL E 331 -7.62 11.06 -15.40
N ASN E 332 -7.25 10.18 -16.34
CA ASN E 332 -7.67 8.78 -16.30
C ASN E 332 -6.97 7.97 -15.20
N ALA E 333 -5.97 8.54 -14.54
CA ALA E 333 -5.21 7.77 -13.55
C ALA E 333 -6.05 7.40 -12.34
N SER E 334 -7.04 8.23 -11.98
CA SER E 334 -7.81 8.06 -10.75
C SER E 334 -9.12 7.32 -10.94
N MET E 335 -9.40 6.80 -12.14
CA MET E 335 -10.69 6.20 -12.40
C MET E 335 -10.55 4.76 -12.88
N PRO E 336 -11.56 3.91 -12.66
CA PRO E 336 -11.51 2.55 -13.18
C PRO E 336 -11.62 2.51 -14.69
N ARG E 337 -11.20 1.37 -15.25
CA ARG E 337 -11.15 1.19 -16.71
C ARG E 337 -12.52 0.77 -17.23
N VAL E 338 -13.43 1.74 -17.26
CA VAL E 338 -14.77 1.50 -17.78
C VAL E 338 -14.74 1.39 -19.30
N SER E 339 -15.84 0.87 -19.86
CA SER E 339 -15.94 0.60 -21.28
C SER E 339 -16.87 1.57 -22.00
N TYR E 340 -17.14 2.73 -21.41
CA TYR E 340 -17.98 3.75 -22.04
C TYR E 340 -17.35 5.11 -21.81
N ILE E 341 -17.75 6.06 -22.65
CA ILE E 341 -17.18 7.41 -22.60
C ILE E 341 -17.88 8.21 -21.51
N LYS E 342 -17.11 9.04 -20.80
CA LYS E 342 -17.61 9.86 -19.72
C LYS E 342 -17.78 11.31 -20.18
N ALA E 343 -18.46 12.09 -19.35
CA ALA E 343 -18.72 13.49 -19.69
C ALA E 343 -17.44 14.30 -19.79
N VAL E 344 -16.48 14.03 -18.89
CA VAL E 344 -15.23 14.79 -18.90
C VAL E 344 -14.39 14.44 -20.13
N ASP E 345 -14.49 13.20 -20.62
CA ASP E 345 -13.73 12.82 -21.80
C ASP E 345 -14.19 13.59 -23.04
N ILE E 346 -15.48 13.91 -23.12
CA ILE E 346 -16.00 14.66 -24.26
C ILE E 346 -15.37 16.05 -24.31
N TYR E 347 -15.29 16.72 -23.16
CA TYR E 347 -14.73 18.06 -23.12
C TYR E 347 -13.26 18.05 -23.49
N LEU E 348 -12.50 17.08 -22.97
CA LEU E 348 -11.06 17.05 -23.21
C LEU E 348 -10.73 16.75 -24.66
N TRP E 349 -11.44 15.81 -25.28
CA TRP E 349 -11.10 15.41 -26.64
C TRP E 349 -11.52 16.43 -27.67
N VAL E 350 -12.66 17.10 -27.46
CA VAL E 350 -13.05 18.18 -28.37
C VAL E 350 -12.07 19.33 -28.27
N SER E 351 -11.57 19.62 -27.07
CA SER E 351 -10.55 20.65 -26.91
C SER E 351 -9.27 20.28 -27.65
N PHE E 352 -8.91 19.00 -27.64
CA PHE E 352 -7.72 18.56 -28.36
C PHE E 352 -7.88 18.77 -29.86
N VAL E 353 -9.09 18.53 -30.39
CA VAL E 353 -9.34 18.74 -31.81
C VAL E 353 -9.17 20.22 -32.18
N PHE E 354 -9.66 21.11 -31.32
CA PHE E 354 -9.52 22.55 -31.59
C PHE E 354 -8.07 22.96 -31.68
N VAL E 355 -7.23 22.46 -30.77
CA VAL E 355 -5.81 22.79 -30.80
C VAL E 355 -5.13 22.15 -32.02
N PHE E 356 -5.55 20.93 -32.38
CA PHE E 356 -4.95 20.24 -33.51
C PHE E 356 -5.24 20.97 -34.82
N LEU E 357 -6.47 21.46 -35.00
CA LEU E 357 -6.81 22.18 -36.22
C LEU E 357 -6.03 23.49 -36.33
N SER E 358 -5.60 24.05 -35.19
CA SER E 358 -4.80 25.27 -35.24
C SER E 358 -3.45 25.03 -35.91
N VAL E 359 -2.85 23.86 -35.68
CA VAL E 359 -1.57 23.55 -36.30
C VAL E 359 -1.73 23.37 -37.81
N LEU E 360 -2.80 22.70 -38.23
CA LEU E 360 -3.03 22.50 -39.66
C LEU E 360 -3.35 23.81 -40.36
N GLU E 361 -3.93 24.77 -39.64
CA GLU E 361 -4.32 26.02 -40.25
C GLU E 361 -3.12 26.81 -40.75
N TYR E 362 -2.04 26.88 -39.95
CA TYR E 362 -0.86 27.62 -40.37
C TYR E 362 -0.13 26.91 -41.50
N ALA E 363 -0.15 25.58 -41.50
CA ALA E 363 0.48 24.83 -42.59
C ALA E 363 -0.17 25.15 -43.93
N ALA E 364 -1.49 25.28 -43.95
CA ALA E 364 -2.18 25.71 -45.17
C ALA E 364 -1.77 27.12 -45.55
N VAL E 365 -1.65 28.02 -44.58
CA VAL E 365 -1.26 29.40 -44.86
C VAL E 365 0.16 29.45 -45.41
N ASN E 366 1.08 28.70 -44.81
CA ASN E 366 2.47 28.70 -45.26
C ASN E 366 2.59 28.11 -46.67
N TYR E 367 1.87 27.02 -46.94
CA TYR E 367 1.96 26.39 -48.25
C TYR E 367 1.43 27.29 -49.35
N LEU E 368 0.28 27.93 -49.11
CA LEU E 368 -0.31 28.80 -50.14
C LEU E 368 0.57 30.01 -50.43
N THR E 369 1.21 30.55 -49.40
CA THR E 369 2.10 31.70 -49.59
C THR E 369 3.29 31.33 -50.48
N THR E 370 3.89 30.17 -50.24
CA THR E 370 5.02 29.73 -51.05
C THR E 370 4.61 29.51 -52.50
N VAL E 371 3.44 28.90 -52.71
CA VAL E 371 2.96 28.67 -54.08
C VAL E 371 2.74 29.99 -54.79
N GLN E 372 2.16 30.98 -54.11
CA GLN E 372 1.91 32.28 -54.73
C GLN E 372 3.21 32.96 -55.13
N GLU E 373 4.23 32.88 -54.27
CA GLU E 373 5.52 33.49 -54.58
C GLU E 373 6.14 32.88 -55.82
N ARG E 374 6.11 31.54 -55.92
CA ARG E 374 6.67 30.88 -57.10
C ARG E 374 5.88 31.21 -58.35
N LYS E 375 4.54 31.28 -58.24
CA LYS E 375 3.72 31.63 -59.40
C LYS E 375 4.03 33.03 -59.90
N GLU E 376 4.18 34.00 -58.98
CA GLU E 376 4.53 35.35 -59.39
C GLU E 376 5.96 35.42 -59.92
N GLN E 377 6.87 34.66 -59.31
CA GLN E 377 8.25 34.65 -59.78
C GLN E 377 8.36 34.09 -61.19
N LYS E 378 7.60 33.04 -61.50
CA LYS E 378 7.66 32.42 -62.82
C LYS E 378 7.09 33.31 -63.92
N LEU E 379 6.41 34.40 -63.57
CA LEU E 379 5.88 35.29 -64.60
C LEU E 379 6.99 36.05 -65.30
N ARG E 380 8.14 36.22 -64.66
CA ARG E 380 9.27 36.92 -65.26
C ARG E 380 10.18 35.95 -65.99
N ASP E 451 0.88 42.00 -45.51
CA ASP E 451 -0.55 41.98 -45.29
C ASP E 451 -0.98 40.72 -44.52
N THR E 452 -2.28 40.54 -44.37
CA THR E 452 -2.85 39.40 -43.65
C THR E 452 -3.55 38.49 -44.63
N HIS E 453 -3.24 37.19 -44.56
CA HIS E 453 -3.89 36.22 -45.42
C HIS E 453 -5.35 36.07 -45.04
N ALA E 454 -6.19 35.77 -46.04
CA ALA E 454 -7.62 35.66 -45.81
C ALA E 454 -7.96 34.57 -44.81
N ILE E 455 -7.16 33.50 -44.75
CA ILE E 455 -7.41 32.43 -43.80
C ILE E 455 -7.23 32.92 -42.37
N ASP E 456 -6.17 33.70 -42.13
CA ASP E 456 -5.94 34.26 -40.80
C ASP E 456 -7.04 35.24 -40.41
N LYS E 457 -7.51 36.04 -41.38
CA LYS E 457 -8.52 37.04 -41.08
C LYS E 457 -9.82 36.40 -40.61
N TYR E 458 -10.25 35.32 -41.28
CA TYR E 458 -11.48 34.65 -40.89
C TYR E 458 -11.33 33.77 -39.66
N SER E 459 -10.13 33.21 -39.43
CA SER E 459 -9.94 32.32 -38.29
C SER E 459 -10.07 33.07 -36.97
N ARG E 460 -9.77 34.36 -36.96
CA ARG E 460 -9.88 35.15 -35.73
C ARG E 460 -11.31 35.22 -35.24
N ILE E 461 -12.28 35.04 -36.13
CA ILE E 461 -13.69 35.13 -35.75
C ILE E 461 -14.32 33.75 -35.60
N ILE E 462 -14.02 32.83 -36.52
CA ILE E 462 -14.72 31.55 -36.53
C ILE E 462 -14.30 30.69 -35.34
N PHE E 463 -13.00 30.62 -35.05
CA PHE E 463 -12.53 29.77 -33.98
C PHE E 463 -13.10 30.15 -32.61
N PRO E 464 -13.06 31.41 -32.16
CA PRO E 464 -13.70 31.72 -30.88
C PRO E 464 -15.20 31.48 -30.87
N ALA E 465 -15.88 31.74 -32.00
CA ALA E 465 -17.33 31.57 -32.03
C ALA E 465 -17.73 30.11 -31.90
N ALA E 466 -16.99 29.21 -32.57
CA ALA E 466 -17.34 27.80 -32.51
C ALA E 466 -17.17 27.24 -31.10
N TYR E 467 -16.10 27.61 -30.41
CA TYR E 467 -15.84 27.09 -29.08
C TYR E 467 -16.88 27.59 -28.07
N ILE E 468 -17.32 28.83 -28.22
CA ILE E 468 -18.37 29.36 -27.34
C ILE E 468 -19.68 28.61 -27.56
N LEU E 469 -20.01 28.31 -28.82
CA LEU E 469 -21.23 27.55 -29.11
C LEU E 469 -21.16 26.15 -28.51
N PHE E 470 -19.98 25.53 -28.56
CA PHE E 470 -19.83 24.19 -27.98
C PHE E 470 -20.09 24.20 -26.49
N ASN E 471 -19.57 25.21 -25.77
CA ASN E 471 -19.78 25.28 -24.34
C ASN E 471 -21.25 25.50 -24.00
N LEU E 472 -21.95 26.31 -24.79
CA LEU E 472 -23.38 26.52 -24.56
C LEU E 472 -24.16 25.21 -24.66
N ILE E 473 -23.86 24.41 -25.68
CA ILE E 473 -24.56 23.14 -25.86
C ILE E 473 -24.12 22.14 -24.78
N TYR E 474 -22.83 22.09 -24.47
CA TYR E 474 -22.32 21.10 -23.53
C TYR E 474 -22.90 21.31 -22.14
N TRP E 475 -22.94 22.56 -21.67
CA TRP E 475 -23.44 22.83 -20.32
C TRP E 475 -24.97 22.84 -20.27
N SER E 476 -25.64 22.92 -21.41
CA SER E 476 -27.09 22.80 -21.43
C SER E 476 -27.55 21.35 -21.27
N ILE E 477 -26.76 20.39 -21.75
CA ILE E 477 -27.14 18.99 -21.65
C ILE E 477 -26.85 18.44 -20.25
N PHE E 478 -25.64 18.67 -19.75
CA PHE E 478 -25.23 18.14 -18.47
C PHE E 478 -25.55 19.08 -17.30
N SER E 479 -26.11 20.24 -17.58
CA SER E 479 -26.50 21.21 -16.55
C SER E 479 -25.33 21.56 -15.63
#